data_4I4Z
#
_entry.id   4I4Z
#
_cell.length_a   139.210
_cell.length_b   139.210
_cell.length_c   220.981
_cell.angle_alpha   90.00
_cell.angle_beta   90.00
_cell.angle_gamma   120.00
#
_symmetry.space_group_name_H-M   'P 32 2 1'
#
loop_
_entity.id
_entity.type
_entity.pdbx_description
1 polymer 'Naphthoate synthase'
2 non-polymer 'Salicylyl CoA'
3 non-polymer 'BICARBONATE ION'
4 non-polymer 'MALONATE ION'
5 water water
#
_entity_poly.entity_id   1
_entity_poly.type   'polypeptide(L)'
_entity_poly.pdbx_seq_one_letter_code
;MDWHIAKHYDDILYYKAGGIAKIVINRPHKRNAFRPQTVFELYDAFCNAREDNRIGVVLLTGAGPHSDGKYAFCSGGDQS
VRGEGGYIDDQGTPRLNVLDLQRLIRSMPKVVIALVAGYAIGGGHVLHLVCDLTIAADNAIFGQTGPKVGSFDGGFGSSY
LARIVGQKKAREIWYLCRQYSAQEAERMGMVNTVVPVDRLEEEGIQWAKEILSKSPLAIRCLKAAFNADCDGQAGLQELA
GNATLLYYMTEEGSEGKQAFLEKRPPDFSQYPWLP
;
_entity_poly.pdbx_strand_id   A,B,C,D,E,F,G,H,I
#
# COMPACT_ATOMS: atom_id res chain seq x y z
N MET A 1 -6.34 14.41 23.92
CA MET A 1 -5.37 14.08 22.88
C MET A 1 -4.94 15.36 22.19
N ASP A 2 -3.68 15.43 21.77
CA ASP A 2 -3.22 16.60 21.05
C ASP A 2 -3.31 16.39 19.55
N TRP A 3 -4.49 16.65 18.99
CA TRP A 3 -4.68 16.53 17.56
C TRP A 3 -3.99 17.71 16.87
N HIS A 4 -3.23 17.44 15.82
CA HIS A 4 -2.66 18.48 14.98
C HIS A 4 -3.17 18.26 13.57
N ILE A 5 -3.62 19.34 12.94
CA ILE A 5 -4.06 19.30 11.56
C ILE A 5 -2.92 18.76 10.69
N ALA A 6 -3.27 17.89 9.73
CA ALA A 6 -2.26 17.19 8.91
C ALA A 6 -2.26 17.68 7.46
N LYS A 7 -3.40 18.19 7.03
CA LYS A 7 -3.54 18.78 5.69
C LYS A 7 -4.86 19.53 5.66
N HIS A 8 -4.93 20.58 4.85
CA HIS A 8 -6.13 21.41 4.85
C HIS A 8 -7.05 21.04 3.68
N TYR A 9 -8.35 21.01 3.97
CA TYR A 9 -9.34 20.68 2.96
C TYR A 9 -10.50 21.66 3.10
N ASP A 10 -11.39 21.69 2.11
CA ASP A 10 -12.57 22.54 2.15
C ASP A 10 -13.75 21.90 2.90
N ASP A 11 -13.93 20.59 2.70
CA ASP A 11 -15.14 19.92 3.18
C ASP A 11 -14.91 19.04 4.41
N ILE A 12 -13.66 18.86 4.82
CA ILE A 12 -13.36 17.98 5.95
C ILE A 12 -12.23 18.53 6.80
N LEU A 13 -11.99 17.90 7.94
CA LEU A 13 -10.86 18.22 8.80
C LEU A 13 -10.07 16.92 9.04
N TYR A 14 -8.75 17.04 9.11
CA TYR A 14 -7.88 15.86 9.19
C TYR A 14 -6.75 16.09 10.19
N TYR A 15 -6.72 15.24 11.21
CA TYR A 15 -5.74 15.39 12.30
C TYR A 15 -5.00 14.10 12.54
N LYS A 16 -3.87 14.20 13.21
CA LYS A 16 -3.11 13.03 13.65
C LYS A 16 -2.64 13.25 15.08
N ALA A 17 -2.55 12.15 15.82
CA ALA A 17 -1.99 12.17 17.17
C ALA A 17 -1.58 10.76 17.55
N GLY A 18 -0.29 10.57 17.81
CA GLY A 18 0.23 9.23 18.05
C GLY A 18 -0.01 8.34 16.85
N GLY A 19 -0.53 7.15 17.09
CA GLY A 19 -0.80 6.22 16.01
C GLY A 19 -2.19 6.35 15.44
N ILE A 20 -2.87 7.43 15.82
CA ILE A 20 -4.26 7.66 15.43
C ILE A 20 -4.39 8.86 14.49
N ALA A 21 -5.18 8.67 13.43
CA ALA A 21 -5.61 9.77 12.58
C ALA A 21 -7.11 9.96 12.80
N LYS A 22 -7.57 11.19 12.69
CA LYS A 22 -8.99 11.50 12.85
C LYS A 22 -9.49 12.28 11.64
N ILE A 23 -10.52 11.75 10.99
CA ILE A 23 -11.08 12.39 9.81
C ILE A 23 -12.50 12.82 10.11
N VAL A 24 -12.77 14.11 9.92
CA VAL A 24 -14.05 14.71 10.28
C VAL A 24 -14.75 15.31 9.06
N ILE A 25 -15.96 14.81 8.78
CA ILE A 25 -16.78 15.38 7.72
C ILE A 25 -17.36 16.70 8.20
N ASN A 26 -17.15 17.76 7.43
CA ASN A 26 -17.46 19.10 7.91
C ASN A 26 -18.41 19.92 7.04
N ARG A 27 -19.61 19.41 6.83
CA ARG A 27 -20.66 20.18 6.16
C ARG A 27 -21.94 20.08 6.98
N PRO A 28 -21.88 20.57 8.22
CA PRO A 28 -23.00 20.40 9.17
C PRO A 28 -24.29 21.07 8.71
N HIS A 29 -24.22 22.03 7.79
CA HIS A 29 -25.42 22.67 7.27
C HIS A 29 -26.19 21.73 6.35
N LYS A 30 -25.56 20.61 6.00
CA LYS A 30 -26.22 19.58 5.20
C LYS A 30 -26.27 18.27 5.97
N ARG A 31 -26.22 18.35 7.30
CA ARG A 31 -26.14 17.15 8.11
C ARG A 31 -24.97 16.31 7.60
N ASN A 32 -23.91 17.00 7.19
CA ASN A 32 -22.67 16.37 6.72
C ASN A 32 -22.82 15.46 5.49
N ALA A 33 -23.71 15.85 4.58
CA ALA A 33 -23.82 15.18 3.30
C ALA A 33 -22.53 15.37 2.54
N PHE A 34 -22.15 14.37 1.75
CA PHE A 34 -20.95 14.50 0.94
C PHE A 34 -21.28 14.88 -0.51
N ARG A 35 -20.57 15.87 -1.02
CA ARG A 35 -20.59 16.17 -2.45
C ARG A 35 -19.34 15.56 -3.06
N PRO A 36 -19.24 15.52 -4.40
CA PRO A 36 -18.08 14.87 -4.98
C PRO A 36 -16.76 15.39 -4.41
N GLN A 37 -16.64 16.68 -4.14
CA GLN A 37 -15.40 17.18 -3.55
C GLN A 37 -15.15 16.57 -2.17
N THR A 38 -16.22 16.41 -1.39
CA THR A 38 -16.10 15.81 -0.07
C THR A 38 -15.50 14.40 -0.19
N VAL A 39 -15.99 13.64 -1.17
CA VAL A 39 -15.49 12.29 -1.37
C VAL A 39 -14.02 12.34 -1.80
N PHE A 40 -13.68 13.25 -2.71
CA PHE A 40 -12.29 13.41 -3.14
C PHE A 40 -11.35 13.68 -1.97
N GLU A 41 -11.77 14.58 -1.07
CA GLU A 41 -10.96 14.93 0.08
C GLU A 41 -10.87 13.78 1.09
N LEU A 42 -12.00 13.11 1.34
CA LEU A 42 -11.99 11.94 2.21
C LEU A 42 -11.04 10.90 1.70
N TYR A 43 -11.13 10.64 0.40
CA TYR A 43 -10.26 9.67 -0.25
C TYR A 43 -8.80 10.03 -0.07
N ASP A 44 -8.49 11.31 -0.29
CA ASP A 44 -7.13 11.79 -0.14
C ASP A 44 -6.66 11.58 1.30
N ALA A 45 -7.51 11.90 2.26
CA ALA A 45 -7.15 11.81 3.67
C ALA A 45 -6.90 10.37 4.10
N PHE A 46 -7.78 9.46 3.69
CA PHE A 46 -7.55 8.05 3.97
C PHE A 46 -6.26 7.53 3.31
N CYS A 47 -5.97 7.96 2.09
CA CYS A 47 -4.72 7.58 1.42
C CYS A 47 -3.50 8.04 2.20
N ASN A 48 -3.53 9.29 2.64
CA ASN A 48 -2.48 9.81 3.51
C ASN A 48 -2.30 8.94 4.76
N ALA A 49 -3.40 8.62 5.44
CA ALA A 49 -3.34 7.75 6.61
C ALA A 49 -2.74 6.39 6.28
N ARG A 50 -3.13 5.85 5.13
CA ARG A 50 -2.65 4.55 4.68
C ARG A 50 -1.14 4.57 4.49
N GLU A 51 -0.63 5.70 3.98
CA GLU A 51 0.78 5.83 3.64
C GLU A 51 1.69 6.13 4.82
N ASP A 52 1.09 6.52 5.94
CA ASP A 52 1.85 6.92 7.11
C ASP A 52 2.15 5.73 8.03
N ASN A 53 3.41 5.30 8.06
CA ASN A 53 3.82 4.11 8.81
C ASN A 53 3.55 4.18 10.31
N ARG A 54 3.26 5.38 10.79
CA ARG A 54 3.04 5.60 12.21
C ARG A 54 1.57 5.43 12.59
N ILE A 55 0.70 5.54 11.59
CA ILE A 55 -0.74 5.47 11.82
C ILE A 55 -1.27 4.05 11.73
N GLY A 56 -1.91 3.58 12.80
CA GLY A 56 -2.49 2.25 12.80
C GLY A 56 -4.01 2.22 12.79
N VAL A 57 -4.62 3.32 13.22
CA VAL A 57 -6.07 3.39 13.39
C VAL A 57 -6.58 4.75 12.91
N VAL A 58 -7.72 4.74 12.22
CA VAL A 58 -8.34 5.99 11.78
C VAL A 58 -9.71 6.10 12.41
N LEU A 59 -10.00 7.24 13.05
CA LEU A 59 -11.35 7.54 13.54
C LEU A 59 -12.07 8.41 12.51
N LEU A 60 -13.25 7.99 12.09
CA LEU A 60 -14.06 8.77 11.15
C LEU A 60 -15.29 9.26 11.89
N THR A 61 -15.57 10.56 11.78
CA THR A 61 -16.69 11.12 12.51
C THR A 61 -17.20 12.36 11.79
N GLY A 62 -18.29 12.93 12.27
CA GLY A 62 -18.87 14.11 11.66
C GLY A 62 -18.76 15.32 12.56
N ALA A 63 -18.69 16.51 11.94
CA ALA A 63 -18.62 17.74 12.71
C ALA A 63 -19.95 18.04 13.41
N GLY A 64 -19.87 18.46 14.67
CA GLY A 64 -21.06 18.82 15.42
C GLY A 64 -20.71 19.16 16.85
N PRO A 65 -21.69 19.66 17.62
CA PRO A 65 -23.05 19.86 17.10
C PRO A 65 -23.16 21.11 16.23
N HIS A 66 -24.19 21.15 15.39
CA HIS A 66 -24.44 22.28 14.51
C HIS A 66 -25.17 23.39 15.26
N SER A 67 -25.37 24.52 14.60
CA SER A 67 -26.00 25.69 15.22
C SER A 67 -27.40 25.38 15.75
N ASP A 68 -28.02 24.34 15.21
CA ASP A 68 -29.34 23.91 15.64
C ASP A 68 -29.30 22.89 16.79
N GLY A 69 -28.11 22.67 17.35
CA GLY A 69 -27.97 21.70 18.43
C GLY A 69 -27.88 20.25 17.98
N LYS A 70 -28.00 19.99 16.68
CA LYS A 70 -28.04 18.59 16.21
C LYS A 70 -26.68 18.00 15.86
N TYR A 71 -26.54 16.69 16.07
CA TYR A 71 -25.31 15.98 15.74
C TYR A 71 -25.50 15.19 14.45
N ALA A 72 -24.44 15.00 13.69
CA ALA A 72 -24.52 14.16 12.50
C ALA A 72 -23.18 13.58 12.11
N PHE A 73 -23.18 12.28 11.84
CA PHE A 73 -22.04 11.58 11.27
C PHE A 73 -21.98 11.90 9.79
N CYS A 74 -23.07 11.59 9.09
CA CYS A 74 -23.14 11.83 7.65
C CYS A 74 -24.52 11.49 7.11
N SER A 75 -25.07 12.36 6.26
CA SER A 75 -26.40 12.15 5.72
C SER A 75 -26.41 11.62 4.27
N GLY A 76 -25.26 11.15 3.80
CA GLY A 76 -25.16 10.54 2.49
C GLY A 76 -24.90 11.52 1.36
N GLY A 77 -25.27 11.13 0.14
CA GLY A 77 -25.03 11.97 -1.03
C GLY A 77 -25.82 13.27 -0.99
N ASP A 78 -25.14 14.37 -1.30
CA ASP A 78 -25.76 15.69 -1.33
C ASP A 78 -26.80 15.81 -2.46
N GLN A 79 -28.08 15.78 -2.13
CA GLN A 79 -29.10 15.77 -3.17
C GLN A 79 -29.14 17.07 -3.97
N SER A 80 -28.55 18.13 -3.41
CA SER A 80 -28.58 19.43 -4.08
C SER A 80 -27.64 19.49 -5.29
N VAL A 81 -26.74 18.54 -5.41
CA VAL A 81 -25.86 18.50 -6.59
C VAL A 81 -26.08 17.24 -7.43
N ARG A 82 -27.13 16.50 -7.12
CA ARG A 82 -27.48 15.27 -7.83
C ARG A 82 -28.08 15.61 -9.20
N GLY A 83 -27.52 15.02 -10.26
CA GLY A 83 -28.03 15.23 -11.61
C GLY A 83 -28.18 13.92 -12.36
N GLU A 84 -28.15 13.97 -13.69
CA GLU A 84 -28.40 12.75 -14.45
C GLU A 84 -27.24 11.76 -14.35
N GLY A 85 -27.52 10.59 -13.76
CA GLY A 85 -26.54 9.52 -13.66
C GLY A 85 -25.56 9.58 -12.49
N GLY A 86 -25.71 10.56 -11.59
CA GLY A 86 -24.82 10.67 -10.44
C GLY A 86 -24.77 12.06 -9.83
N TYR A 87 -23.81 12.28 -8.95
CA TYR A 87 -23.61 13.59 -8.30
C TYR A 87 -22.62 14.44 -9.12
N ILE A 88 -23.08 15.61 -9.55
CA ILE A 88 -22.33 16.42 -10.51
C ILE A 88 -21.19 17.19 -9.85
N ASP A 89 -19.95 16.91 -10.26
CA ASP A 89 -18.82 17.64 -9.71
C ASP A 89 -18.64 19.02 -10.37
N ASP A 90 -17.62 19.75 -9.94
CA ASP A 90 -17.41 21.11 -10.42
C ASP A 90 -16.94 21.17 -11.87
N GLN A 91 -16.65 20.01 -12.47
CA GLN A 91 -16.28 19.95 -13.88
C GLN A 91 -17.45 19.47 -14.76
N GLY A 92 -18.60 19.23 -14.13
CA GLY A 92 -19.81 18.81 -14.83
C GLY A 92 -19.94 17.30 -14.99
N THR A 93 -19.02 16.56 -14.41
CA THR A 93 -19.03 15.10 -14.50
C THR A 93 -19.87 14.49 -13.40
N PRO A 94 -20.85 13.64 -13.79
CA PRO A 94 -21.65 12.89 -12.81
C PRO A 94 -20.80 11.81 -12.15
N ARG A 95 -20.89 11.69 -10.82
CA ARG A 95 -20.04 10.75 -10.10
C ARG A 95 -20.76 9.91 -9.07
N LEU A 96 -20.22 8.72 -8.85
CA LEU A 96 -20.63 7.88 -7.73
C LEU A 96 -19.36 7.45 -7.01
N ASN A 97 -18.49 8.43 -6.78
CA ASN A 97 -17.16 8.15 -6.27
C ASN A 97 -17.10 7.70 -4.81
N VAL A 98 -18.21 7.74 -4.10
CA VAL A 98 -18.24 7.16 -2.76
C VAL A 98 -17.95 5.67 -2.85
N LEU A 99 -18.24 5.09 -4.01
CA LEU A 99 -17.92 3.68 -4.23
C LEU A 99 -16.41 3.43 -4.14
N ASP A 100 -15.61 4.35 -4.67
CA ASP A 100 -14.15 4.25 -4.56
C ASP A 100 -13.72 4.42 -3.10
N LEU A 101 -14.38 5.33 -2.39
CA LEU A 101 -14.09 5.55 -0.98
C LEU A 101 -14.41 4.33 -0.12
N GLN A 102 -15.55 3.71 -0.39
CA GLN A 102 -15.94 2.46 0.28
C GLN A 102 -14.83 1.43 0.14
N ARG A 103 -14.34 1.27 -1.09
CA ARG A 103 -13.29 0.29 -1.35
C ARG A 103 -11.98 0.58 -0.61
N LEU A 104 -11.60 1.86 -0.56
CA LEU A 104 -10.37 2.25 0.14
C LEU A 104 -10.44 1.96 1.64
N ILE A 105 -11.53 2.39 2.27
CA ILE A 105 -11.72 2.12 3.70
C ILE A 105 -11.71 0.61 3.98
N ARG A 106 -12.39 -0.13 3.14
CA ARG A 106 -12.54 -1.58 3.29
C ARG A 106 -11.22 -2.35 3.14
N SER A 107 -10.38 -1.92 2.20
CA SER A 107 -9.15 -2.67 1.88
C SER A 107 -7.87 -2.19 2.58
N MET A 108 -7.81 -0.91 2.94
CA MET A 108 -6.59 -0.40 3.56
C MET A 108 -6.26 -1.19 4.85
N PRO A 109 -4.98 -1.55 5.01
CA PRO A 109 -4.58 -2.40 6.14
C PRO A 109 -4.40 -1.63 7.44
N LYS A 110 -5.33 -0.73 7.75
CA LYS A 110 -5.42 -0.07 9.05
C LYS A 110 -6.88 -0.17 9.53
N VAL A 111 -7.07 -0.25 10.84
CA VAL A 111 -8.43 -0.32 11.36
C VAL A 111 -9.11 1.03 11.32
N VAL A 112 -10.31 1.08 10.75
CA VAL A 112 -11.09 2.31 10.71
C VAL A 112 -12.29 2.20 11.63
N ILE A 113 -12.46 3.15 12.53
CA ILE A 113 -13.59 3.12 13.47
C ILE A 113 -14.51 4.30 13.20
N ALA A 114 -15.77 4.01 12.88
CA ALA A 114 -16.78 5.07 12.74
C ALA A 114 -17.24 5.51 14.13
N LEU A 115 -17.16 6.81 14.41
CA LEU A 115 -17.69 7.36 15.66
C LEU A 115 -18.96 8.13 15.36
N VAL A 116 -20.10 7.53 15.66
CA VAL A 116 -21.37 8.09 15.23
C VAL A 116 -22.11 8.80 16.35
N ALA A 117 -22.22 10.12 16.23
CA ALA A 117 -23.11 10.91 17.05
C ALA A 117 -24.19 11.43 16.13
N GLY A 118 -25.45 11.36 16.54
CA GLY A 118 -26.51 11.81 15.68
C GLY A 118 -26.66 10.96 14.43
N TYR A 119 -27.00 11.61 13.32
CA TYR A 119 -27.45 10.89 12.12
C TYR A 119 -26.35 10.23 11.29
N ALA A 120 -26.52 8.93 11.09
CA ALA A 120 -25.78 8.20 10.07
C ALA A 120 -26.86 7.64 9.16
N ILE A 121 -27.12 8.36 8.07
CA ILE A 121 -28.29 8.13 7.23
C ILE A 121 -27.92 7.96 5.76
N GLY A 122 -28.58 7.02 5.09
CA GLY A 122 -28.36 6.80 3.68
C GLY A 122 -26.94 6.40 3.36
N GLY A 123 -26.33 7.10 2.39
CA GLY A 123 -24.93 6.89 2.05
C GLY A 123 -24.03 7.06 3.27
N GLY A 124 -24.48 7.88 4.22
CA GLY A 124 -23.77 8.05 5.47
C GLY A 124 -23.86 6.80 6.34
N HIS A 125 -25.00 6.11 6.26
CA HIS A 125 -25.12 4.84 6.97
C HIS A 125 -24.19 3.78 6.37
N VAL A 126 -24.10 3.74 5.06
CA VAL A 126 -23.22 2.76 4.43
C VAL A 126 -21.76 3.00 4.80
N LEU A 127 -21.36 4.27 4.91
CA LEU A 127 -20.00 4.59 5.36
C LEU A 127 -19.69 4.01 6.73
N HIS A 128 -20.63 4.12 7.65
CA HIS A 128 -20.44 3.55 8.99
C HIS A 128 -20.28 2.04 8.91
N LEU A 129 -21.08 1.40 8.06
CA LEU A 129 -21.05 -0.05 7.88
C LEU A 129 -19.72 -0.57 7.36
N VAL A 130 -19.14 0.11 6.38
CA VAL A 130 -17.90 -0.38 5.78
C VAL A 130 -16.68 -0.10 6.64
N CYS A 131 -16.77 0.83 7.58
CA CYS A 131 -15.72 0.95 8.59
C CYS A 131 -15.65 -0.37 9.37
N ASP A 132 -14.44 -0.78 9.76
CA ASP A 132 -14.25 -2.03 10.52
C ASP A 132 -15.17 -2.12 11.71
N LEU A 133 -15.21 -1.04 12.50
CA LEU A 133 -15.96 -1.01 13.76
C LEU A 133 -16.81 0.27 13.85
N THR A 134 -17.83 0.24 14.70
CA THR A 134 -18.61 1.42 14.95
C THR A 134 -18.85 1.62 16.43
N ILE A 135 -18.48 2.79 16.94
CA ILE A 135 -18.81 3.18 18.30
C ILE A 135 -19.85 4.27 18.17
N ALA A 136 -20.97 4.12 18.89
CA ALA A 136 -22.07 5.08 18.80
C ALA A 136 -22.24 5.87 20.08
N ALA A 137 -22.63 7.14 19.93
CA ALA A 137 -23.12 7.94 21.03
C ALA A 137 -24.58 7.55 21.29
N ASP A 138 -25.07 7.81 22.51
CA ASP A 138 -26.44 7.46 22.89
C ASP A 138 -27.49 8.17 22.05
N ASN A 139 -27.10 9.28 21.44
CA ASN A 139 -28.02 10.05 20.62
C ASN A 139 -27.98 9.69 19.13
N ALA A 140 -27.24 8.64 18.80
CA ALA A 140 -27.08 8.25 17.40
C ALA A 140 -28.36 7.71 16.75
N ILE A 141 -28.56 8.05 15.48
CA ILE A 141 -29.72 7.60 14.71
C ILE A 141 -29.27 7.02 13.37
N PHE A 142 -29.64 5.76 13.13
CA PHE A 142 -29.19 5.01 11.94
C PHE A 142 -30.36 4.73 11.00
N GLY A 143 -30.11 4.69 9.70
CA GLY A 143 -31.13 4.28 8.75
C GLY A 143 -30.73 4.46 7.30
N GLN A 144 -31.47 3.81 6.40
CA GLN A 144 -31.33 4.01 4.96
C GLN A 144 -32.54 4.81 4.48
N THR A 145 -32.43 5.44 3.32
CA THR A 145 -33.50 6.30 2.76
C THR A 145 -33.73 6.09 1.25
N GLY A 146 -32.88 5.30 0.63
CA GLY A 146 -32.89 5.11 -0.80
C GLY A 146 -34.26 5.06 -1.46
N PRO A 147 -35.05 4.04 -1.13
CA PRO A 147 -36.35 3.87 -1.80
C PRO A 147 -37.29 5.06 -1.63
N LYS A 148 -37.03 5.91 -0.64
CA LYS A 148 -37.83 7.12 -0.45
C LYS A 148 -37.30 8.27 -1.29
N VAL A 149 -35.98 8.37 -1.41
CA VAL A 149 -35.38 9.49 -2.11
C VAL A 149 -34.88 9.14 -3.52
N GLY A 150 -35.27 7.98 -4.03
CA GLY A 150 -34.92 7.59 -5.40
C GLY A 150 -33.47 7.19 -5.54
N SER A 151 -33.02 6.34 -4.62
CA SER A 151 -31.67 5.79 -4.68
C SER A 151 -31.62 4.43 -4.04
N PHE A 152 -30.48 3.75 -4.19
CA PHE A 152 -30.20 2.51 -3.47
C PHE A 152 -28.70 2.18 -3.53
N ASP A 153 -28.21 1.47 -2.53
CA ASP A 153 -26.85 0.95 -2.57
C ASP A 153 -27.00 -0.57 -2.50
N GLY A 154 -26.92 -1.22 -3.66
CA GLY A 154 -27.09 -2.66 -3.74
C GLY A 154 -25.78 -3.40 -3.68
N GLY A 155 -24.72 -2.68 -3.32
CA GLY A 155 -23.40 -3.30 -3.17
C GLY A 155 -23.13 -3.61 -1.73
N PHE A 156 -22.13 -2.95 -1.14
CA PHE A 156 -21.86 -3.17 0.28
C PHE A 156 -23.02 -2.72 1.15
N GLY A 157 -23.84 -1.79 0.65
CA GLY A 157 -24.99 -1.32 1.41
C GLY A 157 -26.00 -2.40 1.72
N SER A 158 -26.06 -3.41 0.87
CA SER A 158 -27.03 -4.50 1.02
C SER A 158 -26.36 -5.78 1.52
N SER A 159 -25.55 -6.39 0.67
CA SER A 159 -24.87 -7.63 1.02
C SER A 159 -24.04 -7.51 2.30
N TYR A 160 -23.22 -6.48 2.41
CA TYR A 160 -22.36 -6.38 3.59
C TYR A 160 -23.18 -6.09 4.86
N LEU A 161 -24.25 -5.31 4.73
CA LEU A 161 -25.18 -5.13 5.87
C LEU A 161 -25.76 -6.46 6.34
N ALA A 162 -26.14 -7.30 5.38
CA ALA A 162 -26.66 -8.63 5.71
C ALA A 162 -25.64 -9.51 6.43
N ARG A 163 -24.34 -9.32 6.14
CA ARG A 163 -23.30 -10.08 6.83
C ARG A 163 -23.11 -9.53 8.25
N ILE A 164 -23.83 -8.47 8.59
CA ILE A 164 -23.69 -7.88 9.91
C ILE A 164 -24.91 -8.13 10.78
N VAL A 165 -26.09 -7.80 10.25
CA VAL A 165 -27.33 -7.89 11.05
C VAL A 165 -28.25 -9.05 10.62
N GLY A 166 -27.84 -9.78 9.59
CA GLY A 166 -28.63 -10.87 9.03
C GLY A 166 -29.61 -10.39 7.97
N GLN A 167 -30.08 -11.30 7.13
CA GLN A 167 -30.92 -10.95 5.99
C GLN A 167 -32.28 -10.32 6.37
N LYS A 168 -32.93 -10.81 7.42
CA LYS A 168 -34.24 -10.28 7.80
C LYS A 168 -34.16 -8.80 8.17
N LYS A 169 -33.22 -8.46 9.05
CA LYS A 169 -33.08 -7.10 9.52
C LYS A 169 -32.54 -6.16 8.42
N ALA A 170 -31.64 -6.67 7.58
CA ALA A 170 -31.09 -5.84 6.51
C ALA A 170 -32.19 -5.43 5.54
N ARG A 171 -33.09 -6.36 5.22
CA ARG A 171 -34.18 -6.06 4.30
C ARG A 171 -35.15 -5.05 4.90
N GLU A 172 -35.44 -5.22 6.18
CA GLU A 172 -36.31 -4.28 6.90
C GLU A 172 -35.75 -2.86 6.82
N ILE A 173 -34.48 -2.72 7.15
CA ILE A 173 -33.80 -1.43 7.11
C ILE A 173 -33.98 -0.74 5.76
N TRP A 174 -33.78 -1.47 4.66
CA TRP A 174 -33.84 -0.86 3.34
C TRP A 174 -35.26 -0.64 2.81
N TYR A 175 -36.17 -1.57 3.06
CA TYR A 175 -37.50 -1.50 2.48
C TYR A 175 -38.36 -0.42 3.12
N LEU A 176 -38.26 -0.30 4.44
CA LEU A 176 -39.12 0.63 5.18
C LEU A 176 -38.50 2.01 5.41
N CYS A 177 -37.17 2.09 5.35
CA CYS A 177 -36.48 3.37 5.55
C CYS A 177 -36.81 4.00 6.89
N ARG A 178 -36.93 3.19 7.93
CA ARG A 178 -37.14 3.72 9.28
C ARG A 178 -35.82 4.20 9.90
N GLN A 179 -35.90 4.74 11.10
CA GLN A 179 -34.74 5.16 11.87
C GLN A 179 -34.54 4.25 13.09
N TYR A 180 -33.29 4.03 13.45
CA TYR A 180 -32.94 3.15 14.55
C TYR A 180 -32.07 3.86 15.59
N SER A 181 -32.34 3.60 16.86
CA SER A 181 -31.57 4.19 17.96
C SER A 181 -30.21 3.52 18.09
N ALA A 182 -29.31 4.12 18.86
CA ALA A 182 -28.00 3.51 19.12
C ALA A 182 -28.16 2.14 19.76
N GLN A 183 -29.06 2.04 20.73
CA GLN A 183 -29.31 0.77 21.41
C GLN A 183 -29.87 -0.30 20.45
N GLU A 184 -30.82 0.10 19.61
CA GLU A 184 -31.36 -0.82 18.60
C GLU A 184 -30.26 -1.27 17.65
N ALA A 185 -29.42 -0.33 17.24
CA ALA A 185 -28.31 -0.62 16.34
C ALA A 185 -27.30 -1.58 16.95
N GLU A 186 -27.01 -1.42 18.25
CA GLU A 186 -26.11 -2.35 18.91
C GLU A 186 -26.76 -3.73 19.06
N ARG A 187 -28.04 -3.74 19.42
CA ARG A 187 -28.74 -5.01 19.64
C ARG A 187 -28.80 -5.83 18.36
N MET A 188 -28.92 -5.17 17.22
CA MET A 188 -28.98 -5.89 15.93
C MET A 188 -27.61 -6.31 15.41
N GLY A 189 -26.55 -5.79 16.02
CA GLY A 189 -25.21 -6.29 15.72
C GLY A 189 -24.32 -5.38 14.89
N MET A 190 -24.81 -4.19 14.56
CA MET A 190 -24.06 -3.31 13.65
C MET A 190 -23.29 -2.17 14.33
N VAL A 191 -23.43 -2.07 15.65
CA VAL A 191 -22.73 -1.10 16.47
C VAL A 191 -21.98 -1.87 17.56
N ASN A 192 -20.68 -1.61 17.71
CA ASN A 192 -19.90 -2.40 18.65
C ASN A 192 -20.11 -2.04 20.12
N THR A 193 -20.27 -0.75 20.38
CA THR A 193 -20.62 -0.30 21.72
C THR A 193 -21.23 1.08 21.68
N VAL A 194 -21.91 1.45 22.76
CA VAL A 194 -22.61 2.72 22.87
C VAL A 194 -22.18 3.43 24.15
N VAL A 195 -21.91 4.72 24.03
CA VAL A 195 -21.51 5.51 25.18
C VAL A 195 -22.18 6.88 25.12
N PRO A 196 -22.17 7.62 26.24
CA PRO A 196 -22.76 8.97 26.23
C PRO A 196 -22.04 9.87 25.23
N VAL A 197 -22.73 10.87 24.70
CA VAL A 197 -22.16 11.75 23.68
C VAL A 197 -20.80 12.33 24.07
N ASP A 198 -20.69 12.74 25.32
CA ASP A 198 -19.48 13.43 25.77
C ASP A 198 -18.33 12.46 25.98
N ARG A 199 -18.61 11.18 25.81
CA ARG A 199 -17.58 10.16 25.97
C ARG A 199 -17.18 9.55 24.62
N LEU A 200 -17.82 10.00 23.55
CA LEU A 200 -17.63 9.37 22.23
C LEU A 200 -16.18 9.36 21.73
N GLU A 201 -15.55 10.53 21.67
CA GLU A 201 -14.18 10.58 21.18
C GLU A 201 -13.20 9.80 22.09
N GLU A 202 -13.38 9.92 23.40
CA GLU A 202 -12.48 9.23 24.32
C GLU A 202 -12.60 7.71 24.23
N GLU A 203 -13.81 7.21 23.97
CA GLU A 203 -13.99 5.78 23.75
C GLU A 203 -13.25 5.35 22.48
N GLY A 204 -13.39 6.18 21.44
CA GLY A 204 -12.70 5.92 20.19
C GLY A 204 -11.20 5.83 20.39
N ILE A 205 -10.67 6.77 21.15
CA ILE A 205 -9.24 6.77 21.45
C ILE A 205 -8.82 5.53 22.25
N GLN A 206 -9.61 5.13 23.25
CA GLN A 206 -9.28 3.94 24.03
C GLN A 206 -9.25 2.67 23.16
N TRP A 207 -10.24 2.51 22.28
CA TRP A 207 -10.28 1.36 21.37
C TRP A 207 -9.09 1.39 20.41
N ALA A 208 -8.79 2.57 19.88
CA ALA A 208 -7.63 2.74 18.99
C ALA A 208 -6.34 2.29 19.68
N LYS A 209 -6.20 2.68 20.95
CA LYS A 209 -5.00 2.35 21.72
C LYS A 209 -4.84 0.85 21.97
N GLU A 210 -5.95 0.17 22.18
CA GLU A 210 -5.93 -1.29 22.39
C GLU A 210 -5.50 -2.04 21.13
N ILE A 211 -5.83 -1.47 19.98
CA ILE A 211 -5.37 -2.01 18.69
C ILE A 211 -3.92 -1.63 18.43
N LEU A 212 -3.54 -0.41 18.80
CA LEU A 212 -2.20 0.08 18.55
C LEU A 212 -1.13 -0.68 19.31
N SER A 213 -1.54 -1.39 20.37
CA SER A 213 -0.61 -2.20 21.13
C SER A 213 -0.45 -3.60 20.56
N LYS A 214 -1.11 -3.86 19.43
CA LYS A 214 -1.07 -5.18 18.83
C LYS A 214 -0.09 -5.23 17.67
N SER A 215 0.17 -6.44 17.15
CA SER A 215 1.07 -6.62 16.01
C SER A 215 0.42 -6.14 14.70
N PRO A 216 1.06 -5.16 14.04
CA PRO A 216 0.52 -4.64 12.77
C PRO A 216 0.35 -5.72 11.71
N LEU A 217 1.25 -6.69 11.67
CA LEU A 217 1.16 -7.77 10.70
C LEU A 217 -0.05 -8.66 10.95
N ALA A 218 -0.28 -8.98 12.21
CA ALA A 218 -1.43 -9.82 12.57
C ALA A 218 -2.71 -9.10 12.20
N ILE A 219 -2.78 -7.81 12.51
CA ILE A 219 -3.97 -7.03 12.24
C ILE A 219 -4.30 -6.97 10.75
N ARG A 220 -3.29 -6.70 9.92
CA ARG A 220 -3.55 -6.60 8.48
C ARG A 220 -4.01 -7.94 7.89
N CYS A 221 -3.43 -9.02 8.39
CA CYS A 221 -3.82 -10.35 7.90
C CYS A 221 -5.27 -10.67 8.27
N LEU A 222 -5.65 -10.29 9.48
CA LEU A 222 -7.02 -10.50 9.92
C LEU A 222 -8.03 -9.68 9.10
N LYS A 223 -7.73 -8.42 8.87
CA LYS A 223 -8.62 -7.58 8.08
C LYS A 223 -8.79 -8.18 6.68
N ALA A 224 -7.69 -8.62 6.08
CA ALA A 224 -7.79 -9.25 4.78
C ALA A 224 -8.62 -10.51 4.86
N ALA A 225 -8.42 -11.29 5.93
CA ALA A 225 -9.17 -12.54 6.12
C ALA A 225 -10.66 -12.30 6.23
N PHE A 226 -11.03 -11.23 6.94
CA PHE A 226 -12.44 -10.88 7.05
C PHE A 226 -13.03 -10.47 5.70
N ASN A 227 -12.31 -9.63 4.96
CA ASN A 227 -12.72 -9.27 3.60
C ASN A 227 -12.85 -10.50 2.71
N ALA A 228 -11.98 -11.48 2.96
CA ALA A 228 -11.94 -12.68 2.14
C ALA A 228 -13.21 -13.50 2.22
N ASP A 229 -13.97 -13.36 3.30
CA ASP A 229 -15.24 -14.05 3.41
C ASP A 229 -16.31 -13.41 2.56
N CYS A 230 -16.01 -12.22 2.05
CA CYS A 230 -17.00 -11.45 1.31
C CYS A 230 -16.64 -11.20 -0.15
N ASP A 231 -15.35 -10.99 -0.45
CA ASP A 231 -14.98 -10.35 -1.72
C ASP A 231 -14.34 -11.28 -2.75
N GLY A 232 -14.66 -12.57 -2.64
CA GLY A 232 -14.18 -13.53 -3.63
C GLY A 232 -12.72 -13.34 -3.97
N GLN A 233 -12.41 -13.27 -5.26
CA GLN A 233 -11.02 -13.19 -5.69
C GLN A 233 -10.34 -11.90 -5.24
N ALA A 234 -11.11 -10.82 -5.11
CA ALA A 234 -10.52 -9.58 -4.60
C ALA A 234 -10.06 -9.78 -3.16
N GLY A 235 -10.86 -10.50 -2.40
CA GLY A 235 -10.48 -10.87 -1.04
C GLY A 235 -9.28 -11.80 -1.01
N LEU A 236 -9.26 -12.77 -1.93
CA LEU A 236 -8.11 -13.65 -2.04
C LEU A 236 -6.86 -12.83 -2.34
N GLN A 237 -7.01 -11.82 -3.17
CA GLN A 237 -5.88 -10.95 -3.52
C GLN A 237 -5.24 -10.31 -2.29
N GLU A 238 -6.08 -9.83 -1.36
CA GLU A 238 -5.60 -9.18 -0.15
C GLU A 238 -4.96 -10.20 0.80
N LEU A 239 -5.62 -11.34 0.98
CA LEU A 239 -5.08 -12.36 1.90
C LEU A 239 -3.81 -12.98 1.35
N ALA A 240 -3.85 -13.42 0.09
CA ALA A 240 -2.63 -13.98 -0.51
C ALA A 240 -1.52 -12.95 -0.59
N GLY A 241 -1.89 -11.68 -0.81
CA GLY A 241 -0.91 -10.60 -0.84
C GLY A 241 -0.12 -10.51 0.45
N ASN A 242 -0.80 -10.72 1.57
CA ASN A 242 -0.13 -10.72 2.85
C ASN A 242 0.75 -11.95 3.02
N ALA A 243 0.32 -13.08 2.47
CA ALA A 243 1.20 -14.25 2.46
C ALA A 243 2.46 -13.96 1.68
N THR A 244 2.32 -13.32 0.52
CA THR A 244 3.50 -12.96 -0.28
C THR A 244 4.42 -12.05 0.55
N LEU A 245 3.81 -11.02 1.17
CA LEU A 245 4.54 -10.10 2.06
C LEU A 245 5.38 -10.86 3.08
N LEU A 246 4.74 -11.79 3.78
CA LEU A 246 5.42 -12.56 4.81
C LEU A 246 6.51 -13.46 4.20
N TYR A 247 6.23 -14.04 3.05
CA TYR A 247 7.18 -14.90 2.37
C TYR A 247 8.43 -14.10 1.95
N TYR A 248 8.22 -12.83 1.62
CA TYR A 248 9.34 -11.96 1.25
C TYR A 248 10.22 -11.63 2.46
N MET A 249 9.89 -12.18 3.61
CA MET A 249 10.71 -11.96 4.82
C MET A 249 11.46 -13.23 5.19
N THR A 250 11.37 -14.26 4.33
CA THR A 250 12.00 -15.53 4.65
C THR A 250 13.31 -15.69 3.90
N GLU A 251 14.22 -16.46 4.49
CA GLU A 251 15.48 -16.74 3.85
C GLU A 251 15.21 -17.59 2.62
N GLU A 252 14.27 -18.53 2.76
CA GLU A 252 13.94 -19.40 1.63
C GLU A 252 13.59 -18.55 0.40
N GLY A 253 12.75 -17.55 0.60
CA GLY A 253 12.35 -16.67 -0.50
C GLY A 253 13.53 -15.89 -1.06
N SER A 254 14.38 -15.41 -0.16
CA SER A 254 15.52 -14.58 -0.58
C SER A 254 16.50 -15.34 -1.47
N GLU A 255 16.64 -16.64 -1.25
CA GLU A 255 17.52 -17.45 -2.09
C GLU A 255 17.09 -17.38 -3.55
N GLY A 256 15.79 -17.35 -3.77
CA GLY A 256 15.26 -17.26 -5.11
C GLY A 256 15.66 -15.93 -5.74
N LYS A 257 15.58 -14.87 -4.94
CA LYS A 257 15.96 -13.53 -5.38
C LYS A 257 17.45 -13.41 -5.70
N GLN A 258 18.29 -13.83 -4.74
CA GLN A 258 19.74 -13.76 -4.92
C GLN A 258 20.21 -14.58 -6.11
N ALA A 259 19.71 -15.81 -6.23
CA ALA A 259 20.08 -16.66 -7.35
C ALA A 259 19.86 -15.96 -8.69
N PHE A 260 18.70 -15.31 -8.85
CA PHE A 260 18.39 -14.63 -10.11
C PHE A 260 19.38 -13.50 -10.39
N LEU A 261 19.62 -12.68 -9.37
CA LEU A 261 20.52 -11.54 -9.51
C LEU A 261 21.95 -11.96 -9.81
N GLU A 262 22.37 -13.09 -9.24
CA GLU A 262 23.72 -13.59 -9.43
C GLU A 262 23.80 -14.50 -10.65
N LYS A 263 22.69 -14.57 -11.40
CA LYS A 263 22.61 -15.40 -12.60
C LYS A 263 23.07 -16.85 -12.36
N ARG A 264 22.52 -17.47 -11.32
CA ARG A 264 22.79 -18.88 -11.03
C ARG A 264 21.47 -19.56 -10.71
N PRO A 265 21.44 -20.90 -10.82
CA PRO A 265 20.23 -21.60 -10.40
C PRO A 265 20.05 -21.51 -8.88
N PRO A 266 18.80 -21.33 -8.42
CA PRO A 266 18.58 -21.29 -6.97
C PRO A 266 18.81 -22.68 -6.38
N ASP A 267 19.15 -22.72 -5.10
CA ASP A 267 19.33 -23.99 -4.41
C ASP A 267 18.44 -24.07 -3.18
N PHE A 268 17.29 -24.71 -3.35
CA PHE A 268 16.33 -24.85 -2.27
C PHE A 268 16.45 -26.24 -1.66
N SER A 269 17.56 -26.92 -1.94
CA SER A 269 17.67 -28.32 -1.55
C SER A 269 17.62 -28.52 -0.04
N GLN A 270 18.04 -27.52 0.72
CA GLN A 270 18.07 -27.66 2.18
C GLN A 270 16.68 -27.53 2.81
N TYR A 271 15.74 -26.93 2.09
CA TYR A 271 14.44 -26.63 2.69
C TYR A 271 13.49 -27.80 2.62
N PRO A 272 12.80 -28.07 3.73
CA PRO A 272 11.90 -29.23 3.80
C PRO A 272 10.55 -28.97 3.10
N TRP A 273 9.92 -30.07 2.70
CA TRP A 273 8.55 -30.05 2.23
C TRP A 273 7.68 -30.44 3.42
N LEU A 274 7.30 -29.44 4.21
CA LEU A 274 6.57 -29.67 5.46
C LEU A 274 5.17 -30.19 5.22
N PRO A 275 4.57 -30.81 6.26
CA PRO A 275 3.23 -31.42 6.25
C PRO A 275 2.16 -30.37 6.09
N ASP B 2 -40.40 -40.24 -35.64
CA ASP B 2 -41.85 -40.07 -35.72
C ASP B 2 -42.38 -39.08 -34.69
N TRP B 3 -42.29 -37.79 -35.02
CA TRP B 3 -42.75 -36.72 -34.14
C TRP B 3 -44.27 -36.61 -34.15
N HIS B 4 -44.85 -36.41 -32.97
CA HIS B 4 -46.27 -36.14 -32.83
C HIS B 4 -46.48 -34.76 -32.24
N ILE B 5 -47.35 -33.96 -32.86
CA ILE B 5 -47.70 -32.66 -32.28
C ILE B 5 -48.24 -32.87 -30.87
N ALA B 6 -47.78 -32.05 -29.92
CA ALA B 6 -48.13 -32.27 -28.51
C ALA B 6 -49.04 -31.17 -27.99
N LYS B 7 -48.95 -30.00 -28.59
CA LYS B 7 -49.80 -28.86 -28.24
C LYS B 7 -49.61 -27.77 -29.29
N HIS B 8 -50.64 -26.96 -29.50
CA HIS B 8 -50.57 -25.95 -30.55
C HIS B 8 -50.24 -24.57 -30.01
N TYR B 9 -49.37 -23.86 -30.72
CA TYR B 9 -48.94 -22.51 -30.33
C TYR B 9 -48.91 -21.60 -31.55
N ASP B 10 -48.82 -20.30 -31.32
CA ASP B 10 -48.74 -19.35 -32.42
C ASP B 10 -47.30 -19.15 -32.93
N ASP B 11 -46.35 -19.08 -31.99
CA ASP B 11 -44.98 -18.68 -32.33
C ASP B 11 -43.99 -19.85 -32.35
N ILE B 12 -44.45 -21.02 -31.93
CA ILE B 12 -43.55 -22.18 -31.85
C ILE B 12 -44.26 -23.47 -32.26
N LEU B 13 -43.47 -24.52 -32.42
CA LEU B 13 -44.00 -25.85 -32.69
C LEU B 13 -43.45 -26.78 -31.61
N TYR B 14 -44.26 -27.75 -31.18
CA TYR B 14 -43.91 -28.60 -30.04
C TYR B 14 -44.29 -30.05 -30.30
N TYR B 15 -43.29 -30.94 -30.27
CA TYR B 15 -43.49 -32.35 -30.57
C TYR B 15 -42.90 -33.26 -29.50
N LYS B 16 -43.36 -34.51 -29.51
CA LYS B 16 -42.82 -35.55 -28.65
C LYS B 16 -42.69 -36.84 -29.46
N ALA B 17 -41.70 -37.63 -29.10
CA ALA B 17 -41.51 -38.96 -29.66
C ALA B 17 -40.64 -39.73 -28.68
N GLY B 18 -41.17 -40.79 -28.11
CA GLY B 18 -40.48 -41.51 -27.06
C GLY B 18 -40.19 -40.60 -25.88
N GLY B 19 -38.96 -40.63 -25.40
CA GLY B 19 -38.57 -39.79 -24.29
C GLY B 19 -38.03 -38.43 -24.70
N ILE B 20 -38.21 -38.06 -25.97
CA ILE B 20 -37.67 -36.80 -26.45
C ILE B 20 -38.79 -35.82 -26.78
N ALA B 21 -38.63 -34.58 -26.33
CA ALA B 21 -39.50 -33.52 -26.76
C ALA B 21 -38.71 -32.62 -27.68
N LYS B 22 -39.39 -32.01 -28.64
CA LYS B 22 -38.73 -31.09 -29.55
C LYS B 22 -39.50 -29.78 -29.57
N ILE B 23 -38.81 -28.71 -29.24
CA ILE B 23 -39.42 -27.39 -29.22
C ILE B 23 -38.73 -26.59 -30.32
N VAL B 24 -39.53 -26.05 -31.24
CA VAL B 24 -39.02 -25.35 -32.40
C VAL B 24 -39.55 -23.91 -32.40
N ILE B 25 -38.64 -22.95 -32.40
CA ILE B 25 -39.02 -21.55 -32.53
C ILE B 25 -39.40 -21.32 -33.99
N ASN B 26 -40.58 -20.78 -34.20
CA ASN B 26 -41.14 -20.74 -35.54
C ASN B 26 -41.48 -19.34 -35.99
N ARG B 27 -40.50 -18.44 -35.97
CA ARG B 27 -40.66 -17.09 -36.53
C ARG B 27 -39.50 -16.76 -37.45
N PRO B 28 -39.33 -17.56 -38.51
CA PRO B 28 -38.17 -17.47 -39.42
C PRO B 28 -38.09 -16.14 -40.17
N HIS B 29 -39.18 -15.40 -40.25
CA HIS B 29 -39.20 -14.10 -40.90
C HIS B 29 -38.50 -13.02 -40.07
N LYS B 30 -38.22 -13.34 -38.82
CA LYS B 30 -37.47 -12.48 -37.92
C LYS B 30 -36.22 -13.19 -37.44
N ARG B 31 -35.72 -14.15 -38.23
CA ARG B 31 -34.58 -14.98 -37.82
C ARG B 31 -34.87 -15.58 -36.43
N ASN B 32 -36.14 -15.93 -36.22
CA ASN B 32 -36.61 -16.57 -35.00
C ASN B 32 -36.39 -15.73 -33.75
N ALA B 33 -36.48 -14.42 -33.89
CA ALA B 33 -36.46 -13.53 -32.74
C ALA B 33 -37.69 -13.82 -31.89
N PHE B 34 -37.53 -13.70 -30.56
CA PHE B 34 -38.66 -13.95 -29.68
C PHE B 34 -39.33 -12.66 -29.18
N ARG B 35 -40.65 -12.63 -29.28
CA ARG B 35 -41.45 -11.60 -28.63
C ARG B 35 -42.00 -12.18 -27.33
N PRO B 36 -42.60 -11.33 -26.48
CA PRO B 36 -43.06 -11.86 -25.19
C PRO B 36 -43.94 -13.10 -25.35
N GLN B 37 -44.81 -13.13 -26.35
CA GLN B 37 -45.64 -14.31 -26.55
C GLN B 37 -44.81 -15.56 -26.87
N THR B 38 -43.76 -15.38 -27.68
CA THR B 38 -42.89 -16.49 -28.04
C THR B 38 -42.31 -17.09 -26.76
N VAL B 39 -41.88 -16.21 -25.85
CA VAL B 39 -41.32 -16.64 -24.57
C VAL B 39 -42.37 -17.33 -23.69
N PHE B 40 -43.57 -16.77 -23.63
CA PHE B 40 -44.65 -17.42 -22.88
C PHE B 40 -44.93 -18.83 -23.37
N GLU B 41 -44.94 -18.99 -24.69
CA GLU B 41 -45.20 -20.29 -25.27
C GLU B 41 -44.04 -21.24 -25.02
N LEU B 42 -42.82 -20.74 -25.18
CA LEU B 42 -41.63 -21.54 -24.87
C LEU B 42 -41.65 -22.04 -23.42
N TYR B 43 -41.95 -21.15 -22.49
CA TYR B 43 -42.05 -21.49 -21.07
C TYR B 43 -43.11 -22.57 -20.86
N ASP B 44 -44.26 -22.39 -21.49
CA ASP B 44 -45.36 -23.35 -21.40
C ASP B 44 -44.91 -24.72 -21.92
N ALA B 45 -44.21 -24.76 -23.06
CA ALA B 45 -43.78 -26.04 -23.64
C ALA B 45 -42.76 -26.75 -22.77
N PHE B 46 -41.78 -26.00 -22.27
CA PHE B 46 -40.79 -26.54 -21.34
C PHE B 46 -41.44 -27.01 -20.04
N CYS B 47 -42.43 -26.27 -19.54
CA CYS B 47 -43.17 -26.75 -18.37
C CYS B 47 -43.86 -28.08 -18.67
N ASN B 48 -44.44 -28.16 -19.85
CA ASN B 48 -45.09 -29.39 -20.29
C ASN B 48 -44.10 -30.55 -20.26
N ALA B 49 -42.95 -30.36 -20.89
CA ALA B 49 -41.91 -31.38 -20.93
C ALA B 49 -41.48 -31.80 -19.52
N ARG B 50 -41.32 -30.82 -18.64
CA ARG B 50 -40.93 -31.08 -17.26
C ARG B 50 -41.96 -31.94 -16.53
N GLU B 51 -43.23 -31.70 -16.83
CA GLU B 51 -44.33 -32.38 -16.17
C GLU B 51 -44.59 -33.74 -16.78
N ASP B 52 -43.99 -34.00 -17.95
CA ASP B 52 -44.22 -35.25 -18.65
C ASP B 52 -43.22 -36.31 -18.20
N ASN B 53 -43.71 -37.26 -17.40
CA ASN B 53 -42.86 -38.26 -16.75
C ASN B 53 -42.08 -39.17 -17.70
N ARG B 54 -42.47 -39.18 -18.97
CA ARG B 54 -41.83 -40.03 -19.97
C ARG B 54 -40.72 -39.27 -20.71
N ILE B 55 -40.74 -37.94 -20.59
CA ILE B 55 -39.75 -37.11 -21.28
C ILE B 55 -38.48 -36.90 -20.45
N GLY B 56 -37.34 -37.30 -21.01
CA GLY B 56 -36.04 -37.12 -20.36
C GLY B 56 -35.13 -36.10 -21.01
N VAL B 57 -35.38 -35.81 -22.28
CA VAL B 57 -34.52 -34.89 -23.03
C VAL B 57 -35.34 -33.97 -23.91
N VAL B 58 -34.96 -32.69 -23.94
CA VAL B 58 -35.63 -31.72 -24.79
C VAL B 58 -34.65 -31.19 -25.82
N LEU B 59 -35.04 -31.25 -27.08
CA LEU B 59 -34.24 -30.65 -28.14
C LEU B 59 -34.85 -29.28 -28.44
N LEU B 60 -34.00 -28.26 -28.39
CA LEU B 60 -34.43 -26.90 -28.72
C LEU B 60 -33.74 -26.47 -30.02
N THR B 61 -34.52 -25.97 -30.97
CA THR B 61 -33.98 -25.58 -32.26
C THR B 61 -34.86 -24.53 -32.93
N GLY B 62 -34.41 -24.04 -34.08
CA GLY B 62 -35.15 -23.02 -34.82
C GLY B 62 -35.72 -23.53 -36.12
N ALA B 63 -36.80 -22.91 -36.58
CA ALA B 63 -37.41 -23.31 -37.84
C ALA B 63 -36.52 -22.87 -38.99
N GLY B 64 -36.35 -23.75 -39.98
CA GLY B 64 -35.58 -23.43 -41.16
C GLY B 64 -35.41 -24.59 -42.12
N PRO B 65 -34.85 -24.33 -43.30
CA PRO B 65 -34.39 -22.99 -43.67
C PRO B 65 -35.54 -22.04 -44.08
N HIS B 66 -35.26 -20.74 -44.03
CA HIS B 66 -36.22 -19.72 -44.42
C HIS B 66 -36.25 -19.56 -45.94
N SER B 67 -37.19 -18.77 -46.44
CA SER B 67 -37.36 -18.59 -47.88
C SER B 67 -36.11 -17.98 -48.52
N ASP B 68 -35.30 -17.29 -47.72
CA ASP B 68 -34.08 -16.69 -48.25
C ASP B 68 -32.94 -17.71 -48.20
N GLY B 69 -33.30 -18.95 -47.85
CA GLY B 69 -32.33 -20.04 -47.76
C GLY B 69 -31.51 -20.09 -46.47
N LYS B 70 -31.70 -19.11 -45.59
CA LYS B 70 -30.88 -18.99 -44.38
C LYS B 70 -31.43 -19.73 -43.15
N TYR B 71 -30.52 -20.19 -42.29
CA TYR B 71 -30.91 -20.87 -41.06
C TYR B 71 -30.76 -19.95 -39.86
N ALA B 72 -31.58 -20.19 -38.84
CA ALA B 72 -31.46 -19.45 -37.60
C ALA B 72 -32.01 -20.25 -36.42
N PHE B 73 -31.23 -20.27 -35.35
CA PHE B 73 -31.64 -20.84 -34.08
C PHE B 73 -32.54 -19.83 -33.40
N CYS B 74 -32.03 -18.63 -33.21
CA CYS B 74 -32.75 -17.56 -32.54
C CYS B 74 -31.92 -16.28 -32.59
N SER B 75 -32.55 -15.16 -32.93
CA SER B 75 -31.80 -13.89 -33.03
C SER B 75 -32.04 -13.00 -31.80
N GLY B 76 -32.61 -13.58 -30.75
CA GLY B 76 -32.81 -12.88 -29.51
C GLY B 76 -34.12 -12.11 -29.44
N GLY B 77 -34.14 -11.08 -28.60
CA GLY B 77 -35.34 -10.31 -28.38
C GLY B 77 -35.80 -9.57 -29.63
N ASP B 78 -37.09 -9.67 -29.90
CA ASP B 78 -37.70 -9.01 -31.06
C ASP B 78 -37.68 -7.49 -30.91
N GLN B 79 -36.79 -6.84 -31.64
CA GLN B 79 -36.59 -5.40 -31.52
C GLN B 79 -37.79 -4.59 -32.01
N SER B 80 -38.64 -5.22 -32.82
CA SER B 80 -39.79 -4.52 -33.40
C SER B 80 -40.88 -4.24 -32.36
N VAL B 81 -40.81 -4.89 -31.21
CA VAL B 81 -41.74 -4.63 -30.11
C VAL B 81 -41.05 -4.11 -28.85
N ARG B 82 -39.77 -3.77 -28.97
CA ARG B 82 -39.02 -3.26 -27.83
C ARG B 82 -39.40 -1.82 -27.50
N GLY B 83 -39.75 -1.56 -26.23
CA GLY B 83 -40.09 -0.22 -25.79
C GLY B 83 -39.40 0.20 -24.50
N GLU B 84 -40.00 1.14 -23.78
CA GLU B 84 -39.38 1.70 -22.59
C GLU B 84 -39.35 0.69 -21.44
N GLY B 85 -38.16 0.26 -21.08
CA GLY B 85 -37.96 -0.66 -19.97
C GLY B 85 -38.10 -2.14 -20.29
N GLY B 86 -38.34 -2.49 -21.56
CA GLY B 86 -38.48 -3.89 -21.92
C GLY B 86 -39.20 -4.16 -23.23
N TYR B 87 -39.57 -5.41 -23.46
CA TYR B 87 -40.29 -5.80 -24.67
C TYR B 87 -41.78 -5.73 -24.41
N ILE B 88 -42.47 -4.90 -25.19
CA ILE B 88 -43.88 -4.58 -24.92
C ILE B 88 -44.78 -5.71 -25.43
N ASP B 89 -45.51 -6.35 -24.51
CA ASP B 89 -46.47 -7.37 -24.91
C ASP B 89 -47.76 -6.72 -25.41
N ASP B 90 -48.72 -7.53 -25.85
CA ASP B 90 -49.94 -7.01 -26.50
C ASP B 90 -50.90 -6.28 -25.58
N GLN B 91 -50.66 -6.35 -24.28
CA GLN B 91 -51.49 -5.63 -23.32
C GLN B 91 -50.78 -4.33 -22.90
N GLY B 92 -49.61 -4.09 -23.48
CA GLY B 92 -48.83 -2.87 -23.25
C GLY B 92 -47.81 -2.94 -22.13
N THR B 93 -47.64 -4.13 -21.56
CA THR B 93 -46.71 -4.32 -20.45
C THR B 93 -45.28 -4.64 -20.89
N PRO B 94 -44.32 -3.84 -20.39
CA PRO B 94 -42.89 -4.09 -20.64
C PRO B 94 -42.43 -5.35 -19.92
N ARG B 95 -41.70 -6.22 -20.63
CA ARG B 95 -41.29 -7.51 -20.06
C ARG B 95 -39.86 -7.89 -20.38
N LEU B 96 -39.27 -8.67 -19.45
CA LEU B 96 -38.00 -9.32 -19.67
C LEU B 96 -38.17 -10.80 -19.31
N ASN B 97 -39.26 -11.39 -19.78
CA ASN B 97 -39.63 -12.74 -19.36
C ASN B 97 -38.72 -13.86 -19.89
N VAL B 98 -37.78 -13.54 -20.78
CA VAL B 98 -36.79 -14.55 -21.15
C VAL B 98 -35.94 -14.96 -19.94
N LEU B 99 -35.82 -14.07 -18.95
CA LEU B 99 -35.10 -14.40 -17.73
C LEU B 99 -35.77 -15.56 -17.01
N ASP B 100 -37.10 -15.57 -17.01
CA ASP B 100 -37.85 -16.67 -16.42
C ASP B 100 -37.63 -17.95 -17.21
N LEU B 101 -37.58 -17.85 -18.54
CA LEU B 101 -37.33 -19.02 -19.37
C LEU B 101 -35.93 -19.58 -19.12
N GLN B 102 -34.95 -18.69 -18.99
CA GLN B 102 -33.59 -19.09 -18.68
C GLN B 102 -33.52 -19.97 -17.43
N ARG B 103 -34.17 -19.53 -16.37
CA ARG B 103 -34.21 -20.27 -15.11
C ARG B 103 -34.90 -21.61 -15.22
N LEU B 104 -35.99 -21.64 -15.97
CA LEU B 104 -36.70 -22.91 -16.17
C LEU B 104 -35.83 -23.92 -16.91
N ILE B 105 -35.24 -23.50 -18.02
CA ILE B 105 -34.37 -24.41 -18.78
C ILE B 105 -33.21 -24.91 -17.90
N ARG B 106 -32.63 -23.98 -17.15
CA ARG B 106 -31.47 -24.25 -16.29
C ARG B 106 -31.75 -25.19 -15.12
N SER B 107 -32.94 -25.07 -14.53
CA SER B 107 -33.27 -25.82 -13.31
C SER B 107 -34.05 -27.13 -13.53
N MET B 108 -34.78 -27.23 -14.63
CA MET B 108 -35.57 -28.44 -14.85
C MET B 108 -34.71 -29.70 -14.93
N PRO B 109 -35.16 -30.77 -14.27
CA PRO B 109 -34.41 -32.02 -14.16
C PRO B 109 -34.55 -32.87 -15.41
N LYS B 110 -34.43 -32.21 -16.56
CA LYS B 110 -34.33 -32.89 -17.85
C LYS B 110 -33.19 -32.24 -18.64
N VAL B 111 -32.48 -33.02 -19.45
CA VAL B 111 -31.39 -32.45 -20.22
C VAL B 111 -31.95 -31.69 -21.42
N VAL B 112 -31.51 -30.44 -21.58
CA VAL B 112 -31.91 -29.65 -22.74
C VAL B 112 -30.73 -29.48 -23.70
N ILE B 113 -30.95 -29.85 -24.95
CA ILE B 113 -29.90 -29.73 -25.96
C ILE B 113 -30.28 -28.72 -27.02
N ALA B 114 -29.47 -27.69 -27.18
CA ALA B 114 -29.68 -26.74 -28.25
C ALA B 114 -29.15 -27.34 -29.54
N LEU B 115 -30.00 -27.39 -30.56
CA LEU B 115 -29.54 -27.80 -31.88
C LEU B 115 -29.47 -26.55 -32.71
N VAL B 116 -28.25 -26.05 -32.92
CA VAL B 116 -28.06 -24.76 -33.57
C VAL B 116 -27.63 -24.90 -35.02
N ALA B 117 -28.51 -24.50 -35.93
CA ALA B 117 -28.15 -24.31 -37.33
C ALA B 117 -28.28 -22.83 -37.61
N GLY B 118 -27.31 -22.27 -38.32
CA GLY B 118 -27.33 -20.85 -38.62
C GLY B 118 -27.17 -20.00 -37.36
N TYR B 119 -27.89 -18.89 -37.33
CA TYR B 119 -27.65 -17.86 -36.33
C TYR B 119 -28.17 -18.17 -34.93
N ALA B 120 -27.26 -18.09 -33.96
CA ALA B 120 -27.59 -18.01 -32.54
C ALA B 120 -26.97 -16.71 -32.04
N ILE B 121 -27.78 -15.66 -32.03
CA ILE B 121 -27.28 -14.30 -31.83
C ILE B 121 -28.03 -13.58 -30.71
N GLY B 122 -27.29 -12.80 -29.93
CA GLY B 122 -27.87 -12.01 -28.86
C GLY B 122 -28.55 -12.87 -27.81
N GLY B 123 -29.80 -12.52 -27.46
CA GLY B 123 -30.58 -13.32 -26.52
C GLY B 123 -30.69 -14.75 -27.01
N GLY B 124 -30.58 -14.94 -28.31
CA GLY B 124 -30.60 -16.27 -28.90
C GLY B 124 -29.34 -17.03 -28.55
N HIS B 125 -28.24 -16.30 -28.48
CA HIS B 125 -26.99 -16.91 -28.07
C HIS B 125 -27.04 -17.37 -26.62
N VAL B 126 -27.60 -16.53 -25.76
CA VAL B 126 -27.71 -16.88 -24.33
C VAL B 126 -28.63 -18.09 -24.13
N LEU B 127 -29.69 -18.20 -24.92
CA LEU B 127 -30.52 -19.41 -24.85
C LEU B 127 -29.72 -20.68 -25.13
N HIS B 128 -28.85 -20.64 -26.14
CA HIS B 128 -28.04 -21.80 -26.43
C HIS B 128 -27.11 -22.14 -25.25
N LEU B 129 -26.53 -21.08 -24.67
CA LEU B 129 -25.61 -21.23 -23.54
C LEU B 129 -26.25 -21.88 -22.32
N VAL B 130 -27.48 -21.50 -21.99
CA VAL B 130 -28.11 -22.04 -20.78
C VAL B 130 -28.65 -23.44 -20.96
N CYS B 131 -28.85 -23.85 -22.21
CA CYS B 131 -29.12 -25.27 -22.46
C CYS B 131 -27.94 -26.09 -21.95
N ASP B 132 -28.21 -27.28 -21.41
CA ASP B 132 -27.15 -28.15 -20.90
C ASP B 132 -26.05 -28.34 -21.93
N LEU B 133 -26.44 -28.73 -23.14
CA LEU B 133 -25.51 -29.07 -24.21
C LEU B 133 -25.87 -28.33 -25.48
N THR B 134 -24.90 -28.19 -26.39
CA THR B 134 -25.15 -27.61 -27.69
C THR B 134 -24.50 -28.43 -28.81
N ILE B 135 -25.31 -28.84 -29.78
CA ILE B 135 -24.82 -29.49 -30.98
C ILE B 135 -25.03 -28.51 -32.13
N ALA B 136 -23.96 -28.25 -32.87
CA ALA B 136 -24.02 -27.27 -33.96
C ALA B 136 -23.87 -27.93 -35.32
N ALA B 137 -24.60 -27.40 -36.31
CA ALA B 137 -24.34 -27.73 -37.69
C ALA B 137 -23.15 -26.87 -38.13
N ASP B 138 -22.42 -27.32 -39.14
CA ASP B 138 -21.24 -26.57 -39.57
C ASP B 138 -21.54 -25.18 -40.12
N ASN B 139 -22.81 -24.90 -40.42
CA ASN B 139 -23.17 -23.57 -40.90
C ASN B 139 -23.59 -22.64 -39.76
N ALA B 140 -23.47 -23.13 -38.52
CA ALA B 140 -23.90 -22.35 -37.37
C ALA B 140 -23.04 -21.11 -37.15
N ILE B 141 -23.67 -20.04 -36.71
CA ILE B 141 -22.97 -18.78 -36.40
C ILE B 141 -23.39 -18.23 -35.04
N PHE B 142 -22.41 -18.01 -34.16
CA PHE B 142 -22.65 -17.60 -32.78
C PHE B 142 -22.16 -16.19 -32.49
N GLY B 143 -22.88 -15.48 -31.62
CA GLY B 143 -22.39 -14.18 -31.20
C GLY B 143 -23.34 -13.38 -30.33
N GLN B 144 -22.78 -12.37 -29.68
CA GLN B 144 -23.59 -11.43 -28.91
C GLN B 144 -23.63 -10.11 -29.67
N THR B 145 -24.63 -9.29 -29.39
CA THR B 145 -24.80 -8.01 -30.08
C THR B 145 -25.15 -6.87 -29.11
N GLY B 146 -25.35 -7.20 -27.85
CA GLY B 146 -25.85 -6.22 -26.88
C GLY B 146 -25.31 -4.80 -27.01
N PRO B 147 -24.00 -4.65 -26.79
CA PRO B 147 -23.38 -3.32 -26.81
C PRO B 147 -23.55 -2.59 -28.13
N LYS B 148 -23.87 -3.34 -29.20
CA LYS B 148 -24.13 -2.74 -30.51
C LYS B 148 -25.60 -2.32 -30.67
N VAL B 149 -26.52 -3.11 -30.14
CA VAL B 149 -27.96 -2.83 -30.29
C VAL B 149 -28.64 -2.23 -29.04
N GLY B 150 -27.84 -1.80 -28.08
CA GLY B 150 -28.38 -1.17 -26.88
C GLY B 150 -29.01 -2.14 -25.90
N SER B 151 -28.30 -3.23 -25.63
CA SER B 151 -28.73 -4.20 -24.63
C SER B 151 -27.53 -4.90 -24.02
N PHE B 152 -27.80 -5.69 -22.98
CA PHE B 152 -26.79 -6.59 -22.42
C PHE B 152 -27.43 -7.63 -21.52
N ASP B 153 -26.79 -8.79 -21.44
CA ASP B 153 -27.19 -9.81 -20.50
C ASP B 153 -26.04 -10.01 -19.53
N GLY B 154 -26.14 -9.39 -18.36
CA GLY B 154 -25.08 -9.46 -17.38
C GLY B 154 -25.31 -10.55 -16.35
N GLY B 155 -26.29 -11.41 -16.63
CA GLY B 155 -26.58 -12.54 -15.76
C GLY B 155 -25.91 -13.79 -16.27
N PHE B 156 -26.71 -14.76 -16.68
CA PHE B 156 -26.12 -15.98 -17.23
C PHE B 156 -25.35 -15.70 -18.51
N GLY B 157 -25.72 -14.64 -19.22
CA GLY B 157 -25.06 -14.29 -20.47
C GLY B 157 -23.58 -14.00 -20.34
N SER B 158 -23.20 -13.55 -19.15
CA SER B 158 -21.83 -13.16 -18.85
C SER B 158 -21.12 -14.19 -17.97
N SER B 159 -21.53 -14.24 -16.71
CA SER B 159 -20.92 -15.15 -15.74
C SER B 159 -20.93 -16.61 -16.23
N TYR B 160 -22.07 -17.11 -16.70
CA TYR B 160 -22.14 -18.51 -17.09
C TYR B 160 -21.32 -18.74 -18.37
N LEU B 161 -21.33 -17.77 -19.30
CA LEU B 161 -20.46 -17.92 -20.47
C LEU B 161 -19.01 -18.07 -20.06
N ALA B 162 -18.57 -17.28 -19.08
CA ALA B 162 -17.20 -17.37 -18.58
C ALA B 162 -16.86 -18.76 -18.00
N ARG B 163 -17.85 -19.40 -17.39
CA ARG B 163 -17.67 -20.74 -16.84
C ARG B 163 -17.60 -21.78 -17.92
N ILE B 164 -17.77 -21.35 -19.18
CA ILE B 164 -17.72 -22.25 -20.32
C ILE B 164 -16.46 -21.99 -21.13
N VAL B 165 -16.23 -20.74 -21.53
CA VAL B 165 -15.12 -20.45 -22.43
C VAL B 165 -13.96 -19.73 -21.74
N GLY B 166 -14.12 -19.44 -20.45
CA GLY B 166 -13.12 -18.69 -19.69
C GLY B 166 -13.26 -17.19 -19.83
N GLN B 167 -12.67 -16.45 -18.89
CA GLN B 167 -12.88 -15.01 -18.83
C GLN B 167 -12.40 -14.23 -20.04
N LYS B 168 -11.24 -14.58 -20.60
CA LYS B 168 -10.70 -13.84 -21.73
C LYS B 168 -11.64 -13.92 -22.95
N LYS B 169 -12.05 -15.13 -23.32
CA LYS B 169 -12.89 -15.28 -24.49
C LYS B 169 -14.31 -14.70 -24.29
N ALA B 170 -14.84 -14.85 -23.08
CA ALA B 170 -16.19 -14.35 -22.78
C ALA B 170 -16.26 -12.85 -22.96
N ARG B 171 -15.22 -12.16 -22.48
CA ARG B 171 -15.17 -10.71 -22.61
C ARG B 171 -15.03 -10.27 -24.08
N GLU B 172 -14.22 -11.00 -24.82
CA GLU B 172 -14.05 -10.73 -26.24
C GLU B 172 -15.40 -10.79 -26.98
N ILE B 173 -16.12 -11.88 -26.74
CA ILE B 173 -17.43 -12.13 -27.34
C ILE B 173 -18.40 -10.97 -27.14
N TRP B 174 -18.46 -10.49 -25.91
CA TRP B 174 -19.38 -9.42 -25.56
C TRP B 174 -18.92 -8.03 -25.96
N TYR B 175 -17.62 -7.74 -25.83
CA TYR B 175 -17.15 -6.37 -26.08
C TYR B 175 -17.16 -6.05 -27.57
N LEU B 176 -16.75 -7.02 -28.38
CA LEU B 176 -16.59 -6.77 -29.81
C LEU B 176 -17.83 -7.14 -30.63
N CYS B 177 -18.67 -8.03 -30.09
CA CYS B 177 -19.87 -8.43 -30.80
C CYS B 177 -19.56 -9.00 -32.18
N ARG B 178 -18.47 -9.75 -32.30
CA ARG B 178 -18.17 -10.42 -33.56
C ARG B 178 -18.99 -11.71 -33.72
N GLN B 179 -18.82 -12.36 -34.87
CA GLN B 179 -19.47 -13.64 -35.14
C GLN B 179 -18.45 -14.77 -35.14
N TYR B 180 -18.87 -15.94 -34.68
CA TYR B 180 -18.01 -17.12 -34.55
C TYR B 180 -18.58 -18.33 -35.28
N SER B 181 -17.72 -19.06 -35.97
CA SER B 181 -18.13 -20.25 -36.68
C SER B 181 -18.39 -21.39 -35.70
N ALA B 182 -19.04 -22.44 -36.21
CA ALA B 182 -19.28 -23.65 -35.45
C ALA B 182 -17.98 -24.25 -34.96
N GLN B 183 -16.98 -24.27 -35.83
CA GLN B 183 -15.65 -24.77 -35.50
C GLN B 183 -14.99 -23.93 -34.41
N GLU B 184 -15.10 -22.61 -34.54
CA GLU B 184 -14.57 -21.70 -33.52
C GLU B 184 -15.29 -21.88 -32.19
N ALA B 185 -16.61 -22.02 -32.25
CA ALA B 185 -17.43 -22.21 -31.05
C ALA B 185 -17.04 -23.51 -30.32
N GLU B 186 -16.77 -24.58 -31.07
CA GLU B 186 -16.35 -25.84 -30.44
C GLU B 186 -14.98 -25.73 -29.83
N ARG B 187 -14.05 -25.11 -30.55
CA ARG B 187 -12.68 -25.01 -30.07
C ARG B 187 -12.62 -24.24 -28.74
N MET B 188 -13.46 -23.23 -28.59
CA MET B 188 -13.47 -22.41 -27.36
C MET B 188 -14.24 -23.06 -26.22
N GLY B 189 -14.99 -24.13 -26.51
CA GLY B 189 -15.59 -24.92 -25.47
C GLY B 189 -17.08 -24.78 -25.26
N MET B 190 -17.75 -23.98 -26.07
CA MET B 190 -19.18 -23.72 -25.84
C MET B 190 -20.10 -24.53 -26.75
N VAL B 191 -19.49 -25.32 -27.64
CA VAL B 191 -20.25 -26.24 -28.48
C VAL B 191 -19.69 -27.65 -28.28
N ASN B 192 -20.59 -28.59 -28.03
CA ASN B 192 -20.16 -29.95 -27.71
C ASN B 192 -19.69 -30.74 -28.94
N THR B 193 -20.35 -30.56 -30.07
CA THR B 193 -19.91 -31.18 -31.31
C THR B 193 -20.49 -30.47 -32.53
N VAL B 194 -19.90 -30.73 -33.70
CA VAL B 194 -20.32 -30.09 -34.95
C VAL B 194 -20.57 -31.15 -36.02
N VAL B 195 -21.68 -31.04 -36.75
CA VAL B 195 -22.00 -31.97 -37.83
C VAL B 195 -22.58 -31.20 -39.02
N PRO B 196 -22.69 -31.86 -40.18
CA PRO B 196 -23.35 -31.21 -41.33
C PRO B 196 -24.82 -30.92 -41.02
N VAL B 197 -25.36 -29.88 -41.64
CA VAL B 197 -26.73 -29.43 -41.36
C VAL B 197 -27.77 -30.56 -41.47
N ASP B 198 -27.68 -31.40 -42.49
CA ASP B 198 -28.70 -32.43 -42.68
C ASP B 198 -28.52 -33.60 -41.70
N ARG B 199 -27.49 -33.53 -40.87
CA ARG B 199 -27.27 -34.54 -39.84
C ARG B 199 -27.62 -33.98 -38.45
N LEU B 200 -27.96 -32.71 -38.39
CA LEU B 200 -28.16 -32.05 -37.09
C LEU B 200 -29.22 -32.71 -36.22
N GLU B 201 -30.43 -32.89 -36.75
CA GLU B 201 -31.49 -33.48 -35.91
C GLU B 201 -31.14 -34.91 -35.51
N GLU B 202 -30.55 -35.66 -36.43
CA GLU B 202 -30.21 -37.05 -36.13
C GLU B 202 -29.15 -37.13 -35.03
N GLU B 203 -28.22 -36.20 -35.01
CA GLU B 203 -27.23 -36.18 -33.95
C GLU B 203 -27.91 -35.88 -32.60
N GLY B 204 -28.80 -34.90 -32.60
CA GLY B 204 -29.55 -34.58 -31.39
C GLY B 204 -30.32 -35.77 -30.86
N ILE B 205 -31.02 -36.47 -31.75
CA ILE B 205 -31.76 -37.67 -31.37
C ILE B 205 -30.81 -38.74 -30.85
N GLN B 206 -29.67 -38.89 -31.52
CA GLN B 206 -28.66 -39.85 -31.09
C GLN B 206 -28.16 -39.52 -29.66
N TRP B 207 -27.84 -38.26 -29.44
CA TRP B 207 -27.37 -37.84 -28.12
C TRP B 207 -28.46 -38.01 -27.07
N ALA B 208 -29.69 -37.63 -27.40
CA ALA B 208 -30.81 -37.78 -26.48
C ALA B 208 -30.96 -39.23 -26.03
N LYS B 209 -30.82 -40.16 -26.98
CA LYS B 209 -30.98 -41.58 -26.69
C LYS B 209 -29.92 -42.15 -25.76
N GLU B 210 -28.69 -41.66 -25.90
CA GLU B 210 -27.60 -42.06 -25.01
C GLU B 210 -27.89 -41.59 -23.59
N ILE B 211 -28.58 -40.47 -23.48
CA ILE B 211 -29.01 -39.97 -22.16
C ILE B 211 -30.22 -40.74 -21.66
N LEU B 212 -31.16 -41.05 -22.55
CA LEU B 212 -32.40 -41.71 -22.16
C LEU B 212 -32.17 -43.14 -21.65
N SER B 213 -31.00 -43.70 -21.95
CA SER B 213 -30.68 -45.04 -21.45
C SER B 213 -30.02 -45.04 -20.07
N LYS B 214 -29.90 -43.85 -19.47
CA LYS B 214 -29.25 -43.69 -18.17
C LYS B 214 -30.29 -43.59 -17.06
N SER B 215 -29.84 -43.55 -15.81
CA SER B 215 -30.71 -43.40 -14.64
C SER B 215 -31.24 -41.98 -14.48
N PRO B 216 -32.58 -41.81 -14.49
CA PRO B 216 -33.14 -40.47 -14.31
C PRO B 216 -32.70 -39.80 -13.00
N LEU B 217 -32.60 -40.59 -11.93
CA LEU B 217 -32.20 -40.02 -10.66
C LEU B 217 -30.78 -39.52 -10.70
N ALA B 218 -29.89 -40.29 -11.33
CA ALA B 218 -28.49 -39.89 -11.44
C ALA B 218 -28.36 -38.60 -12.25
N ILE B 219 -29.07 -38.53 -13.38
CA ILE B 219 -29.02 -37.35 -14.25
C ILE B 219 -29.51 -36.10 -13.52
N ARG B 220 -30.64 -36.18 -12.83
CA ARG B 220 -31.15 -35.00 -12.15
C ARG B 220 -30.19 -34.52 -11.05
N CYS B 221 -29.61 -35.46 -10.31
CA CYS B 221 -28.69 -35.07 -9.25
C CYS B 221 -27.47 -34.37 -9.83
N LEU B 222 -27.00 -34.88 -10.96
CA LEU B 222 -25.86 -34.28 -11.62
C LEU B 222 -26.17 -32.89 -12.16
N LYS B 223 -27.33 -32.72 -12.78
CA LYS B 223 -27.64 -31.39 -13.30
C LYS B 223 -27.68 -30.39 -12.14
N ALA B 224 -28.29 -30.78 -11.02
CA ALA B 224 -28.32 -29.91 -9.86
C ALA B 224 -26.92 -29.64 -9.35
N ALA B 225 -26.08 -30.67 -9.34
CA ALA B 225 -24.70 -30.53 -8.85
C ALA B 225 -23.91 -29.54 -9.69
N PHE B 226 -24.10 -29.56 -11.00
CA PHE B 226 -23.46 -28.54 -11.86
C PHE B 226 -23.98 -27.13 -11.60
N ASN B 227 -25.31 -26.98 -11.44
CA ASN B 227 -25.86 -25.69 -11.10
C ASN B 227 -25.29 -25.17 -9.79
N ALA B 228 -25.01 -26.08 -8.86
CA ALA B 228 -24.52 -25.68 -7.54
C ALA B 228 -23.16 -25.03 -7.58
N ASP B 229 -22.39 -25.26 -8.65
CA ASP B 229 -21.11 -24.59 -8.73
C ASP B 229 -21.26 -23.14 -9.11
N CYS B 230 -22.48 -22.77 -9.51
CA CYS B 230 -22.73 -21.42 -10.04
C CYS B 230 -23.72 -20.57 -9.21
N ASP B 231 -24.75 -21.24 -8.69
CA ASP B 231 -25.94 -20.53 -8.22
C ASP B 231 -26.07 -20.48 -6.69
N GLY B 232 -24.96 -20.60 -5.98
CA GLY B 232 -24.98 -20.47 -4.53
C GLY B 232 -26.13 -21.21 -3.88
N GLN B 233 -26.86 -20.51 -3.00
CA GLN B 233 -27.93 -21.14 -2.24
C GLN B 233 -29.06 -21.68 -3.12
N ALA B 234 -29.30 -21.04 -4.26
CA ALA B 234 -30.31 -21.55 -5.20
C ALA B 234 -29.86 -22.89 -5.75
N GLY B 235 -28.56 -23.01 -6.01
CA GLY B 235 -27.99 -24.28 -6.41
C GLY B 235 -28.07 -25.32 -5.31
N LEU B 236 -27.76 -24.90 -4.08
CA LEU B 236 -27.91 -25.79 -2.92
C LEU B 236 -29.37 -26.26 -2.77
N GLN B 237 -30.31 -25.36 -3.03
CA GLN B 237 -31.72 -25.75 -2.94
C GLN B 237 -31.98 -26.92 -3.87
N GLU B 238 -31.45 -26.86 -5.09
CA GLU B 238 -31.68 -27.91 -6.07
C GLU B 238 -31.00 -29.21 -5.65
N LEU B 239 -29.75 -29.09 -5.21
CA LEU B 239 -28.97 -30.27 -4.82
C LEU B 239 -29.49 -30.92 -3.55
N ALA B 240 -29.72 -30.10 -2.52
CA ALA B 240 -30.28 -30.60 -1.28
C ALA B 240 -31.70 -31.14 -1.48
N GLY B 241 -32.45 -30.51 -2.37
CA GLY B 241 -33.78 -30.94 -2.73
C GLY B 241 -33.79 -32.36 -3.25
N ASN B 242 -32.77 -32.70 -4.03
CA ASN B 242 -32.62 -34.06 -4.54
C ASN B 242 -32.24 -35.05 -3.45
N ALA B 243 -31.43 -34.59 -2.50
CA ALA B 243 -31.13 -35.40 -1.33
C ALA B 243 -32.41 -35.68 -0.54
N THR B 244 -33.25 -34.66 -0.38
CA THR B 244 -34.52 -34.85 0.32
C THR B 244 -35.37 -35.89 -0.43
N LEU B 245 -35.45 -35.74 -1.75
CA LEU B 245 -36.17 -36.68 -2.61
C LEU B 245 -35.78 -38.12 -2.32
N LEU B 246 -34.47 -38.36 -2.34
CA LEU B 246 -33.92 -39.69 -2.11
C LEU B 246 -34.18 -40.17 -0.68
N TYR B 247 -34.04 -39.25 0.29
CA TYR B 247 -34.28 -39.61 1.69
C TYR B 247 -35.76 -39.99 1.87
N TYR B 248 -36.64 -39.37 1.09
CA TYR B 248 -38.05 -39.74 1.13
C TYR B 248 -38.30 -41.13 0.52
N MET B 249 -37.24 -41.82 0.08
CA MET B 249 -37.41 -43.18 -0.45
C MET B 249 -36.86 -44.23 0.51
N THR B 250 -36.44 -43.79 1.71
CA THR B 250 -35.83 -44.68 2.70
C THR B 250 -36.78 -45.10 3.81
N GLU B 251 -36.52 -46.25 4.41
CA GLU B 251 -37.31 -46.73 5.55
C GLU B 251 -37.12 -45.83 6.74
N GLU B 252 -35.88 -45.41 6.96
CA GLU B 252 -35.56 -44.53 8.07
C GLU B 252 -36.44 -43.28 8.01
N GLY B 253 -36.53 -42.69 6.82
CA GLY B 253 -37.32 -41.49 6.63
C GLY B 253 -38.79 -41.78 6.92
N SER B 254 -39.26 -42.94 6.44
CA SER B 254 -40.66 -43.29 6.61
C SER B 254 -41.08 -43.46 8.06
N GLU B 255 -40.17 -43.94 8.91
CA GLU B 255 -40.47 -44.08 10.34
C GLU B 255 -40.90 -42.77 10.98
N GLY B 256 -40.26 -41.68 10.55
CA GLY B 256 -40.60 -40.37 11.05
C GLY B 256 -42.00 -39.97 10.66
N LYS B 257 -42.39 -40.24 9.42
CA LYS B 257 -43.74 -39.93 8.94
C LYS B 257 -44.79 -40.75 9.67
N GLN B 258 -44.60 -42.07 9.68
CA GLN B 258 -45.55 -42.98 10.31
C GLN B 258 -45.73 -42.65 11.79
N ALA B 259 -44.61 -42.44 12.49
CA ALA B 259 -44.66 -42.07 13.90
C ALA B 259 -45.54 -40.84 14.11
N PHE B 260 -45.36 -39.83 13.26
CA PHE B 260 -46.15 -38.62 13.39
C PHE B 260 -47.63 -38.92 13.18
N LEU B 261 -47.93 -39.68 12.14
CA LEU B 261 -49.32 -40.02 11.83
C LEU B 261 -49.98 -40.84 12.93
N GLU B 262 -49.20 -41.70 13.59
CA GLU B 262 -49.71 -42.59 14.63
C GLU B 262 -49.66 -41.91 15.99
N LYS B 263 -49.27 -40.64 16.00
CA LYS B 263 -49.16 -39.85 17.24
C LYS B 263 -48.36 -40.60 18.30
N ARG B 264 -47.20 -41.12 17.89
CA ARG B 264 -46.28 -41.76 18.82
C ARG B 264 -44.89 -41.20 18.53
N PRO B 265 -43.98 -41.33 19.49
CA PRO B 265 -42.59 -40.89 19.28
C PRO B 265 -41.94 -41.75 18.21
N PRO B 266 -41.11 -41.14 17.36
CA PRO B 266 -40.44 -41.97 16.35
C PRO B 266 -39.39 -42.86 17.04
N ASP B 267 -39.09 -43.99 16.43
CA ASP B 267 -38.05 -44.87 16.97
C ASP B 267 -36.99 -45.12 15.90
N PHE B 268 -35.91 -44.34 15.97
CA PHE B 268 -34.78 -44.45 15.04
C PHE B 268 -33.65 -45.21 15.70
N SER B 269 -33.95 -45.91 16.78
CA SER B 269 -32.89 -46.51 17.60
C SER B 269 -32.06 -47.56 16.86
N GLN B 270 -32.64 -48.23 15.86
CA GLN B 270 -31.94 -49.29 15.15
C GLN B 270 -30.95 -48.78 14.10
N TYR B 271 -31.10 -47.52 13.71
CA TYR B 271 -30.32 -46.99 12.59
C TYR B 271 -28.96 -46.47 13.04
N PRO B 272 -27.92 -46.81 12.27
CA PRO B 272 -26.55 -46.46 12.66
C PRO B 272 -26.21 -45.00 12.38
N TRP B 273 -25.22 -44.51 13.10
CA TRP B 273 -24.60 -43.22 12.81
C TRP B 273 -23.35 -43.52 11.99
N LEU B 274 -23.53 -43.65 10.68
CA LEU B 274 -22.45 -44.08 9.80
C LEU B 274 -21.35 -43.04 9.69
N PRO B 275 -20.15 -43.48 9.29
CA PRO B 275 -18.95 -42.63 9.21
C PRO B 275 -19.05 -41.58 8.12
N MET C 1 -24.27 -39.87 34.75
CA MET C 1 -24.01 -40.78 33.64
C MET C 1 -22.92 -41.79 34.00
N ASP C 2 -23.02 -42.99 33.45
CA ASP C 2 -21.99 -43.99 33.65
C ASP C 2 -21.04 -43.96 32.46
N TRP C 3 -20.08 -43.04 32.51
CA TRP C 3 -19.08 -42.91 31.46
C TRP C 3 -18.10 -44.07 31.57
N HIS C 4 -17.71 -44.62 30.43
N HIS C 4 -17.66 -44.61 30.43
CA HIS C 4 -16.69 -45.66 30.36
CA HIS C 4 -16.63 -45.63 30.49
C HIS C 4 -15.50 -45.17 29.55
C HIS C 4 -15.50 -45.27 29.55
N ILE C 5 -14.28 -45.38 30.07
CA ILE C 5 -13.08 -45.05 29.31
C ILE C 5 -13.03 -45.85 27.99
N ALA C 6 -12.66 -45.18 26.91
CA ALA C 6 -12.70 -45.82 25.59
C ALA C 6 -11.33 -46.07 25.02
N LYS C 7 -10.35 -45.27 25.44
CA LYS C 7 -8.99 -45.43 24.97
C LYS C 7 -8.08 -44.56 25.83
N HIS C 8 -6.83 -44.99 26.01
CA HIS C 8 -5.92 -44.26 26.88
C HIS C 8 -5.04 -43.33 26.06
N TYR C 9 -4.88 -42.11 26.54
CA TYR C 9 -4.07 -41.10 25.87
C TYR C 9 -3.23 -40.37 26.91
N ASP C 10 -2.24 -39.62 26.47
CA ASP C 10 -1.40 -38.85 27.40
C ASP C 10 -1.99 -37.48 27.78
N ASP C 11 -2.55 -36.79 26.80
CA ASP C 11 -2.95 -35.39 26.93
C ASP C 11 -4.44 -35.15 27.05
N ILE C 12 -5.22 -36.21 26.84
CA ILE C 12 -6.68 -36.10 26.84
C ILE C 12 -7.31 -37.32 27.49
N LEU C 13 -8.61 -37.23 27.76
CA LEU C 13 -9.40 -38.33 28.30
C LEU C 13 -10.56 -38.57 27.35
N TYR C 14 -10.96 -39.84 27.21
CA TYR C 14 -11.95 -40.21 26.20
C TYR C 14 -12.91 -41.23 26.77
N TYR C 15 -14.21 -40.89 26.75
CA TYR C 15 -15.24 -41.77 27.30
C TYR C 15 -16.40 -41.98 26.34
N LYS C 16 -17.18 -43.03 26.59
CA LYS C 16 -18.42 -43.27 25.86
C LYS C 16 -19.52 -43.69 26.84
N ALA C 17 -20.75 -43.34 26.50
CA ALA C 17 -21.93 -43.80 27.23
C ALA C 17 -23.14 -43.68 26.31
N GLY C 18 -23.78 -44.80 25.98
CA GLY C 18 -24.87 -44.78 25.04
C GLY C 18 -24.42 -44.21 23.70
N GLY C 19 -25.18 -43.26 23.17
CA GLY C 19 -24.82 -42.66 21.89
C GLY C 19 -23.91 -41.46 22.02
N ILE C 20 -23.35 -41.24 23.21
CA ILE C 20 -22.54 -40.04 23.45
C ILE C 20 -21.09 -40.39 23.72
N ALA C 21 -20.20 -39.65 23.08
CA ALA C 21 -18.78 -39.72 23.41
C ALA C 21 -18.40 -38.41 24.11
N LYS C 22 -17.42 -38.49 25.01
CA LYS C 22 -16.93 -37.32 25.72
C LYS C 22 -15.41 -37.25 25.59
N ILE C 23 -14.93 -36.13 25.07
CA ILE C 23 -13.51 -35.94 24.88
C ILE C 23 -13.10 -34.76 25.76
N VAL C 24 -12.11 -34.99 26.60
CA VAL C 24 -11.70 -33.98 27.58
C VAL C 24 -10.23 -33.65 27.37
N ILE C 25 -9.94 -32.38 27.09
CA ILE C 25 -8.55 -31.94 27.00
C ILE C 25 -7.98 -31.87 28.40
N ASN C 26 -6.85 -32.53 28.60
CA ASN C 26 -6.34 -32.75 29.95
C ASN C 26 -4.94 -32.22 30.22
N ARG C 27 -4.74 -30.91 30.02
CA ARG C 27 -3.49 -30.28 30.40
C ARG C 27 -3.78 -29.01 31.20
N PRO C 28 -4.46 -29.16 32.35
CA PRO C 28 -4.95 -28.02 33.14
C PRO C 28 -3.82 -27.10 33.62
N HIS C 29 -2.58 -27.60 33.65
CA HIS C 29 -1.46 -26.76 34.05
C HIS C 29 -1.08 -25.74 32.96
N LYS C 30 -1.66 -25.91 31.77
CA LYS C 30 -1.41 -24.95 30.69
C LYS C 30 -2.74 -24.35 30.25
N ARG C 31 -3.72 -24.34 31.15
CA ARG C 31 -5.08 -23.93 30.83
C ARG C 31 -5.55 -24.70 29.60
N ASN C 32 -5.17 -25.97 29.56
CA ASN C 32 -5.58 -26.87 28.50
C ASN C 32 -5.14 -26.44 27.09
N ALA C 33 -3.95 -25.84 27.01
CA ALA C 33 -3.32 -25.56 25.73
C ALA C 33 -2.99 -26.86 25.00
N PHE C 34 -3.09 -26.85 23.67
CA PHE C 34 -2.74 -28.04 22.89
C PHE C 34 -1.35 -27.97 22.29
N ARG C 35 -0.58 -29.04 22.49
CA ARG C 35 0.67 -29.23 21.77
C ARG C 35 0.38 -30.18 20.62
N PRO C 36 1.33 -30.35 19.68
CA PRO C 36 1.02 -31.22 18.54
C PRO C 36 0.48 -32.61 18.95
N GLN C 37 1.04 -33.21 19.99
CA GLN C 37 0.55 -34.51 20.47
C GLN C 37 -0.89 -34.44 20.95
N THR C 38 -1.25 -33.33 21.60
CA THR C 38 -2.64 -33.15 22.04
C THR C 38 -3.56 -33.18 20.83
N VAL C 39 -3.15 -32.49 19.77
CA VAL C 39 -3.95 -32.46 18.55
C VAL C 39 -4.01 -33.86 17.91
N PHE C 40 -2.86 -34.55 17.84
CA PHE C 40 -2.81 -35.91 17.31
C PHE C 40 -3.82 -36.80 18.03
N GLU C 41 -3.84 -36.71 19.35
CA GLU C 41 -4.74 -37.54 20.16
C GLU C 41 -6.19 -37.12 20.00
N LEU C 42 -6.45 -35.82 20.01
CA LEU C 42 -7.81 -35.34 19.77
C LEU C 42 -8.31 -35.85 18.44
N TYR C 43 -7.45 -35.79 17.43
CA TYR C 43 -7.80 -36.27 16.10
C TYR C 43 -8.19 -37.74 16.14
N ASP C 44 -7.36 -38.55 16.81
CA ASP C 44 -7.59 -39.99 16.92
C ASP C 44 -8.94 -40.29 17.59
N ALA C 45 -9.22 -39.58 18.69
CA ALA C 45 -10.45 -39.82 19.45
C ALA C 45 -11.69 -39.45 18.64
N PHE C 46 -11.64 -38.29 17.99
CA PHE C 46 -12.73 -37.88 17.10
C PHE C 46 -12.87 -38.88 15.93
N CYS C 47 -11.76 -39.41 15.42
CA CYS C 47 -11.83 -40.47 14.39
C CYS C 47 -12.51 -41.72 14.94
N ASN C 48 -12.12 -42.12 16.13
CA ASN C 48 -12.78 -43.23 16.79
C ASN C 48 -14.28 -42.99 16.91
N ALA C 49 -14.66 -41.80 17.38
CA ALA C 49 -16.10 -41.48 17.50
C ALA C 49 -16.82 -41.57 16.16
N ARG C 50 -16.18 -41.07 15.12
CA ARG C 50 -16.76 -41.09 13.77
C ARG C 50 -17.01 -42.52 13.31
N GLU C 51 -16.09 -43.42 13.63
CA GLU C 51 -16.15 -44.81 13.17
C GLU C 51 -17.09 -45.68 14.01
N ASP C 52 -17.54 -45.15 15.14
CA ASP C 52 -18.41 -45.92 16.02
C ASP C 52 -19.89 -45.70 15.64
N ASN C 53 -20.50 -46.72 15.05
CA ASN C 53 -21.88 -46.64 14.54
C ASN C 53 -22.91 -46.30 15.64
N ARG C 54 -22.49 -46.40 16.90
CA ARG C 54 -23.40 -46.13 18.02
C ARG C 54 -23.35 -44.67 18.49
N ILE C 55 -22.28 -43.98 18.15
CA ILE C 55 -22.10 -42.60 18.61
C ILE C 55 -22.71 -41.57 17.65
N GLY C 56 -23.60 -40.73 18.18
CA GLY C 56 -24.20 -39.67 17.37
C GLY C 56 -23.76 -38.27 17.76
N VAL C 57 -23.28 -38.13 18.99
CA VAL C 57 -22.92 -36.82 19.54
C VAL C 57 -21.63 -36.91 20.32
N VAL C 58 -20.78 -35.91 20.14
CA VAL C 58 -19.52 -35.84 20.87
C VAL C 58 -19.52 -34.58 21.71
N LEU C 59 -19.27 -34.73 23.01
CA LEU C 59 -19.12 -33.58 23.89
C LEU C 59 -17.62 -33.29 24.03
N LEU C 60 -17.22 -32.06 23.74
CA LEU C 60 -15.80 -31.66 23.85
C LEU C 60 -15.67 -30.65 24.98
N THR C 61 -14.72 -30.89 25.88
CA THR C 61 -14.61 -30.01 27.04
C THR C 61 -13.19 -30.04 27.60
N GLY C 62 -12.93 -29.22 28.61
CA GLY C 62 -11.62 -29.15 29.23
C GLY C 62 -11.63 -29.67 30.65
N ALA C 63 -10.48 -30.17 31.11
CA ALA C 63 -10.36 -30.65 32.49
C ALA C 63 -10.31 -29.49 33.50
N GLY C 64 -11.03 -29.64 34.60
CA GLY C 64 -11.02 -28.63 35.65
C GLY C 64 -12.00 -29.01 36.75
N PRO C 65 -11.98 -28.26 37.86
CA PRO C 65 -11.09 -27.11 38.01
C PRO C 65 -9.66 -27.53 38.27
N HIS C 66 -8.71 -26.64 38.01
CA HIS C 66 -7.29 -26.90 38.25
C HIS C 66 -7.02 -26.69 39.73
N SER C 67 -5.79 -27.00 40.14
CA SER C 67 -5.39 -26.89 41.53
C SER C 67 -5.55 -25.45 42.03
N ASP C 68 -5.56 -24.49 41.12
CA ASP C 68 -5.73 -23.09 41.47
C ASP C 68 -7.20 -22.66 41.46
N GLY C 69 -8.11 -23.62 41.32
CA GLY C 69 -9.53 -23.33 41.29
C GLY C 69 -10.08 -22.85 39.94
N LYS C 70 -9.21 -22.71 38.94
CA LYS C 70 -9.66 -22.15 37.66
C LYS C 70 -10.14 -23.21 36.67
N TYR C 71 -11.10 -22.81 35.84
CA TYR C 71 -11.65 -23.66 34.79
C TYR C 71 -11.09 -23.23 33.44
N ALA C 72 -10.97 -24.18 32.52
CA ALA C 72 -10.58 -23.82 31.16
C ALA C 72 -11.03 -24.88 30.16
N PHE C 73 -11.60 -24.42 29.05
CA PHE C 73 -11.94 -25.28 27.92
C PHE C 73 -10.65 -25.59 27.16
N CYS C 74 -9.98 -24.53 26.73
CA CYS C 74 -8.73 -24.65 25.98
C CYS C 74 -8.12 -23.27 25.75
N SER C 75 -6.82 -23.13 25.98
CA SER C 75 -6.17 -21.83 25.82
C SER C 75 -5.40 -21.75 24.49
N GLY C 76 -5.65 -22.69 23.59
CA GLY C 76 -5.04 -22.63 22.26
C GLY C 76 -3.69 -23.30 22.16
N GLY C 77 -2.89 -22.84 21.20
CA GLY C 77 -1.60 -23.46 20.97
C GLY C 77 -0.67 -23.27 22.15
N ASP C 78 -0.01 -24.36 22.54
CA ASP C 78 0.97 -24.32 23.62
C ASP C 78 2.18 -23.48 23.21
N GLN C 79 2.30 -22.28 23.76
CA GLN C 79 3.38 -21.38 23.34
C GLN C 79 4.76 -21.89 23.75
N SER C 80 4.80 -22.80 24.72
CA SER C 80 6.09 -23.30 25.18
C SER C 80 6.76 -24.25 24.17
N VAL C 81 6.01 -24.72 23.18
CA VAL C 81 6.63 -25.59 22.17
C VAL C 81 6.60 -24.93 20.80
N ARG C 82 6.20 -23.66 20.76
CA ARG C 82 6.18 -22.93 19.50
C ARG C 82 7.60 -22.57 19.09
N GLY C 83 7.95 -22.87 17.84
CA GLY C 83 9.25 -22.53 17.30
C GLY C 83 9.05 -21.91 15.95
N GLU C 84 10.06 -22.03 15.09
CA GLU C 84 10.05 -21.42 13.78
C GLU C 84 9.07 -22.11 12.83
N GLY C 85 8.03 -21.39 12.41
CA GLY C 85 7.08 -21.89 11.44
C GLY C 85 5.94 -22.74 11.96
N GLY C 86 5.86 -22.90 13.28
CA GLY C 86 4.80 -23.69 13.86
C GLY C 86 5.11 -24.19 15.26
N TYR C 87 4.31 -25.15 15.70
CA TYR C 87 4.50 -25.80 16.99
C TYR C 87 5.35 -27.05 16.83
N ILE C 88 6.46 -27.11 17.55
CA ILE C 88 7.45 -28.17 17.35
C ILE C 88 7.03 -29.45 18.07
N ASP C 89 6.82 -30.53 17.31
CA ASP C 89 6.47 -31.80 17.93
C ASP C 89 7.70 -32.50 18.50
N ASP C 90 7.49 -33.71 19.02
CA ASP C 90 8.54 -34.45 19.71
C ASP C 90 9.64 -34.93 18.75
N GLN C 91 9.41 -34.82 17.45
CA GLN C 91 10.40 -35.20 16.42
C GLN C 91 11.13 -34.01 15.81
N GLY C 92 10.80 -32.81 16.26
CA GLY C 92 11.46 -31.60 15.76
C GLY C 92 10.75 -30.97 14.58
N THR C 93 9.59 -31.53 14.23
CA THR C 93 8.79 -31.04 13.12
C THR C 93 7.80 -29.95 13.54
N PRO C 94 7.88 -28.78 12.88
CA PRO C 94 6.91 -27.69 13.07
C PRO C 94 5.56 -28.03 12.46
N ARG C 95 4.50 -27.80 13.23
CA ARG C 95 3.15 -28.18 12.82
C ARG C 95 2.12 -27.11 13.10
N LEU C 96 1.06 -27.11 12.29
CA LEU C 96 -0.14 -26.35 12.59
C LEU C 96 -1.29 -27.33 12.47
N ASN C 97 -1.13 -28.50 13.10
CA ASN C 97 -2.09 -29.58 12.88
C ASN C 97 -3.47 -29.38 13.47
N VAL C 98 -3.66 -28.31 14.23
CA VAL C 98 -5.03 -28.00 14.67
C VAL C 98 -5.90 -27.71 13.46
N LEU C 99 -5.28 -27.30 12.35
CA LEU C 99 -6.04 -27.06 11.14
C LEU C 99 -6.73 -28.35 10.67
N ASP C 100 -6.01 -29.46 10.76
CA ASP C 100 -6.59 -30.76 10.40
C ASP C 100 -7.70 -31.19 11.33
N LEU C 101 -7.51 -30.92 12.63
CA LEU C 101 -8.53 -31.25 13.61
C LEU C 101 -9.78 -30.44 13.35
N GLN C 102 -9.59 -29.16 13.03
CA GLN C 102 -10.72 -28.30 12.71
C GLN C 102 -11.60 -28.87 11.60
N ARG C 103 -10.96 -29.33 10.53
CA ARG C 103 -11.69 -29.90 9.40
C ARG C 103 -12.43 -31.18 9.76
N LEU C 104 -11.81 -32.02 10.60
CA LEU C 104 -12.45 -33.26 11.03
C LEU C 104 -13.71 -33.00 11.85
N ILE C 105 -13.59 -32.12 12.85
CA ILE C 105 -14.75 -31.75 13.67
C ILE C 105 -15.85 -31.15 12.82
N ARG C 106 -15.45 -30.29 11.88
CA ARG C 106 -16.41 -29.61 11.02
C ARG C 106 -17.12 -30.57 10.07
N SER C 107 -16.39 -31.56 9.56
CA SER C 107 -16.93 -32.43 8.51
C SER C 107 -17.53 -33.77 8.99
N MET C 108 -17.07 -34.28 10.13
CA MET C 108 -17.58 -35.57 10.60
C MET C 108 -19.10 -35.54 10.79
N PRO C 109 -19.80 -36.60 10.33
CA PRO C 109 -21.26 -36.61 10.35
C PRO C 109 -21.85 -36.95 11.72
N LYS C 110 -21.29 -36.36 12.77
CA LYS C 110 -21.86 -36.45 14.12
C LYS C 110 -21.87 -35.04 14.68
N VAL C 111 -22.83 -34.72 15.54
CA VAL C 111 -22.90 -33.38 16.13
C VAL C 111 -21.84 -33.26 17.23
N VAL C 112 -21.03 -32.21 17.17
CA VAL C 112 -20.03 -31.95 18.20
C VAL C 112 -20.41 -30.72 19.01
N ILE C 113 -20.50 -30.89 20.32
CA ILE C 113 -20.91 -29.80 21.20
C ILE C 113 -19.74 -29.41 22.09
N ALA C 114 -19.32 -28.15 22.03
CA ALA C 114 -18.32 -27.65 22.96
C ALA C 114 -18.98 -27.35 24.30
N LEU C 115 -18.46 -27.94 25.38
CA LEU C 115 -18.92 -27.60 26.73
C LEU C 115 -17.82 -26.75 27.37
N VAL C 116 -18.07 -25.45 27.42
CA VAL C 116 -17.06 -24.48 27.83
C VAL C 116 -17.26 -24.03 29.28
N ALA C 117 -16.36 -24.44 30.17
CA ALA C 117 -16.30 -23.83 31.49
C ALA C 117 -15.00 -23.05 31.54
N GLY C 118 -15.03 -21.82 32.06
CA GLY C 118 -13.84 -21.00 32.11
C GLY C 118 -13.34 -20.60 30.73
N TYR C 119 -12.02 -20.57 30.57
CA TYR C 119 -11.40 -19.96 29.41
C TYR C 119 -11.49 -20.76 28.12
N ALA C 120 -12.01 -20.12 27.07
CA ALA C 120 -11.85 -20.61 25.70
C ALA C 120 -11.18 -19.47 24.94
N ILE C 121 -9.86 -19.54 24.82
CA ILE C 121 -9.07 -18.41 24.39
C ILE C 121 -8.16 -18.78 23.22
N GLY C 122 -8.05 -17.87 22.25
CA GLY C 122 -7.16 -18.08 21.11
C GLY C 122 -7.54 -19.29 20.28
N GLY C 123 -6.57 -20.17 19.99
CA GLY C 123 -6.88 -21.38 19.26
C GLY C 123 -7.98 -22.21 19.94
N GLY C 124 -8.09 -22.06 21.27
CA GLY C 124 -9.15 -22.70 22.04
C GLY C 124 -10.50 -22.08 21.74
N HIS C 125 -10.51 -20.78 21.48
CA HIS C 125 -11.74 -20.11 21.06
C HIS C 125 -12.19 -20.60 19.69
N VAL C 126 -11.25 -20.72 18.74
CA VAL C 126 -11.62 -21.21 17.43
C VAL C 126 -12.14 -22.64 17.48
N LEU C 127 -11.58 -23.46 18.35
CA LEU C 127 -12.08 -24.83 18.54
C LEU C 127 -13.56 -24.83 18.96
N HIS C 128 -13.92 -23.96 19.89
CA HIS C 128 -15.34 -23.89 20.29
C HIS C 128 -16.22 -23.47 19.12
N LEU C 129 -15.74 -22.51 18.34
CA LEU C 129 -16.49 -22.02 17.19
C LEU C 129 -16.79 -23.11 16.16
N VAL C 130 -15.80 -23.95 15.86
CA VAL C 130 -15.97 -24.96 14.81
C VAL C 130 -16.81 -26.17 15.25
N CYS C 131 -16.96 -26.37 16.56
CA CYS C 131 -17.97 -27.30 17.02
C CYS C 131 -19.35 -26.83 16.56
N ASP C 132 -20.22 -27.79 16.23
CA ASP C 132 -21.58 -27.46 15.79
C ASP C 132 -22.25 -26.49 16.75
N LEU C 133 -22.21 -26.84 18.04
CA LEU C 133 -22.91 -26.08 19.09
C LEU C 133 -21.97 -25.79 20.25
N THR C 134 -22.33 -24.78 21.03
CA THR C 134 -21.60 -24.45 22.24
C THR C 134 -22.56 -24.19 23.40
N ILE C 135 -22.38 -24.94 24.48
CA ILE C 135 -23.07 -24.69 25.74
C ILE C 135 -22.02 -24.18 26.69
N ALA C 136 -22.27 -23.03 27.32
CA ALA C 136 -21.30 -22.41 28.22
C ALA C 136 -21.76 -22.46 29.66
N ALA C 137 -20.82 -22.64 30.59
CA ALA C 137 -21.11 -22.41 32.00
C ALA C 137 -21.07 -20.91 32.24
N ASP C 138 -21.78 -20.42 33.25
CA ASP C 138 -21.83 -18.98 33.48
C ASP C 138 -20.46 -18.35 33.85
N ASN C 139 -19.48 -19.18 34.19
CA ASN C 139 -18.11 -18.71 34.46
C ASN C 139 -17.20 -18.71 33.22
N ALA C 140 -17.78 -18.98 32.07
CA ALA C 140 -17.01 -19.06 30.82
C ALA C 140 -16.48 -17.70 30.39
N ILE C 141 -15.29 -17.69 29.81
CA ILE C 141 -14.66 -16.49 29.28
C ILE C 141 -14.12 -16.74 27.86
N PHE C 142 -14.59 -15.96 26.89
CA PHE C 142 -14.27 -16.16 25.46
C PHE C 142 -13.42 -15.02 24.93
N GLY C 143 -12.51 -15.32 24.01
CA GLY C 143 -11.78 -14.26 23.35
C GLY C 143 -10.67 -14.77 22.47
N GLN C 144 -10.19 -13.89 21.60
CA GLN C 144 -9.02 -14.19 20.77
C GLN C 144 -7.85 -13.36 21.29
N THR C 145 -6.62 -13.80 20.99
CA THR C 145 -5.42 -13.13 21.49
C THR C 145 -4.36 -12.96 20.42
N GLY C 146 -4.61 -13.50 19.23
CA GLY C 146 -3.61 -13.52 18.17
C GLY C 146 -2.75 -12.28 18.07
N PRO C 147 -3.37 -11.13 17.77
CA PRO C 147 -2.58 -9.91 17.55
C PRO C 147 -1.73 -9.50 18.75
N LYS C 148 -2.06 -10.01 19.94
CA LYS C 148 -1.25 -9.75 21.12
C LYS C 148 -0.11 -10.74 21.28
N VAL C 149 -0.36 -12.01 20.95
CA VAL C 149 0.66 -13.05 21.14
C VAL C 149 1.40 -13.45 19.85
N GLY C 150 1.22 -12.66 18.80
CA GLY C 150 1.91 -12.90 17.54
C GLY C 150 1.36 -14.09 16.78
N SER C 151 0.04 -14.16 16.65
CA SER C 151 -0.59 -15.22 15.87
C SER C 151 -1.88 -14.69 15.25
N PHE C 152 -2.48 -15.52 14.41
CA PHE C 152 -3.84 -15.26 13.92
C PHE C 152 -4.39 -16.51 13.27
N ASP C 153 -5.71 -16.64 13.29
CA ASP C 153 -6.39 -17.69 12.55
C ASP C 153 -7.29 -16.98 11.55
N GLY C 154 -6.82 -16.88 10.30
CA GLY C 154 -7.51 -16.16 9.25
C GLY C 154 -8.38 -17.07 8.40
N GLY C 155 -8.55 -18.30 8.88
CA GLY C 155 -9.42 -19.26 8.24
C GLY C 155 -10.78 -19.31 8.91
N PHE C 156 -11.11 -20.44 9.52
CA PHE C 156 -12.39 -20.54 10.20
C PHE C 156 -12.49 -19.58 11.38
N GLY C 157 -11.35 -19.23 11.97
CA GLY C 157 -11.33 -18.31 13.10
C GLY C 157 -11.90 -16.94 12.77
N SER C 158 -11.82 -16.55 11.50
CA SER C 158 -12.27 -15.24 11.05
C SER C 158 -13.58 -15.35 10.28
N SER C 159 -13.53 -15.92 9.07
CA SER C 159 -14.71 -16.04 8.22
C SER C 159 -15.86 -16.73 8.92
N TYR C 160 -15.60 -17.90 9.52
CA TYR C 160 -16.67 -18.67 10.15
C TYR C 160 -17.24 -17.95 11.37
N LEU C 161 -16.38 -17.27 12.12
CA LEU C 161 -16.85 -16.42 13.22
C LEU C 161 -17.80 -15.34 12.70
N ALA C 162 -17.46 -14.71 11.59
CA ALA C 162 -18.35 -13.71 11.01
C ALA C 162 -19.71 -14.29 10.63
N ARG C 163 -19.74 -15.57 10.25
CA ARG C 163 -21.01 -16.23 9.92
C ARG C 163 -21.83 -16.58 11.17
N ILE C 164 -21.25 -16.29 12.33
CA ILE C 164 -21.94 -16.56 13.59
C ILE C 164 -22.36 -15.25 14.26
N VAL C 165 -21.44 -14.31 14.42
CA VAL C 165 -21.71 -13.07 15.19
C VAL C 165 -21.81 -11.81 14.32
N GLY C 166 -21.62 -11.98 13.01
CA GLY C 166 -21.63 -10.85 12.07
C GLY C 166 -20.29 -10.18 11.96
N GLN C 167 -20.08 -9.42 10.88
CA GLN C 167 -18.75 -8.86 10.60
C GLN C 167 -18.28 -7.83 11.63
N LYS C 168 -19.16 -6.97 12.12
CA LYS C 168 -18.74 -5.94 13.07
C LYS C 168 -18.18 -6.53 14.37
N LYS C 169 -18.91 -7.46 14.96
CA LYS C 169 -18.49 -8.08 16.22
C LYS C 169 -17.26 -8.99 16.04
N ALA C 170 -17.20 -9.69 14.90
CA ALA C 170 -16.06 -10.57 14.65
C ALA C 170 -14.76 -9.77 14.60
N ARG C 171 -14.79 -8.61 13.93
CA ARG C 171 -13.59 -7.78 13.83
C ARG C 171 -13.17 -7.25 15.20
N GLU C 172 -14.15 -6.83 15.99
CA GLU C 172 -13.88 -6.37 17.33
C GLU C 172 -13.14 -7.43 18.14
N ILE C 173 -13.68 -8.64 18.10
CA ILE C 173 -13.10 -9.76 18.83
C ILE C 173 -11.62 -9.93 18.53
N TRP C 174 -11.29 -9.89 17.25
CA TRP C 174 -9.91 -10.11 16.83
C TRP C 174 -9.00 -8.91 17.02
N TYR C 175 -9.50 -7.70 16.71
CA TYR C 175 -8.63 -6.53 16.71
C TYR C 175 -8.23 -6.10 18.13
N LEU C 176 -9.16 -6.16 19.08
CA LEU C 176 -8.86 -5.67 20.42
C LEU C 176 -8.42 -6.76 21.40
N CYS C 177 -8.77 -8.01 21.10
CA CYS C 177 -8.38 -9.12 21.98
C CYS C 177 -8.89 -8.99 23.40
N ARG C 178 -10.12 -8.50 23.55
CA ARG C 178 -10.73 -8.44 24.88
C ARG C 178 -11.29 -9.80 25.32
N GLN C 179 -11.82 -9.86 26.54
CA GLN C 179 -12.48 -11.08 27.02
C GLN C 179 -13.98 -10.85 27.10
N TYR C 180 -14.75 -11.89 26.82
CA TYR C 180 -16.22 -11.78 26.85
C TYR C 180 -16.81 -12.83 27.78
N SER C 181 -17.83 -12.43 28.54
CA SER C 181 -18.51 -13.34 29.45
C SER C 181 -19.41 -14.31 28.69
N ALA C 182 -19.90 -15.35 29.37
CA ALA C 182 -20.85 -16.28 28.73
C ALA C 182 -22.08 -15.54 28.23
N GLN C 183 -22.57 -14.61 29.04
CA GLN C 183 -23.74 -13.82 28.69
C GLN C 183 -23.50 -12.97 27.44
N GLU C 184 -22.34 -12.30 27.37
CA GLU C 184 -21.99 -11.51 26.20
C GLU C 184 -21.89 -12.40 24.95
N ALA C 185 -21.26 -13.56 25.12
CA ALA C 185 -21.11 -14.55 24.07
C ALA C 185 -22.44 -15.08 23.55
N GLU C 186 -23.39 -15.35 24.44
CA GLU C 186 -24.70 -15.81 23.99
C GLU C 186 -25.43 -14.68 23.26
N ARG C 187 -25.34 -13.47 23.82
CA ARG C 187 -26.05 -12.32 23.24
C ARG C 187 -25.59 -12.02 21.81
N MET C 188 -24.30 -12.20 21.56
CA MET C 188 -23.73 -11.94 20.23
C MET C 188 -23.97 -13.07 19.22
N GLY C 189 -24.43 -14.21 19.71
CA GLY C 189 -24.85 -15.29 18.82
C GLY C 189 -23.95 -16.52 18.72
N MET C 190 -22.85 -16.55 19.47
CA MET C 190 -21.91 -17.65 19.32
C MET C 190 -21.99 -18.74 20.41
N VAL C 191 -22.87 -18.55 21.39
CA VAL C 191 -23.10 -19.58 22.41
C VAL C 191 -24.59 -19.89 22.40
N ASN C 192 -24.93 -21.18 22.38
CA ASN C 192 -26.34 -21.60 22.25
C ASN C 192 -27.17 -21.44 23.52
N THR C 193 -26.56 -21.73 24.67
CA THR C 193 -27.20 -21.51 25.98
C THR C 193 -26.14 -21.44 27.08
N VAL C 194 -26.53 -20.93 28.25
CA VAL C 194 -25.63 -20.77 29.38
C VAL C 194 -26.26 -21.37 30.62
N VAL C 195 -25.48 -22.14 31.38
CA VAL C 195 -25.96 -22.79 32.59
C VAL C 195 -24.90 -22.70 33.70
N PRO C 196 -25.30 -22.97 34.96
CA PRO C 196 -24.30 -22.95 36.03
C PRO C 196 -23.24 -24.02 35.81
N VAL C 197 -22.04 -23.78 36.35
CA VAL C 197 -20.91 -24.70 36.16
C VAL C 197 -21.32 -26.11 36.52
N ASP C 198 -22.07 -26.24 37.60
CA ASP C 198 -22.42 -27.55 38.12
C ASP C 198 -23.46 -28.26 37.29
N ARG C 199 -24.02 -27.55 36.32
CA ARG C 199 -25.04 -28.10 35.41
C ARG C 199 -24.50 -28.29 33.99
N LEU C 200 -23.24 -27.89 33.77
CA LEU C 200 -22.72 -27.90 32.40
C LEU C 200 -22.79 -29.27 31.73
N GLU C 201 -22.24 -30.29 32.37
CA GLU C 201 -22.26 -31.61 31.75
C GLU C 201 -23.68 -32.15 31.58
N GLU C 202 -24.53 -31.97 32.59
CA GLU C 202 -25.89 -32.48 32.47
C GLU C 202 -26.65 -31.80 31.33
N GLU C 203 -26.40 -30.52 31.12
CA GLU C 203 -26.99 -29.82 29.97
C GLU C 203 -26.47 -30.40 28.64
N GLY C 204 -25.17 -30.69 28.56
CA GLY C 204 -24.60 -31.34 27.37
C GLY C 204 -25.25 -32.67 27.06
N ILE C 205 -25.41 -33.48 28.10
CA ILE C 205 -26.07 -34.77 27.97
C ILE C 205 -27.52 -34.62 27.51
N GLN C 206 -28.22 -33.64 28.09
CA GLN C 206 -29.60 -33.32 27.75
C GLN C 206 -29.73 -32.99 26.27
N TRP C 207 -28.87 -32.08 25.79
CA TRP C 207 -28.89 -31.70 24.38
C TRP C 207 -28.52 -32.89 23.49
N ALA C 208 -27.50 -33.65 23.89
CA ALA C 208 -27.12 -34.83 23.10
C ALA C 208 -28.30 -35.80 22.95
N LYS C 209 -29.02 -36.06 24.03
CA LYS C 209 -30.13 -37.01 23.97
C LYS C 209 -31.26 -36.53 23.07
N GLU C 210 -31.50 -35.22 23.03
CA GLU C 210 -32.51 -34.69 22.12
C GLU C 210 -32.13 -34.91 20.64
N ILE C 211 -30.83 -34.92 20.37
CA ILE C 211 -30.34 -35.20 19.02
C ILE C 211 -30.34 -36.71 18.74
N LEU C 212 -30.03 -37.50 19.75
CA LEU C 212 -29.93 -38.96 19.59
C LEU C 212 -31.25 -39.65 19.29
N SER C 213 -32.35 -38.97 19.54
CA SER C 213 -33.66 -39.53 19.23
C SER C 213 -34.10 -39.17 17.81
N LYS C 214 -33.23 -38.49 17.07
CA LYS C 214 -33.57 -38.06 15.73
C LYS C 214 -32.98 -39.04 14.70
N SER C 215 -33.35 -38.83 13.45
CA SER C 215 -32.84 -39.62 12.34
C SER C 215 -31.39 -39.27 12.01
N PRO C 216 -30.49 -40.26 12.12
CA PRO C 216 -29.08 -40.03 11.76
C PRO C 216 -28.89 -39.56 10.31
N LEU C 217 -29.67 -40.06 9.36
CA LEU C 217 -29.51 -39.62 7.98
C LEU C 217 -29.92 -38.16 7.84
N ALA C 218 -30.98 -37.76 8.52
CA ALA C 218 -31.41 -36.38 8.45
C ALA C 218 -30.34 -35.44 9.01
N ILE C 219 -29.79 -35.82 10.17
CA ILE C 219 -28.78 -35.00 10.83
C ILE C 219 -27.52 -34.79 9.98
N ARG C 220 -26.98 -35.87 9.39
CA ARG C 220 -25.77 -35.75 8.57
C ARG C 220 -26.00 -34.89 7.33
N CYS C 221 -27.18 -35.00 6.73
CA CYS C 221 -27.48 -34.20 5.55
C CYS C 221 -27.55 -32.73 5.89
N LEU C 222 -28.15 -32.43 7.04
CA LEU C 222 -28.25 -31.06 7.51
C LEU C 222 -26.88 -30.48 7.83
N LYS C 223 -26.04 -31.25 8.51
CA LYS C 223 -24.70 -30.74 8.85
C LYS C 223 -23.93 -30.40 7.59
N ALA C 224 -24.02 -31.28 6.58
CA ALA C 224 -23.36 -31.03 5.29
C ALA C 224 -23.96 -29.79 4.63
N ALA C 225 -25.27 -29.63 4.74
CA ALA C 225 -25.94 -28.48 4.15
C ALA C 225 -25.45 -27.17 4.76
N PHE C 226 -25.25 -27.15 6.08
CA PHE C 226 -24.71 -25.97 6.75
C PHE C 226 -23.28 -25.66 6.31
N ASN C 227 -22.46 -26.69 6.24
CA ASN C 227 -21.10 -26.53 5.70
C ASN C 227 -21.11 -26.05 4.26
N ALA C 228 -22.10 -26.49 3.49
CA ALA C 228 -22.16 -26.11 2.08
C ALA C 228 -22.35 -24.61 1.86
N ASP C 229 -22.89 -23.90 2.85
CA ASP C 229 -23.03 -22.44 2.78
C ASP C 229 -21.72 -21.72 3.01
N CYS C 230 -20.71 -22.46 3.47
CA CYS C 230 -19.42 -21.87 3.79
C CYS C 230 -18.26 -22.36 2.91
N ASP C 231 -18.27 -23.65 2.55
CA ASP C 231 -17.04 -24.28 2.05
C ASP C 231 -17.01 -24.59 0.56
N GLY C 232 -17.79 -23.86 -0.24
CA GLY C 232 -17.75 -24.01 -1.69
C GLY C 232 -17.78 -25.46 -2.15
N GLN C 233 -16.85 -25.84 -3.01
CA GLN C 233 -16.85 -27.20 -3.57
C GLN C 233 -16.64 -28.28 -2.51
N ALA C 234 -15.89 -27.95 -1.47
CA ALA C 234 -15.72 -28.92 -0.37
C ALA C 234 -17.05 -29.15 0.33
N GLY C 235 -17.83 -28.09 0.47
CA GLY C 235 -19.18 -28.24 1.02
C GLY C 235 -20.08 -29.05 0.09
N LEU C 236 -19.98 -28.78 -1.21
CA LEU C 236 -20.73 -29.56 -2.20
C LEU C 236 -20.38 -31.05 -2.13
N GLN C 237 -19.09 -31.34 -1.93
CA GLN C 237 -18.65 -32.74 -1.81
C GLN C 237 -19.39 -33.47 -0.69
N GLU C 238 -19.55 -32.79 0.44
CA GLU C 238 -20.23 -33.40 1.58
C GLU C 238 -21.70 -33.57 1.30
N LEU C 239 -22.30 -32.52 0.75
CA LEU C 239 -23.74 -32.57 0.48
C LEU C 239 -24.07 -33.55 -0.64
N ALA C 240 -23.35 -33.47 -1.76
CA ALA C 240 -23.54 -34.42 -2.85
C ALA C 240 -23.21 -35.86 -2.43
N GLY C 241 -22.18 -36.01 -1.58
CA GLY C 241 -21.80 -37.31 -1.05
C GLY C 241 -22.95 -37.98 -0.32
N ASN C 242 -23.73 -37.20 0.40
CA ASN C 242 -24.90 -37.76 1.09
C ASN C 242 -25.99 -38.14 0.11
N ALA C 243 -26.16 -37.34 -0.95
CA ALA C 243 -27.09 -37.69 -2.00
C ALA C 243 -26.70 -39.02 -2.63
N THR C 244 -25.40 -39.21 -2.86
CA THR C 244 -24.90 -40.47 -3.40
C THR C 244 -25.24 -41.60 -2.45
N LEU C 245 -24.94 -41.39 -1.17
CA LEU C 245 -25.26 -42.34 -0.11
C LEU C 245 -26.71 -42.81 -0.19
N LEU C 246 -27.63 -41.85 -0.23
CA LEU C 246 -29.06 -42.15 -0.30
C LEU C 246 -29.44 -42.84 -1.62
N TYR C 247 -28.83 -42.40 -2.72
CA TYR C 247 -29.10 -43.00 -4.02
C TYR C 247 -28.66 -44.47 -4.05
N TYR C 248 -27.60 -44.77 -3.31
CA TYR C 248 -27.11 -46.14 -3.18
C TYR C 248 -28.02 -47.04 -2.36
N MET C 249 -29.15 -46.49 -1.89
CA MET C 249 -30.14 -47.27 -1.16
C MET C 249 -31.39 -47.48 -2.01
N THR C 250 -31.33 -47.04 -3.27
CA THR C 250 -32.49 -47.14 -4.14
C THR C 250 -32.41 -48.32 -5.10
N GLU C 251 -33.58 -48.83 -5.49
CA GLU C 251 -33.64 -49.94 -6.43
C GLU C 251 -33.14 -49.45 -7.78
N GLU C 252 -33.52 -48.23 -8.14
CA GLU C 252 -33.10 -47.64 -9.39
C GLU C 252 -31.57 -47.68 -9.48
N GLY C 253 -30.91 -47.28 -8.40
CA GLY C 253 -29.45 -47.27 -8.37
C GLY C 253 -28.84 -48.65 -8.50
N SER C 254 -29.38 -49.61 -7.74
CA SER C 254 -28.82 -50.95 -7.74
C SER C 254 -28.92 -51.65 -9.10
N GLU C 255 -29.97 -51.34 -9.86
CA GLU C 255 -30.13 -51.89 -11.20
C GLU C 255 -28.91 -51.57 -12.04
N GLY C 256 -28.34 -50.39 -11.83
CA GLY C 256 -27.12 -49.99 -12.53
C GLY C 256 -25.97 -50.91 -12.15
N LYS C 257 -25.85 -51.19 -10.86
CA LYS C 257 -24.80 -52.08 -10.36
C LYS C 257 -24.99 -53.50 -10.90
N GLN C 258 -26.19 -54.04 -10.75
CA GLN C 258 -26.49 -55.40 -11.18
C GLN C 258 -26.26 -55.57 -12.68
N ALA C 259 -26.75 -54.62 -13.48
CA ALA C 259 -26.51 -54.70 -14.92
C ALA C 259 -25.01 -54.83 -15.19
N PHE C 260 -24.18 -54.02 -14.53
CA PHE C 260 -22.74 -54.10 -14.76
C PHE C 260 -22.16 -55.46 -14.39
N LEU C 261 -22.51 -55.96 -13.19
CA LEU C 261 -22.00 -57.25 -12.72
C LEU C 261 -22.47 -58.43 -13.58
N GLU C 262 -23.68 -58.36 -14.11
CA GLU C 262 -24.23 -59.44 -14.91
C GLU C 262 -23.85 -59.28 -16.38
N LYS C 263 -23.05 -58.27 -16.69
CA LYS C 263 -22.58 -58.05 -18.06
C LYS C 263 -23.72 -57.86 -19.06
N ARG C 264 -24.70 -57.06 -18.68
CA ARG C 264 -25.81 -56.72 -19.54
C ARG C 264 -26.04 -55.21 -19.47
N PRO C 265 -26.72 -54.64 -20.46
CA PRO C 265 -27.12 -53.24 -20.38
C PRO C 265 -28.17 -53.04 -19.28
N PRO C 266 -28.07 -51.93 -18.53
CA PRO C 266 -29.05 -51.65 -17.48
C PRO C 266 -30.40 -51.35 -18.11
N ASP C 267 -31.49 -51.55 -17.37
CA ASP C 267 -32.81 -51.22 -17.86
C ASP C 267 -33.48 -50.26 -16.88
N PHE C 268 -33.41 -48.97 -17.17
CA PHE C 268 -34.01 -47.94 -16.33
C PHE C 268 -35.32 -47.48 -16.94
N SER C 269 -35.83 -48.23 -17.91
CA SER C 269 -36.98 -47.78 -18.70
C SER C 269 -38.23 -47.63 -17.84
N GLN C 270 -38.30 -48.40 -16.76
CA GLN C 270 -39.46 -48.40 -15.88
C GLN C 270 -39.50 -47.16 -14.98
N TYR C 271 -38.36 -46.50 -14.83
CA TYR C 271 -38.26 -45.38 -13.90
C TYR C 271 -38.63 -44.04 -14.54
N PRO C 272 -39.43 -43.24 -13.83
CA PRO C 272 -39.94 -41.99 -14.38
C PRO C 272 -38.91 -40.86 -14.39
N TRP C 273 -39.12 -39.89 -15.28
CA TRP C 273 -38.38 -38.65 -15.25
C TRP C 273 -39.24 -37.61 -14.53
N LEU C 274 -39.11 -37.57 -13.21
CA LEU C 274 -39.99 -36.74 -12.39
C LEU C 274 -39.73 -35.24 -12.56
N PRO C 275 -40.73 -34.43 -12.21
CA PRO C 275 -40.65 -32.96 -12.33
C PRO C 275 -39.64 -32.41 -11.36
N MET D 1 -59.47 -2.37 6.80
CA MET D 1 -59.13 -2.44 5.38
C MET D 1 -60.28 -3.15 4.65
N ASP D 2 -60.59 -2.74 3.43
CA ASP D 2 -61.65 -3.41 2.68
C ASP D 2 -61.06 -4.42 1.68
N TRP D 3 -60.82 -5.63 2.16
CA TRP D 3 -60.26 -6.70 1.34
C TRP D 3 -61.31 -7.22 0.35
N HIS D 4 -60.90 -7.43 -0.89
N HIS D 4 -60.94 -7.41 -0.91
CA HIS D 4 -61.80 -8.01 -1.88
CA HIS D 4 -61.87 -8.02 -1.85
C HIS D 4 -61.24 -9.33 -2.39
C HIS D 4 -61.29 -9.29 -2.47
N ILE D 5 -62.09 -10.35 -2.44
CA ILE D 5 -61.68 -11.64 -2.99
C ILE D 5 -61.18 -11.43 -4.41
N ALA D 6 -60.05 -12.03 -4.75
CA ALA D 6 -59.41 -11.76 -6.04
C ALA D 6 -59.46 -12.96 -6.97
N LYS D 7 -59.53 -14.14 -6.37
CA LYS D 7 -59.66 -15.40 -7.10
C LYS D 7 -60.00 -16.48 -6.09
N HIS D 8 -60.73 -17.49 -6.53
N HIS D 8 -60.74 -17.49 -6.52
CA HIS D 8 -61.18 -18.55 -5.62
CA HIS D 8 -61.18 -18.55 -5.61
C HIS D 8 -60.32 -19.81 -5.74
C HIS D 8 -60.32 -19.81 -5.74
N TYR D 9 -60.02 -20.41 -4.59
CA TYR D 9 -59.20 -21.62 -4.53
C TYR D 9 -59.83 -22.58 -3.53
N ASP D 10 -59.35 -23.83 -3.51
CA ASP D 10 -59.83 -24.83 -2.54
C ASP D 10 -59.12 -24.72 -1.20
N ASP D 11 -57.80 -24.53 -1.25
CA ASP D 11 -56.94 -24.66 -0.07
C ASP D 11 -56.43 -23.33 0.50
N ILE D 12 -56.71 -22.23 -0.17
CA ILE D 12 -56.19 -20.94 0.26
C ILE D 12 -57.25 -19.86 0.01
N LEU D 13 -57.02 -18.68 0.58
CA LEU D 13 -57.88 -17.52 0.33
C LEU D 13 -57.00 -16.40 -0.19
N TYR D 14 -57.51 -15.61 -1.13
CA TYR D 14 -56.68 -14.63 -1.81
C TYR D 14 -57.44 -13.33 -1.98
N TYR D 15 -56.90 -12.26 -1.42
CA TYR D 15 -57.56 -10.95 -1.45
C TYR D 15 -56.63 -9.86 -1.93
N LYS D 16 -57.22 -8.73 -2.33
CA LYS D 16 -56.46 -7.54 -2.67
C LYS D 16 -57.11 -6.30 -2.06
N ALA D 17 -56.28 -5.31 -1.75
CA ALA D 17 -56.78 -4.02 -1.32
C ALA D 17 -55.71 -2.99 -1.58
N GLY D 18 -56.00 -2.05 -2.46
CA GLY D 18 -55.01 -1.07 -2.87
C GLY D 18 -53.81 -1.79 -3.45
N GLY D 19 -52.62 -1.43 -2.97
CA GLY D 19 -51.41 -2.05 -3.45
C GLY D 19 -50.99 -3.27 -2.65
N ILE D 20 -51.88 -3.77 -1.78
CA ILE D 20 -51.55 -4.90 -0.93
C ILE D 20 -52.34 -6.13 -1.35
N ALA D 21 -51.66 -7.27 -1.45
CA ALA D 21 -52.34 -8.55 -1.65
C ALA D 21 -52.23 -9.36 -0.37
N LYS D 22 -53.22 -10.19 -0.11
CA LYS D 22 -53.18 -11.04 1.08
C LYS D 22 -53.46 -12.49 0.73
N ILE D 23 -52.52 -13.35 1.08
CA ILE D 23 -52.65 -14.77 0.77
C ILE D 23 -52.74 -15.53 2.07
N VAL D 24 -53.80 -16.32 2.22
CA VAL D 24 -54.07 -17.02 3.47
C VAL D 24 -54.15 -18.51 3.21
N ILE D 25 -53.29 -19.26 3.89
CA ILE D 25 -53.33 -20.71 3.81
C ILE D 25 -54.54 -21.18 4.62
N ASN D 26 -55.42 -21.96 4.01
CA ASN D 26 -56.72 -22.24 4.62
C ASN D 26 -57.00 -23.73 4.81
N ARG D 27 -56.15 -24.41 5.58
CA ARG D 27 -56.44 -25.79 5.96
C ARG D 27 -56.27 -25.95 7.46
N PRO D 28 -57.08 -25.20 8.23
CA PRO D 28 -56.91 -25.14 9.70
C PRO D 28 -57.07 -26.50 10.37
N HIS D 29 -57.70 -27.45 9.69
CA HIS D 29 -57.85 -28.79 10.25
C HIS D 29 -56.54 -29.57 10.23
N LYS D 30 -55.54 -29.02 9.54
CA LYS D 30 -54.21 -29.62 9.49
C LYS D 30 -53.15 -28.65 9.99
N ARG D 31 -53.53 -27.71 10.84
CA ARG D 31 -52.62 -26.65 11.25
C ARG D 31 -52.01 -26.02 9.99
N ASN D 32 -52.85 -25.93 8.95
CA ASN D 32 -52.47 -25.30 7.69
C ASN D 32 -51.26 -25.94 6.98
N ALA D 33 -51.14 -27.26 7.12
CA ALA D 33 -50.14 -28.01 6.37
C ALA D 33 -50.48 -27.94 4.87
N PHE D 34 -49.46 -27.91 4.03
CA PHE D 34 -49.72 -27.87 2.59
C PHE D 34 -49.61 -29.22 1.89
N ARG D 35 -50.60 -29.52 1.07
CA ARG D 35 -50.50 -30.64 0.15
C ARG D 35 -50.15 -30.08 -1.21
N PRO D 36 -49.83 -30.94 -2.18
CA PRO D 36 -49.44 -30.41 -3.49
C PRO D 36 -50.44 -29.41 -4.08
N GLN D 37 -51.73 -29.64 -3.90
CA GLN D 37 -52.70 -28.67 -4.41
C GLN D 37 -52.53 -27.32 -3.74
N THR D 38 -52.25 -27.34 -2.44
CA THR D 38 -52.05 -26.11 -1.70
C THR D 38 -50.93 -25.30 -2.31
N VAL D 39 -49.82 -25.98 -2.60
CA VAL D 39 -48.66 -25.32 -3.21
C VAL D 39 -48.96 -24.80 -4.61
N PHE D 40 -49.63 -25.61 -5.41
CA PHE D 40 -50.01 -25.17 -6.76
C PHE D 40 -50.81 -23.88 -6.68
N GLU D 41 -51.76 -23.84 -5.74
CA GLU D 41 -52.62 -22.66 -5.59
C GLU D 41 -51.85 -21.46 -5.04
N LEU D 42 -50.98 -21.68 -4.05
CA LEU D 42 -50.12 -20.62 -3.52
C LEU D 42 -49.26 -20.02 -4.64
N TYR D 43 -48.68 -20.90 -5.45
CA TYR D 43 -47.87 -20.46 -6.58
C TYR D 43 -48.71 -19.61 -7.52
N ASP D 44 -49.93 -20.06 -7.81
CA ASP D 44 -50.81 -19.32 -8.71
C ASP D 44 -51.13 -17.92 -8.20
N ALA D 45 -51.45 -17.81 -6.91
CA ALA D 45 -51.81 -16.53 -6.31
C ALA D 45 -50.62 -15.57 -6.28
N PHE D 46 -49.45 -16.06 -5.90
CA PHE D 46 -48.24 -15.25 -5.91
C PHE D 46 -47.90 -14.78 -7.33
N CYS D 47 -48.09 -15.65 -8.32
CA CYS D 47 -47.92 -15.28 -9.73
C CYS D 47 -48.88 -14.16 -10.13
N ASN D 48 -50.13 -14.28 -9.69
CA ASN D 48 -51.13 -13.24 -9.92
C ASN D 48 -50.68 -11.91 -9.32
N ALA D 49 -50.26 -11.93 -8.06
CA ALA D 49 -49.78 -10.74 -7.40
C ALA D 49 -48.59 -10.15 -8.16
N ARG D 50 -47.69 -11.03 -8.61
CA ARG D 50 -46.53 -10.59 -9.36
C ARG D 50 -46.94 -9.88 -10.66
N GLU D 51 -47.98 -10.38 -11.31
CA GLU D 51 -48.40 -9.84 -12.60
C GLU D 51 -49.26 -8.58 -12.45
N ASP D 52 -49.70 -8.30 -11.23
CA ASP D 52 -50.57 -7.15 -11.00
C ASP D 52 -49.74 -5.90 -10.71
N ASN D 53 -49.70 -4.97 -11.67
CA ASN D 53 -48.89 -3.75 -11.56
C ASN D 53 -49.26 -2.84 -10.38
N ARG D 54 -50.40 -3.10 -9.77
CA ARG D 54 -50.88 -2.29 -8.65
C ARG D 54 -50.40 -2.84 -7.31
N ILE D 55 -50.00 -4.11 -7.30
CA ILE D 55 -49.58 -4.78 -6.07
C ILE D 55 -48.08 -4.61 -5.81
N GLY D 56 -47.73 -4.07 -4.65
CA GLY D 56 -46.33 -3.93 -4.29
C GLY D 56 -45.89 -4.83 -3.15
N VAL D 57 -46.86 -5.25 -2.34
CA VAL D 57 -46.57 -6.02 -1.13
C VAL D 57 -47.58 -7.16 -0.99
N VAL D 58 -47.09 -8.34 -0.61
CA VAL D 58 -47.95 -9.49 -0.36
C VAL D 58 -47.81 -9.92 1.09
N LEU D 59 -48.94 -10.04 1.77
CA LEU D 59 -49.00 -10.57 3.13
C LEU D 59 -49.34 -12.05 3.09
N LEU D 60 -48.50 -12.87 3.70
CA LEU D 60 -48.74 -14.31 3.75
C LEU D 60 -49.03 -14.74 5.19
N THR D 61 -50.11 -15.49 5.37
CA THR D 61 -50.52 -15.87 6.71
C THR D 61 -51.36 -17.15 6.69
N GLY D 62 -51.71 -17.65 7.86
CA GLY D 62 -52.49 -18.86 7.99
C GLY D 62 -53.88 -18.57 8.52
N ALA D 63 -54.86 -19.40 8.16
CA ALA D 63 -56.21 -19.17 8.63
C ALA D 63 -56.32 -19.52 10.10
N GLY D 64 -57.00 -18.68 10.86
CA GLY D 64 -57.21 -18.96 12.27
C GLY D 64 -57.94 -17.84 12.96
N PRO D 65 -58.35 -18.08 14.21
CA PRO D 65 -58.05 -19.34 14.91
C PRO D 65 -58.92 -20.48 14.44
N HIS D 66 -58.48 -21.70 14.74
CA HIS D 66 -59.24 -22.90 14.43
C HIS D 66 -60.33 -23.08 15.50
N SER D 67 -61.20 -24.08 15.33
CA SER D 67 -62.31 -24.30 16.26
C SER D 67 -61.82 -24.59 17.68
N ASP D 68 -60.58 -25.03 17.80
CA ASP D 68 -59.95 -25.29 19.09
C ASP D 68 -59.27 -24.04 19.63
N GLY D 69 -59.51 -22.90 18.99
CA GLY D 69 -58.93 -21.65 19.44
C GLY D 69 -57.49 -21.45 19.05
N LYS D 70 -56.89 -22.45 18.37
CA LYS D 70 -55.47 -22.39 18.07
C LYS D 70 -55.17 -21.70 16.75
N TYR D 71 -54.03 -21.03 16.72
CA TYR D 71 -53.56 -20.33 15.54
C TYR D 71 -52.43 -21.11 14.87
N ALA D 72 -52.33 -20.98 13.56
CA ALA D 72 -51.23 -21.58 12.84
C ALA D 72 -50.97 -20.85 11.53
N PHE D 73 -49.70 -20.55 11.28
CA PHE D 73 -49.23 -20.00 10.01
C PHE D 73 -49.18 -21.16 9.02
N CYS D 74 -48.43 -22.19 9.38
CA CYS D 74 -48.30 -23.35 8.51
C CYS D 74 -47.49 -24.44 9.19
N SER D 75 -47.96 -25.67 9.11
CA SER D 75 -47.28 -26.77 9.78
C SER D 75 -46.42 -27.58 8.79
N GLY D 76 -46.16 -27.02 7.61
CA GLY D 76 -45.29 -27.66 6.65
C GLY D 76 -46.02 -28.63 5.74
N GLY D 77 -45.27 -29.59 5.20
CA GLY D 77 -45.82 -30.55 4.26
C GLY D 77 -46.83 -31.48 4.92
N ASP D 78 -47.96 -31.67 4.24
CA ASP D 78 -49.01 -32.54 4.73
C ASP D 78 -48.57 -34.01 4.77
N GLN D 79 -48.28 -34.50 5.98
CA GLN D 79 -47.75 -35.85 6.13
C GLN D 79 -48.76 -36.94 5.73
N SER D 80 -50.04 -36.60 5.68
CA SER D 80 -51.06 -37.60 5.34
C SER D 80 -51.07 -37.96 3.84
N VAL D 81 -50.40 -37.16 3.02
CA VAL D 81 -50.28 -37.51 1.59
C VAL D 81 -48.82 -37.74 1.18
N ARG D 82 -47.93 -37.83 2.14
CA ARG D 82 -46.52 -38.11 1.86
C ARG D 82 -46.31 -39.57 1.48
N GLY D 83 -45.65 -39.80 0.35
CA GLY D 83 -45.36 -41.14 -0.09
C GLY D 83 -43.92 -41.32 -0.55
N GLU D 84 -43.70 -42.30 -1.42
CA GLU D 84 -42.36 -42.64 -1.86
C GLU D 84 -41.79 -41.53 -2.74
N GLY D 85 -40.76 -40.86 -2.22
CA GLY D 85 -40.06 -39.81 -2.94
C GLY D 85 -40.65 -38.41 -2.89
N GLY D 86 -41.73 -38.21 -2.13
CA GLY D 86 -42.36 -36.90 -2.06
C GLY D 86 -43.80 -36.92 -1.58
N TYR D 87 -44.49 -35.80 -1.75
CA TYR D 87 -45.91 -35.68 -1.39
C TYR D 87 -46.77 -36.01 -2.60
N ILE D 88 -47.65 -37.00 -2.44
CA ILE D 88 -48.40 -37.55 -3.57
C ILE D 88 -49.59 -36.68 -3.97
N ASP D 89 -49.60 -36.20 -5.22
CA ASP D 89 -50.76 -35.43 -5.70
C ASP D 89 -51.91 -36.36 -6.10
N ASP D 90 -53.03 -35.77 -6.54
CA ASP D 90 -54.25 -36.54 -6.79
C ASP D 90 -54.11 -37.49 -7.98
N GLN D 91 -53.02 -37.33 -8.73
CA GLN D 91 -52.71 -38.19 -9.87
C GLN D 91 -51.65 -39.24 -9.57
N GLY D 92 -51.17 -39.29 -8.33
CA GLY D 92 -50.20 -40.29 -7.94
C GLY D 92 -48.77 -39.85 -8.14
N THR D 93 -48.57 -38.60 -8.55
CA THR D 93 -47.22 -38.07 -8.78
C THR D 93 -46.60 -37.53 -7.50
N PRO D 94 -45.43 -38.06 -7.12
CA PRO D 94 -44.69 -37.55 -5.96
C PRO D 94 -44.10 -36.17 -6.28
N ARG D 95 -44.29 -35.22 -5.37
CA ARG D 95 -43.86 -33.84 -5.62
C ARG D 95 -43.17 -33.20 -4.42
N LEU D 96 -42.26 -32.26 -4.73
CA LEU D 96 -41.67 -31.39 -3.72
C LEU D 96 -41.84 -29.97 -4.20
N ASN D 97 -43.03 -29.64 -4.69
CA ASN D 97 -43.23 -28.37 -5.40
C ASN D 97 -43.15 -27.12 -4.52
N VAL D 98 -43.04 -27.30 -3.21
CA VAL D 98 -42.79 -26.13 -2.36
C VAL D 98 -41.43 -25.49 -2.70
N LEU D 99 -40.51 -26.27 -3.26
CA LEU D 99 -39.23 -25.73 -3.69
C LEU D 99 -39.43 -24.67 -4.78
N ASP D 100 -40.37 -24.94 -5.69
CA ASP D 100 -40.70 -23.99 -6.73
C ASP D 100 -41.33 -22.74 -6.12
N LEU D 101 -42.20 -22.93 -5.14
CA LEU D 101 -42.83 -21.81 -4.45
C LEU D 101 -41.82 -20.95 -3.68
N GLN D 102 -40.89 -21.60 -2.99
CA GLN D 102 -39.83 -20.88 -2.30
C GLN D 102 -39.10 -19.93 -3.26
N ARG D 103 -38.75 -20.44 -4.44
CA ARG D 103 -38.04 -19.65 -5.46
C ARG D 103 -38.86 -18.46 -5.96
N LEU D 104 -40.15 -18.67 -6.19
CA LEU D 104 -41.04 -17.60 -6.64
C LEU D 104 -41.13 -16.46 -5.62
N ILE D 105 -41.39 -16.83 -4.36
CA ILE D 105 -41.44 -15.84 -3.28
C ILE D 105 -40.14 -15.07 -3.14
N ARG D 106 -39.03 -15.79 -3.25
CA ARG D 106 -37.71 -15.23 -3.07
C ARG D 106 -37.31 -14.26 -4.18
N SER D 107 -37.70 -14.57 -5.42
CA SER D 107 -37.28 -13.80 -6.58
C SER D 107 -38.28 -12.74 -7.09
N MET D 108 -39.57 -12.91 -6.81
CA MET D 108 -40.54 -11.93 -7.31
C MET D 108 -40.22 -10.53 -6.80
N PRO D 109 -40.30 -9.53 -7.69
CA PRO D 109 -39.90 -8.16 -7.34
C PRO D 109 -40.97 -7.45 -6.54
N LYS D 110 -41.58 -8.14 -5.59
CA LYS D 110 -42.49 -7.50 -4.64
C LYS D 110 -42.10 -7.99 -3.24
N VAL D 111 -42.29 -7.16 -2.22
CA VAL D 111 -41.95 -7.54 -0.85
C VAL D 111 -43.00 -8.49 -0.29
N VAL D 112 -42.56 -9.62 0.24
CA VAL D 112 -43.46 -10.57 0.87
C VAL D 112 -43.25 -10.58 2.36
N ILE D 113 -44.32 -10.36 3.11
CA ILE D 113 -44.23 -10.33 4.58
C ILE D 113 -45.02 -11.49 5.16
N ALA D 114 -44.33 -12.36 5.89
CA ALA D 114 -45.01 -13.42 6.62
C ALA D 114 -45.61 -12.84 7.89
N LEU D 115 -46.91 -13.04 8.07
CA LEU D 115 -47.58 -12.65 9.32
C LEU D 115 -47.85 -13.92 10.09
N VAL D 116 -47.04 -14.17 11.10
CA VAL D 116 -47.09 -15.43 11.79
C VAL D 116 -47.80 -15.31 13.12
N ALA D 117 -48.98 -15.92 13.19
CA ALA D 117 -49.66 -16.15 14.48
C ALA D 117 -49.63 -17.64 14.72
N GLY D 118 -49.29 -18.06 15.93
CA GLY D 118 -49.20 -19.47 16.23
C GLY D 118 -48.09 -20.18 15.47
N TYR D 119 -48.35 -21.43 15.08
CA TYR D 119 -47.30 -22.33 14.60
C TYR D 119 -46.76 -22.03 13.20
N ALA D 120 -45.45 -21.83 13.11
CA ALA D 120 -44.73 -21.85 11.84
C ALA D 120 -43.69 -22.94 11.99
N ILE D 121 -44.05 -24.14 11.53
CA ILE D 121 -43.30 -25.35 11.86
C ILE D 121 -42.92 -26.12 10.57
N GLY D 122 -41.70 -26.66 10.54
CA GLY D 122 -41.21 -27.46 9.43
C GLY D 122 -41.14 -26.67 8.13
N GLY D 123 -41.71 -27.22 7.05
CA GLY D 123 -41.78 -26.48 5.80
C GLY D 123 -42.49 -25.14 5.99
N GLY D 124 -43.35 -25.08 7.00
CA GLY D 124 -44.02 -23.83 7.32
C GLY D 124 -43.05 -22.81 7.88
N HIS D 125 -42.05 -23.27 8.61
CA HIS D 125 -41.00 -22.39 9.11
C HIS D 125 -40.11 -21.89 7.96
N VAL D 126 -39.77 -22.77 7.05
CA VAL D 126 -38.94 -22.37 5.92
C VAL D 126 -39.67 -21.33 5.06
N LEU D 127 -40.98 -21.49 4.91
CA LEU D 127 -41.78 -20.50 4.19
C LEU D 127 -41.66 -19.11 4.82
N HIS D 128 -41.75 -19.05 6.15
CA HIS D 128 -41.61 -17.78 6.85
C HIS D 128 -40.20 -17.20 6.61
N LEU D 129 -39.19 -18.06 6.63
CA LEU D 129 -37.81 -17.62 6.43
C LEU D 129 -37.59 -16.98 5.07
N VAL D 130 -38.12 -17.59 4.01
CA VAL D 130 -37.85 -17.08 2.67
C VAL D 130 -38.65 -15.84 2.30
N CYS D 131 -39.73 -15.56 3.02
CA CYS D 131 -40.39 -14.26 2.88
C CYS D 131 -39.40 -13.18 3.26
N ASP D 132 -39.48 -12.03 2.58
CA ASP D 132 -38.56 -10.92 2.85
C ASP D 132 -38.49 -10.60 4.34
N LEU D 133 -39.67 -10.41 4.92
CA LEU D 133 -39.79 -9.97 6.31
C LEU D 133 -40.76 -10.86 7.06
N THR D 134 -40.64 -10.87 8.39
CA THR D 134 -41.58 -11.60 9.24
C THR D 134 -42.04 -10.76 10.43
N ILE D 135 -43.36 -10.61 10.55
CA ILE D 135 -43.96 -10.00 11.73
C ILE D 135 -44.65 -11.11 12.51
N ALA D 136 -44.37 -11.22 13.81
CA ALA D 136 -44.96 -12.27 14.62
C ALA D 136 -45.95 -11.71 15.62
N ALA D 137 -47.03 -12.46 15.86
CA ALA D 137 -47.94 -12.22 16.98
C ALA D 137 -47.31 -12.79 18.25
N ASP D 138 -47.79 -12.34 19.41
CA ASP D 138 -47.23 -12.78 20.70
C ASP D 138 -47.31 -14.28 20.89
N ASN D 139 -48.26 -14.90 20.20
CA ASN D 139 -48.51 -16.33 20.34
C ASN D 139 -47.76 -17.18 19.32
N ALA D 140 -46.86 -16.56 18.56
CA ALA D 140 -46.15 -17.29 17.52
C ALA D 140 -45.20 -18.35 18.10
N ILE D 141 -45.13 -19.50 17.44
CA ILE D 141 -44.22 -20.58 17.83
C ILE D 141 -43.48 -21.06 16.58
N PHE D 142 -42.16 -21.02 16.62
CA PHE D 142 -41.28 -21.33 15.47
C PHE D 142 -40.45 -22.59 15.69
N GLY D 143 -40.18 -23.33 14.62
CA GLY D 143 -39.27 -24.45 14.75
C GLY D 143 -39.20 -25.33 13.52
N GLN D 144 -38.16 -26.16 13.46
CA GLN D 144 -38.02 -27.18 12.41
C GLN D 144 -38.30 -28.53 13.06
N THR D 145 -38.68 -29.52 12.25
CA THR D 145 -39.01 -30.86 12.78
C THR D 145 -38.42 -31.99 11.95
N GLY D 146 -37.79 -31.63 10.83
CA GLY D 146 -37.29 -32.63 9.90
C GLY D 146 -36.70 -33.89 10.51
N PRO D 147 -35.62 -33.75 11.29
CA PRO D 147 -34.93 -34.91 11.86
C PRO D 147 -35.81 -35.75 12.76
N LYS D 148 -36.91 -35.17 13.22
CA LYS D 148 -37.87 -35.91 14.03
C LYS D 148 -38.90 -36.63 13.16
N VAL D 149 -39.33 -35.99 12.07
CA VAL D 149 -40.37 -36.57 11.22
C VAL D 149 -39.85 -37.16 9.91
N GLY D 150 -38.54 -37.33 9.81
CA GLY D 150 -37.95 -37.96 8.64
C GLY D 150 -37.93 -37.07 7.41
N SER D 151 -37.49 -35.84 7.60
CA SER D 151 -37.32 -34.91 6.50
C SER D 151 -36.20 -33.93 6.80
N PHE D 152 -35.84 -33.14 5.80
CA PHE D 152 -34.93 -32.02 5.97
C PHE D 152 -35.03 -31.04 4.80
N ASP D 153 -34.74 -29.79 5.08
CA ASP D 153 -34.61 -28.81 4.03
C ASP D 153 -33.19 -28.30 4.11
N GLY D 154 -32.33 -28.84 3.25
CA GLY D 154 -30.92 -28.51 3.27
C GLY D 154 -30.63 -27.40 2.29
N GLY D 155 -31.69 -26.77 1.80
CA GLY D 155 -31.55 -25.65 0.87
C GLY D 155 -31.65 -24.33 1.59
N PHE D 156 -32.66 -23.54 1.27
CA PHE D 156 -32.87 -22.26 1.94
C PHE D 156 -33.17 -22.49 3.42
N GLY D 157 -33.67 -23.69 3.74
CA GLY D 157 -33.99 -24.03 5.12
C GLY D 157 -32.77 -24.01 6.04
N SER D 158 -31.60 -24.27 5.46
CA SER D 158 -30.37 -24.34 6.22
C SER D 158 -29.48 -23.13 5.97
N SER D 159 -28.94 -23.04 4.74
CA SER D 159 -28.04 -21.95 4.37
C SER D 159 -28.62 -20.56 4.63
N TYR D 160 -29.83 -20.32 4.14
CA TYR D 160 -30.43 -19.00 4.28
C TYR D 160 -30.78 -18.70 5.74
N LEU D 161 -31.21 -19.72 6.48
CA LEU D 161 -31.41 -19.55 7.92
C LEU D 161 -30.12 -19.10 8.61
N ALA D 162 -29.00 -19.72 8.24
CA ALA D 162 -27.71 -19.32 8.78
C ALA D 162 -27.39 -17.85 8.47
N ARG D 163 -27.87 -17.37 7.32
CA ARG D 163 -27.67 -15.96 6.94
C ARG D 163 -28.54 -14.99 7.72
N ILE D 164 -29.41 -15.54 8.57
CA ILE D 164 -30.33 -14.75 9.38
C ILE D 164 -29.95 -14.78 10.87
N VAL D 165 -29.77 -16.00 11.40
CA VAL D 165 -29.52 -16.16 12.84
C VAL D 165 -28.09 -16.57 13.17
N GLY D 166 -27.26 -16.76 12.14
CA GLY D 166 -25.89 -17.22 12.35
C GLY D 166 -25.79 -18.73 12.43
N GLN D 167 -24.59 -19.26 12.22
CA GLN D 167 -24.42 -20.72 12.13
C GLN D 167 -24.74 -21.52 13.41
N LYS D 168 -24.38 -21.00 14.58
CA LYS D 168 -24.62 -21.70 15.84
C LYS D 168 -26.13 -21.91 16.08
N LYS D 169 -26.89 -20.85 15.98
CA LYS D 169 -28.32 -20.94 16.29
C LYS D 169 -29.08 -21.75 15.23
N ALA D 170 -28.66 -21.63 13.97
CA ALA D 170 -29.29 -22.34 12.86
C ALA D 170 -29.12 -23.85 13.04
N ARG D 171 -27.93 -24.29 13.45
CA ARG D 171 -27.68 -25.70 13.69
C ARG D 171 -28.52 -26.19 14.87
N GLU D 172 -28.59 -25.39 15.92
CA GLU D 172 -29.42 -25.74 17.07
C GLU D 172 -30.85 -26.01 16.69
N ILE D 173 -31.41 -25.06 15.93
CA ILE D 173 -32.78 -25.14 15.47
C ILE D 173 -33.09 -26.47 14.78
N TRP D 174 -32.20 -26.85 13.88
CA TRP D 174 -32.40 -28.07 13.10
C TRP D 174 -32.06 -29.36 13.84
N TYR D 175 -30.98 -29.36 14.62
CA TYR D 175 -30.52 -30.60 15.26
C TYR D 175 -31.44 -31.07 16.39
N LEU D 176 -31.92 -30.11 17.19
CA LEU D 176 -32.75 -30.44 18.35
C LEU D 176 -34.24 -30.39 18.10
N CYS D 177 -34.65 -29.65 17.07
CA CYS D 177 -36.08 -29.53 16.74
C CYS D 177 -36.92 -29.02 17.89
N ARG D 178 -36.40 -28.08 18.66
CA ARG D 178 -37.22 -27.46 19.69
C ARG D 178 -38.18 -26.41 19.12
N GLN D 179 -39.01 -25.84 19.97
CA GLN D 179 -39.92 -24.76 19.58
C GLN D 179 -39.45 -23.45 20.20
N TYR D 180 -39.67 -22.34 19.49
CA TYR D 180 -39.22 -21.03 19.95
C TYR D 180 -40.38 -20.06 19.97
N SER D 181 -40.43 -19.25 21.02
CA SER D 181 -41.46 -18.24 21.17
C SER D 181 -41.18 -17.07 20.24
N ALA D 182 -42.15 -16.17 20.11
CA ALA D 182 -41.96 -14.98 19.29
C ALA D 182 -40.77 -14.14 19.75
N GLN D 183 -40.65 -13.96 21.07
CA GLN D 183 -39.55 -13.18 21.64
C GLN D 183 -38.18 -13.80 21.35
N GLU D 184 -38.08 -15.11 21.51
CA GLU D 184 -36.85 -15.85 21.20
C GLU D 184 -36.50 -15.72 19.72
N ALA D 185 -37.51 -15.85 18.87
CA ALA D 185 -37.32 -15.73 17.43
C ALA D 185 -36.86 -14.32 17.03
N GLU D 186 -37.43 -13.32 17.69
CA GLU D 186 -37.04 -11.94 17.43
C GLU D 186 -35.61 -11.68 17.90
N ARG D 187 -35.28 -12.16 19.09
CA ARG D 187 -33.95 -11.93 19.65
C ARG D 187 -32.85 -12.57 18.80
N MET D 188 -33.16 -13.72 18.21
CA MET D 188 -32.14 -14.40 17.42
C MET D 188 -31.95 -13.80 16.02
N GLY D 189 -32.86 -12.92 15.63
CA GLY D 189 -32.71 -12.18 14.38
C GLY D 189 -33.64 -12.59 13.23
N MET D 190 -34.52 -13.55 13.46
CA MET D 190 -35.34 -14.06 12.35
C MET D 190 -36.77 -13.51 12.30
N VAL D 191 -37.13 -12.69 13.29
CA VAL D 191 -38.43 -12.04 13.28
C VAL D 191 -38.18 -10.54 13.40
N ASN D 192 -38.80 -9.75 12.52
CA ASN D 192 -38.54 -8.32 12.48
C ASN D 192 -39.17 -7.54 13.62
N THR D 193 -40.38 -7.94 13.98
CA THR D 193 -41.05 -7.35 15.14
C THR D 193 -42.15 -8.25 15.65
N VAL D 194 -42.58 -8.01 16.89
CA VAL D 194 -43.58 -8.82 17.56
C VAL D 194 -44.68 -7.90 18.08
N VAL D 195 -45.94 -8.26 17.84
CA VAL D 195 -47.06 -7.45 18.27
C VAL D 195 -48.15 -8.37 18.84
N PRO D 196 -49.13 -7.80 19.54
CA PRO D 196 -50.20 -8.65 20.06
C PRO D 196 -50.98 -9.32 18.93
N VAL D 197 -51.56 -10.47 19.23
CA VAL D 197 -52.29 -11.24 18.23
C VAL D 197 -53.31 -10.39 17.48
N ASP D 198 -54.11 -9.58 18.18
CA ASP D 198 -55.15 -8.81 17.47
C ASP D 198 -54.63 -7.56 16.75
N ARG D 199 -53.32 -7.31 16.81
CA ARG D 199 -52.71 -6.19 16.08
C ARG D 199 -51.87 -6.68 14.88
N LEU D 200 -51.77 -7.99 14.70
CA LEU D 200 -50.92 -8.56 13.66
C LEU D 200 -51.27 -8.08 12.25
N GLU D 201 -52.54 -8.18 11.86
CA GLU D 201 -52.87 -7.75 10.50
C GLU D 201 -52.64 -6.25 10.31
N GLU D 202 -53.00 -5.45 11.32
CA GLU D 202 -52.82 -4.00 11.21
C GLU D 202 -51.35 -3.63 11.11
N GLU D 203 -50.51 -4.36 11.82
CA GLU D 203 -49.07 -4.14 11.72
C GLU D 203 -48.58 -4.48 10.30
N GLY D 204 -49.03 -5.61 9.76
CA GLY D 204 -48.69 -5.99 8.40
C GLY D 204 -49.09 -4.93 7.39
N ILE D 205 -50.30 -4.42 7.53
CA ILE D 205 -50.79 -3.36 6.65
C ILE D 205 -49.95 -2.09 6.80
N GLN D 206 -49.59 -1.74 8.04
CA GLN D 206 -48.78 -0.56 8.29
C GLN D 206 -47.40 -0.67 7.63
N TRP D 207 -46.73 -1.81 7.80
CA TRP D 207 -45.44 -2.02 7.16
C TRP D 207 -45.57 -1.99 5.64
N ALA D 208 -46.61 -2.64 5.13
CA ALA D 208 -46.88 -2.64 3.69
C ALA D 208 -47.05 -1.22 3.16
N LYS D 209 -47.79 -0.38 3.89
CA LYS D 209 -48.04 1.00 3.45
C LYS D 209 -46.75 1.81 3.44
N GLU D 210 -45.87 1.56 4.40
CA GLU D 210 -44.55 2.20 4.41
C GLU D 210 -43.69 1.79 3.21
N ILE D 211 -43.88 0.56 2.72
CA ILE D 211 -43.15 0.13 1.52
C ILE D 211 -43.81 0.70 0.26
N LEU D 212 -45.14 0.74 0.26
CA LEU D 212 -45.90 1.17 -0.90
C LEU D 212 -45.69 2.64 -1.23
N SER D 213 -45.14 3.40 -0.29
CA SER D 213 -44.87 4.82 -0.56
C SER D 213 -43.47 5.05 -1.12
N LYS D 214 -42.74 3.96 -1.38
CA LYS D 214 -41.37 4.06 -1.87
C LYS D 214 -41.33 3.82 -3.38
N SER D 215 -40.13 3.98 -3.96
CA SER D 215 -39.92 3.74 -5.39
C SER D 215 -39.92 2.24 -5.69
N PRO D 216 -40.86 1.79 -6.54
CA PRO D 216 -40.90 0.38 -6.92
C PRO D 216 -39.58 -0.07 -7.57
N LEU D 217 -38.96 0.80 -8.35
CA LEU D 217 -37.68 0.43 -8.98
C LEU D 217 -36.60 0.26 -7.93
N ALA D 218 -36.58 1.14 -6.94
CA ALA D 218 -35.58 1.02 -5.90
C ALA D 218 -35.76 -0.29 -5.14
N ILE D 219 -37.00 -0.60 -4.78
CA ILE D 219 -37.29 -1.81 -4.01
C ILE D 219 -36.89 -3.10 -4.74
N ARG D 220 -37.24 -3.20 -6.02
CA ARG D 220 -36.89 -4.42 -6.77
C ARG D 220 -35.37 -4.59 -6.90
N CYS D 221 -34.64 -3.49 -7.09
CA CYS D 221 -33.19 -3.58 -7.19
C CYS D 221 -32.56 -4.03 -5.88
N LEU D 222 -33.10 -3.52 -4.78
CA LEU D 222 -32.62 -3.90 -3.44
C LEU D 222 -32.90 -5.36 -3.15
N LYS D 223 -34.10 -5.83 -3.48
CA LYS D 223 -34.41 -7.24 -3.25
C LYS D 223 -33.46 -8.15 -4.04
N ALA D 224 -33.20 -7.77 -5.29
CA ALA D 224 -32.28 -8.54 -6.10
C ALA D 224 -30.87 -8.55 -5.48
N ALA D 225 -30.47 -7.37 -5.00
CA ALA D 225 -29.14 -7.20 -4.41
C ALA D 225 -28.95 -8.09 -3.18
N PHE D 226 -30.00 -8.20 -2.36
CA PHE D 226 -29.94 -9.10 -1.21
C PHE D 226 -29.84 -10.56 -1.65
N ASN D 227 -30.62 -10.93 -2.66
CA ASN D 227 -30.52 -12.28 -3.20
C ASN D 227 -29.13 -12.57 -3.75
N ALA D 228 -28.53 -11.55 -4.36
CA ALA D 228 -27.21 -11.71 -4.99
C ALA D 228 -26.11 -12.04 -3.98
N ASP D 229 -26.34 -11.73 -2.70
CA ASP D 229 -25.36 -12.11 -1.68
C ASP D 229 -25.47 -13.59 -1.37
N CYS D 230 -26.51 -14.24 -1.87
CA CYS D 230 -26.73 -15.66 -1.55
C CYS D 230 -26.70 -16.59 -2.76
N ASP D 231 -27.22 -16.13 -3.89
CA ASP D 231 -27.62 -17.05 -4.96
C ASP D 231 -26.68 -17.06 -6.17
N GLY D 232 -25.42 -16.68 -5.94
CA GLY D 232 -24.42 -16.73 -7.00
C GLY D 232 -24.94 -16.16 -8.32
N GLN D 233 -24.76 -16.93 -9.39
CA GLN D 233 -25.15 -16.49 -10.73
C GLN D 233 -26.65 -16.25 -10.90
N ALA D 234 -27.46 -17.03 -10.20
CA ALA D 234 -28.90 -16.79 -10.25
C ALA D 234 -29.21 -15.40 -9.65
N GLY D 235 -28.49 -15.06 -8.60
CA GLY D 235 -28.58 -13.73 -8.01
C GLY D 235 -28.07 -12.64 -8.93
N LEU D 236 -26.95 -12.91 -9.61
CA LEU D 236 -26.45 -11.96 -10.59
C LEU D 236 -27.50 -11.73 -11.67
N GLN D 237 -28.17 -12.81 -12.08
CA GLN D 237 -29.21 -12.72 -13.11
C GLN D 237 -30.28 -11.72 -12.76
N GLU D 238 -30.71 -11.76 -11.50
CA GLU D 238 -31.77 -10.87 -11.04
C GLU D 238 -31.28 -9.44 -11.00
N LEU D 239 -30.08 -9.25 -10.46
CA LEU D 239 -29.52 -7.92 -10.32
C LEU D 239 -29.14 -7.32 -11.67
N ALA D 240 -28.43 -8.08 -12.49
CA ALA D 240 -28.10 -7.60 -13.83
C ALA D 240 -29.37 -7.41 -14.65
N GLY D 241 -30.37 -8.24 -14.38
CA GLY D 241 -31.67 -8.12 -15.05
C GLY D 241 -32.29 -6.75 -14.84
N ASN D 242 -32.16 -6.26 -13.61
CA ASN D 242 -32.65 -4.93 -13.28
C ASN D 242 -31.84 -3.82 -13.92
N ALA D 243 -30.52 -4.01 -14.00
CA ALA D 243 -29.68 -3.06 -14.73
C ALA D 243 -30.10 -3.01 -16.19
N THR D 244 -30.39 -4.17 -16.78
CA THR D 244 -30.86 -4.18 -18.17
C THR D 244 -32.15 -3.38 -18.30
N LEU D 245 -33.09 -3.67 -17.41
CA LEU D 245 -34.36 -2.96 -17.33
C LEU D 245 -34.16 -1.45 -17.32
N LEU D 246 -33.29 -0.99 -16.44
CA LEU D 246 -32.99 0.44 -16.31
C LEU D 246 -32.31 1.02 -17.55
N TYR D 247 -31.41 0.26 -18.15
CA TYR D 247 -30.71 0.67 -19.39
C TYR D 247 -31.71 0.79 -20.54
N TYR D 248 -32.73 -0.07 -20.54
CA TYR D 248 -33.79 -0.01 -21.54
C TYR D 248 -34.68 1.22 -21.39
N MET D 249 -34.38 2.08 -20.40
CA MET D 249 -35.13 3.31 -20.22
C MET D 249 -34.27 4.50 -20.63
N THR D 250 -33.09 4.22 -21.18
CA THR D 250 -32.17 5.29 -21.56
C THR D 250 -32.21 5.59 -23.06
N GLU D 251 -31.89 6.83 -23.42
CA GLU D 251 -31.78 7.23 -24.82
C GLU D 251 -30.59 6.52 -25.45
N GLU D 252 -29.51 6.42 -24.69
CA GLU D 252 -28.33 5.72 -25.18
C GLU D 252 -28.75 4.32 -25.62
N GLY D 253 -29.52 3.64 -24.78
CA GLY D 253 -29.96 2.29 -25.10
C GLY D 253 -30.84 2.27 -26.34
N SER D 254 -31.76 3.22 -26.43
CA SER D 254 -32.70 3.27 -27.54
C SER D 254 -32.02 3.49 -28.89
N GLU D 255 -30.91 4.23 -28.89
CA GLU D 255 -30.17 4.47 -30.13
C GLU D 255 -29.77 3.16 -30.79
N GLY D 256 -29.44 2.16 -29.98
CA GLY D 256 -29.09 0.85 -30.50
C GLY D 256 -30.26 0.18 -31.18
N LYS D 257 -31.44 0.26 -30.55
CA LYS D 257 -32.65 -0.35 -31.09
C LYS D 257 -33.05 0.30 -32.42
N GLN D 258 -33.12 1.63 -32.44
CA GLN D 258 -33.53 2.37 -33.63
C GLN D 258 -32.60 2.09 -34.80
N ALA D 259 -31.30 2.16 -34.54
CA ALA D 259 -30.31 1.89 -35.57
C ALA D 259 -30.54 0.54 -36.23
N PHE D 260 -30.78 -0.48 -35.42
CA PHE D 260 -31.03 -1.82 -35.96
C PHE D 260 -32.29 -1.83 -36.83
N LEU D 261 -33.37 -1.25 -36.31
CA LEU D 261 -34.64 -1.22 -37.03
C LEU D 261 -34.56 -0.44 -38.32
N GLU D 262 -33.75 0.61 -38.32
CA GLU D 262 -33.60 1.47 -39.49
C GLU D 262 -32.49 0.96 -40.42
N LYS D 263 -31.96 -0.22 -40.10
CA LYS D 263 -30.91 -0.84 -40.91
C LYS D 263 -29.76 0.13 -41.18
N ARG D 264 -29.31 0.78 -40.12
CA ARG D 264 -28.17 1.70 -40.18
C ARG D 264 -27.23 1.44 -38.99
N PRO D 265 -25.98 1.89 -39.11
CA PRO D 265 -25.08 1.75 -37.96
C PRO D 265 -25.54 2.65 -36.81
N PRO D 266 -25.45 2.14 -35.56
CA PRO D 266 -25.84 2.98 -34.43
C PRO D 266 -24.80 4.09 -34.26
N ASP D 267 -25.16 5.22 -33.68
CA ASP D 267 -24.21 6.29 -33.46
C ASP D 267 -24.15 6.65 -31.98
N PHE D 268 -23.18 6.06 -31.28
CA PHE D 268 -23.00 6.30 -29.85
C PHE D 268 -21.89 7.31 -29.61
N SER D 269 -21.49 8.02 -30.66
CA SER D 269 -20.30 8.88 -30.60
C SER D 269 -20.47 10.03 -29.60
N GLN D 270 -21.69 10.46 -29.37
CA GLN D 270 -21.99 11.57 -28.48
C GLN D 270 -21.91 11.17 -26.99
N TYR D 271 -21.97 9.88 -26.71
CA TYR D 271 -22.04 9.42 -25.31
C TYR D 271 -20.67 9.22 -24.66
N PRO D 272 -20.53 9.69 -23.41
CA PRO D 272 -19.26 9.67 -22.69
C PRO D 272 -18.91 8.32 -22.10
N TRP D 273 -17.61 8.10 -21.90
CA TRP D 273 -17.13 6.94 -21.16
C TRP D 273 -16.86 7.42 -19.74
N LEU D 274 -17.89 7.41 -18.91
CA LEU D 274 -17.77 7.98 -17.58
C LEU D 274 -16.81 7.14 -16.74
N PRO D 275 -16.29 7.75 -15.67
CA PRO D 275 -15.30 7.17 -14.75
C PRO D 275 -15.90 6.05 -13.90
N MET E 1 15.00 -45.27 -12.95
CA MET E 1 14.97 -44.76 -11.59
C MET E 1 15.19 -45.89 -10.59
N ASP E 2 15.86 -45.58 -9.48
CA ASP E 2 16.05 -46.58 -8.44
C ASP E 2 14.98 -46.38 -7.37
N TRP E 3 13.80 -46.92 -7.61
CA TRP E 3 12.69 -46.84 -6.65
C TRP E 3 12.96 -47.78 -5.49
N HIS E 4 12.67 -47.32 -4.28
CA HIS E 4 12.80 -48.15 -3.10
C HIS E 4 11.42 -48.33 -2.51
N ILE E 5 11.05 -49.56 -2.20
CA ILE E 5 9.79 -49.82 -1.52
C ILE E 5 9.77 -49.09 -0.18
N ALA E 6 8.66 -48.44 0.15
CA ALA E 6 8.62 -47.63 1.37
C ALA E 6 7.72 -48.26 2.42
N LYS E 7 6.74 -49.05 1.98
CA LYS E 7 5.85 -49.75 2.90
C LYS E 7 5.03 -50.77 2.14
N HIS E 8 4.65 -51.87 2.80
CA HIS E 8 3.94 -52.94 2.12
C HIS E 8 2.44 -52.86 2.36
N TYR E 9 1.69 -53.09 1.30
CA TYR E 9 0.22 -53.03 1.34
C TYR E 9 -0.36 -54.21 0.57
N ASP E 10 -1.67 -54.43 0.72
CA ASP E 10 -2.34 -55.50 0.00
C ASP E 10 -2.77 -55.10 -1.42
N ASP E 11 -3.30 -53.88 -1.57
CA ASP E 11 -3.95 -53.46 -2.82
C ASP E 11 -3.13 -52.47 -3.65
N ILE E 12 -2.03 -51.98 -3.09
CA ILE E 12 -1.24 -50.95 -3.76
C ILE E 12 0.24 -51.19 -3.55
N LEU E 13 1.05 -50.45 -4.30
CA LEU E 13 2.49 -50.48 -4.17
C LEU E 13 2.93 -49.06 -3.90
N TYR E 14 3.97 -48.91 -3.09
CA TYR E 14 4.38 -47.59 -2.66
C TYR E 14 5.90 -47.48 -2.65
N TYR E 15 6.42 -46.53 -3.43
CA TYR E 15 7.88 -46.37 -3.56
C TYR E 15 8.32 -44.93 -3.31
N LYS E 16 9.62 -44.76 -3.04
CA LYS E 16 10.24 -43.44 -2.95
C LYS E 16 11.59 -43.45 -3.68
N ALA E 17 11.95 -42.30 -4.24
CA ALA E 17 13.27 -42.06 -4.80
C ALA E 17 13.50 -40.56 -4.81
N GLY E 18 14.49 -40.11 -4.04
CA GLY E 18 14.73 -38.69 -3.89
C GLY E 18 13.51 -37.97 -3.34
N GLY E 19 13.14 -36.88 -3.99
CA GLY E 19 11.98 -36.11 -3.54
C GLY E 19 10.67 -36.56 -4.13
N ILE E 20 10.66 -37.73 -4.78
CA ILE E 20 9.46 -38.24 -5.43
C ILE E 20 8.93 -39.49 -4.74
N ALA E 21 7.62 -39.54 -4.55
CA ALA E 21 6.97 -40.77 -4.11
C ALA E 21 6.15 -41.32 -5.27
N LYS E 22 6.01 -42.64 -5.32
CA LYS E 22 5.19 -43.24 -6.36
C LYS E 22 4.18 -44.19 -5.72
N ILE E 23 2.91 -43.95 -6.02
CA ILE E 23 1.86 -44.78 -5.47
C ILE E 23 1.16 -45.49 -6.64
N VAL E 24 1.09 -46.81 -6.57
CA VAL E 24 0.55 -47.60 -7.67
C VAL E 24 -0.65 -48.41 -7.18
N ILE E 25 -1.81 -48.19 -7.80
CA ILE E 25 -2.99 -49.03 -7.50
C ILE E 25 -2.77 -50.37 -8.18
N ASN E 26 -2.86 -51.45 -7.41
CA ASN E 26 -2.43 -52.73 -7.94
C ASN E 26 -3.53 -53.79 -7.89
N ARG E 27 -4.64 -53.53 -8.58
CA ARG E 27 -5.71 -54.52 -8.70
C ARG E 27 -6.09 -54.65 -10.17
N PRO E 28 -5.12 -55.04 -11.01
CA PRO E 28 -5.32 -55.06 -12.46
C PRO E 28 -6.42 -56.01 -12.91
N HIS E 29 -6.78 -56.96 -12.05
CA HIS E 29 -7.86 -57.89 -12.37
C HIS E 29 -9.24 -57.23 -12.27
N LYS E 30 -9.28 -56.02 -11.73
CA LYS E 30 -10.51 -55.22 -11.64
C LYS E 30 -10.33 -53.89 -12.34
N ARG E 31 -9.42 -53.86 -13.31
CA ARG E 31 -9.03 -52.61 -13.96
C ARG E 31 -8.66 -51.58 -12.90
N ASN E 32 -8.00 -52.04 -11.83
CA ASN E 32 -7.56 -51.17 -10.75
C ASN E 32 -8.69 -50.40 -10.04
N ALA E 33 -9.84 -51.03 -9.95
CA ALA E 33 -10.95 -50.51 -9.15
C ALA E 33 -10.58 -50.50 -7.68
N PHE E 34 -11.06 -49.52 -6.93
CA PHE E 34 -10.79 -49.49 -5.49
C PHE E 34 -11.92 -50.08 -4.63
N ARG E 35 -11.54 -50.95 -3.70
CA ARG E 35 -12.46 -51.37 -2.64
C ARG E 35 -12.09 -50.55 -1.41
N PRO E 36 -12.92 -50.63 -0.36
CA PRO E 36 -12.63 -49.82 0.81
C PRO E 36 -11.19 -49.98 1.34
N GLN E 37 -10.63 -51.18 1.33
CA GLN E 37 -9.25 -51.36 1.80
C GLN E 37 -8.26 -50.62 0.90
N THR E 38 -8.55 -50.62 -0.40
CA THR E 38 -7.69 -49.90 -1.33
C THR E 38 -7.66 -48.41 -0.97
N VAL E 39 -8.83 -47.85 -0.66
CA VAL E 39 -8.89 -46.45 -0.30
C VAL E 39 -8.13 -46.17 1.01
N PHE E 40 -8.31 -47.05 2.00
CA PHE E 40 -7.58 -46.95 3.27
C PHE E 40 -6.06 -46.95 3.08
N GLU E 41 -5.58 -47.85 2.23
CA GLU E 41 -4.15 -47.97 1.94
C GLU E 41 -3.63 -46.76 1.16
N LEU E 42 -4.40 -46.32 0.16
CA LEU E 42 -4.07 -45.10 -0.58
C LEU E 42 -3.98 -43.91 0.38
N TYR E 43 -4.96 -43.80 1.27
CA TYR E 43 -4.97 -42.72 2.24
C TYR E 43 -3.70 -42.80 3.12
N ASP E 44 -3.38 -43.99 3.60
CA ASP E 44 -2.19 -44.19 4.44
C ASP E 44 -0.91 -43.78 3.69
N ALA E 45 -0.82 -44.19 2.43
CA ALA E 45 0.38 -43.88 1.64
C ALA E 45 0.52 -42.41 1.38
N PHE E 46 -0.58 -41.75 1.01
CA PHE E 46 -0.53 -40.30 0.83
C PHE E 46 -0.18 -39.57 2.13
N CYS E 47 -0.68 -40.06 3.26
CA CYS E 47 -0.30 -39.49 4.57
C CYS E 47 1.20 -39.62 4.85
N ASN E 48 1.74 -40.79 4.59
CA ASN E 48 3.18 -41.00 4.69
C ASN E 48 3.94 -40.01 3.81
N ALA E 49 3.53 -39.85 2.55
CA ALA E 49 4.20 -38.87 1.69
C ALA E 49 4.10 -37.46 2.28
N ARG E 50 2.93 -37.12 2.80
CA ARG E 50 2.73 -35.79 3.38
C ARG E 50 3.69 -35.55 4.55
N GLU E 51 3.93 -36.59 5.34
CA GLU E 51 4.75 -36.49 6.56
C GLU E 51 6.25 -36.55 6.28
N ASP E 52 6.61 -36.93 5.06
CA ASP E 52 8.03 -37.08 4.70
C ASP E 52 8.58 -35.75 4.18
N ASN E 53 9.44 -35.11 4.98
CA ASN E 53 9.98 -33.79 4.66
C ASN E 53 10.80 -33.75 3.37
N ARG E 54 11.17 -34.92 2.84
CA ARG E 54 12.00 -35.01 1.63
C ARG E 54 11.15 -35.10 0.36
N ILE E 55 9.89 -35.49 0.50
CA ILE E 55 9.01 -35.68 -0.64
C ILE E 55 8.23 -34.41 -0.99
N GLY E 56 8.38 -33.95 -2.24
CA GLY E 56 7.66 -32.78 -2.74
C GLY E 56 6.61 -33.13 -3.78
N VAL E 57 6.75 -34.30 -4.40
CA VAL E 57 5.86 -34.68 -5.49
C VAL E 57 5.48 -36.16 -5.37
N VAL E 58 4.21 -36.46 -5.59
CA VAL E 58 3.75 -37.84 -5.57
C VAL E 58 3.22 -38.18 -6.96
N LEU E 59 3.71 -39.29 -7.51
CA LEU E 59 3.17 -39.79 -8.76
C LEU E 59 2.12 -40.86 -8.45
N LEU E 60 0.90 -40.69 -8.98
CA LEU E 60 -0.14 -41.70 -8.77
C LEU E 60 -0.46 -42.38 -10.10
N THR E 61 -0.47 -43.72 -10.11
CA THR E 61 -0.70 -44.42 -11.37
C THR E 61 -1.26 -45.81 -11.08
N GLY E 62 -1.59 -46.54 -12.14
CA GLY E 62 -2.14 -47.89 -12.00
C GLY E 62 -1.18 -48.96 -12.49
N ALA E 63 -1.31 -50.18 -11.94
CA ALA E 63 -0.48 -51.29 -12.38
C ALA E 63 -0.90 -51.77 -13.76
N GLY E 64 0.08 -52.07 -14.61
CA GLY E 64 -0.22 -52.62 -15.93
C GLY E 64 1.04 -52.78 -16.75
N PRO E 65 0.91 -53.43 -17.91
CA PRO E 65 -0.36 -53.98 -18.40
C PRO E 65 -0.76 -55.27 -17.69
N HIS E 66 -2.05 -55.59 -17.77
CA HIS E 66 -2.63 -56.81 -17.20
C HIS E 66 -2.36 -57.97 -18.16
N SER E 67 -2.71 -59.19 -17.74
CA SER E 67 -2.44 -60.37 -18.56
C SER E 67 -3.15 -60.31 -19.91
N ASP E 68 -4.22 -59.53 -19.99
CA ASP E 68 -4.96 -59.38 -21.23
C ASP E 68 -4.38 -58.25 -22.08
N GLY E 69 -3.23 -57.72 -21.66
CA GLY E 69 -2.58 -56.64 -22.39
C GLY E 69 -3.12 -55.23 -22.15
N LYS E 70 -4.16 -55.10 -21.33
CA LYS E 70 -4.80 -53.79 -21.17
C LYS E 70 -4.23 -52.95 -20.01
N TYR E 71 -4.26 -51.64 -20.20
CA TYR E 71 -3.77 -50.70 -19.20
C TYR E 71 -4.92 -50.05 -18.45
N ALA E 72 -4.68 -49.68 -17.20
CA ALA E 72 -5.67 -48.96 -16.42
C ALA E 72 -5.06 -48.14 -15.29
N PHE E 73 -5.51 -46.90 -15.19
CA PHE E 73 -5.20 -46.03 -14.05
C PHE E 73 -6.11 -46.46 -12.90
N CYS E 74 -7.42 -46.41 -13.14
CA CYS E 74 -8.39 -46.77 -12.10
C CYS E 74 -9.82 -46.74 -12.66
N SER E 75 -10.57 -47.78 -12.33
CA SER E 75 -11.94 -47.92 -12.81
C SER E 75 -12.97 -47.54 -11.74
N GLY E 76 -12.51 -46.89 -10.67
CA GLY E 76 -13.45 -46.37 -9.68
C GLY E 76 -13.81 -47.39 -8.63
N GLY E 77 -14.97 -47.23 -8.01
CA GLY E 77 -15.38 -48.12 -6.95
C GLY E 77 -15.60 -49.55 -7.43
N ASP E 78 -15.08 -50.51 -6.67
CA ASP E 78 -15.26 -51.93 -6.97
C ASP E 78 -16.73 -52.34 -6.80
N GLN E 79 -17.42 -52.56 -7.92
CA GLN E 79 -18.85 -52.83 -7.91
C GLN E 79 -19.22 -54.16 -7.26
N SER E 80 -18.24 -55.05 -7.17
CA SER E 80 -18.46 -56.38 -6.59
C SER E 80 -18.60 -56.33 -5.07
N VAL E 81 -18.28 -55.18 -4.47
CA VAL E 81 -18.47 -55.03 -3.02
C VAL E 81 -19.50 -53.94 -2.70
N ARG E 82 -20.17 -53.44 -3.72
CA ARG E 82 -21.18 -52.39 -3.52
C ARG E 82 -22.46 -52.98 -2.94
N GLY E 83 -22.92 -52.42 -1.83
CA GLY E 83 -24.16 -52.85 -1.20
C GLY E 83 -25.01 -51.64 -0.85
N GLU E 84 -25.86 -51.79 0.16
CA GLU E 84 -26.80 -50.75 0.55
C GLU E 84 -26.09 -49.57 1.23
N GLY E 85 -26.16 -48.41 0.57
CA GLY E 85 -25.62 -47.18 1.13
C GLY E 85 -24.13 -46.96 0.94
N GLY E 86 -23.45 -47.86 0.24
CA GLY E 86 -22.02 -47.70 0.02
C GLY E 86 -21.26 -48.97 -0.33
N TYR E 87 -19.94 -48.89 -0.29
CA TYR E 87 -19.08 -50.05 -0.57
C TYR E 87 -18.73 -50.79 0.74
N ILE E 88 -19.11 -52.06 0.82
CA ILE E 88 -19.05 -52.82 2.08
C ILE E 88 -17.63 -53.32 2.40
N ASP E 89 -17.09 -52.88 3.54
CA ASP E 89 -15.79 -53.36 3.99
C ASP E 89 -15.92 -54.72 4.66
N ASP E 90 -14.80 -55.27 5.14
CA ASP E 90 -14.80 -56.64 5.65
C ASP E 90 -15.58 -56.80 6.95
N GLN E 91 -15.96 -55.69 7.56
CA GLN E 91 -16.73 -55.74 8.80
C GLN E 91 -18.21 -55.49 8.56
N GLY E 92 -18.58 -55.27 7.29
CA GLY E 92 -19.98 -55.07 6.95
C GLY E 92 -20.39 -53.60 6.94
N THR E 93 -19.41 -52.71 7.07
CA THR E 93 -19.73 -51.28 7.09
C THR E 93 -19.78 -50.69 5.68
N PRO E 94 -20.93 -50.10 5.31
CA PRO E 94 -20.99 -49.41 4.02
C PRO E 94 -20.13 -48.15 4.06
N ARG E 95 -19.30 -47.92 3.04
CA ARG E 95 -18.38 -46.78 3.04
C ARG E 95 -18.34 -46.02 1.72
N LEU E 96 -18.07 -44.73 1.82
CA LEU E 96 -17.77 -43.89 0.68
C LEU E 96 -16.46 -43.16 0.97
N ASN E 97 -15.46 -43.90 1.46
CA ASN E 97 -14.23 -43.27 1.95
C ASN E 97 -13.31 -42.67 0.90
N VAL E 98 -13.62 -42.88 -0.38
CA VAL E 98 -12.87 -42.20 -1.42
C VAL E 98 -13.03 -40.68 -1.26
N LEU E 99 -14.14 -40.26 -0.66
CA LEU E 99 -14.35 -38.83 -0.45
C LEU E 99 -13.25 -38.26 0.45
N ASP E 100 -12.85 -39.04 1.46
CA ASP E 100 -11.77 -38.62 2.35
C ASP E 100 -10.44 -38.58 1.60
N LEU E 101 -10.23 -39.58 0.75
CA LEU E 101 -9.01 -39.60 -0.07
C LEU E 101 -8.95 -38.42 -1.02
N GLN E 102 -10.09 -38.09 -1.62
CA GLN E 102 -10.16 -36.93 -2.49
C GLN E 102 -9.66 -35.67 -1.77
N ARG E 103 -10.15 -35.45 -0.55
CA ARG E 103 -9.76 -34.26 0.22
C ARG E 103 -8.27 -34.22 0.57
N LEU E 104 -7.72 -35.36 0.94
CA LEU E 104 -6.29 -35.44 1.27
C LEU E 104 -5.41 -35.09 0.06
N ILE E 105 -5.70 -35.70 -1.08
CA ILE E 105 -4.94 -35.40 -2.29
C ILE E 105 -5.06 -33.93 -2.63
N ARG E 106 -6.26 -33.40 -2.48
CA ARG E 106 -6.54 -32.01 -2.81
C ARG E 106 -5.82 -31.00 -1.91
N SER E 107 -5.76 -31.31 -0.62
CA SER E 107 -5.28 -30.37 0.38
C SER E 107 -3.80 -30.52 0.77
N MET E 108 -3.23 -31.72 0.62
CA MET E 108 -1.84 -31.92 1.02
C MET E 108 -0.91 -31.00 0.25
N PRO E 109 0.05 -30.40 0.97
CA PRO E 109 0.95 -29.38 0.43
C PRO E 109 2.10 -30.01 -0.34
N LYS E 110 1.79 -31.02 -1.15
CA LYS E 110 2.72 -31.61 -2.11
C LYS E 110 1.98 -31.72 -3.43
N VAL E 111 2.70 -31.60 -4.55
CA VAL E 111 2.05 -31.70 -5.85
C VAL E 111 1.78 -33.16 -6.18
N VAL E 112 0.55 -33.46 -6.57
CA VAL E 112 0.23 -34.83 -6.95
C VAL E 112 -0.01 -34.92 -8.45
N ILE E 113 0.70 -35.82 -9.11
CA ILE E 113 0.54 -35.98 -10.55
C ILE E 113 -0.07 -37.34 -10.87
N ALA E 114 -1.22 -37.34 -11.52
CA ALA E 114 -1.77 -38.59 -12.03
C ALA E 114 -1.06 -38.96 -13.33
N LEU E 115 -0.52 -40.18 -13.37
CA LEU E 115 0.06 -40.72 -14.60
C LEU E 115 -0.92 -41.76 -15.13
N VAL E 116 -1.65 -41.38 -16.17
CA VAL E 116 -2.74 -42.20 -16.68
C VAL E 116 -2.34 -42.96 -17.94
N ALA E 117 -2.25 -44.28 -17.82
CA ALA E 117 -2.17 -45.18 -18.97
C ALA E 117 -3.47 -45.97 -19.00
N GLY E 118 -4.06 -46.12 -20.18
CA GLY E 118 -5.32 -46.84 -20.27
C GLY E 118 -6.48 -46.14 -19.56
N TYR E 119 -7.35 -46.96 -18.96
CA TYR E 119 -8.62 -46.46 -18.45
C TYR E 119 -8.55 -45.64 -17.15
N ALA E 120 -9.08 -44.42 -17.20
CA ALA E 120 -9.38 -43.64 -16.01
C ALA E 120 -10.87 -43.37 -16.07
N ILE E 121 -11.63 -44.23 -15.39
CA ILE E 121 -13.08 -44.32 -15.55
C ILE E 121 -13.82 -44.23 -14.22
N GLY E 122 -14.97 -43.55 -14.20
CA GLY E 122 -15.79 -43.46 -13.01
C GLY E 122 -15.08 -42.77 -11.86
N GLY E 123 -15.11 -43.39 -10.68
CA GLY E 123 -14.39 -42.85 -9.54
C GLY E 123 -12.92 -42.69 -9.85
N GLY E 124 -12.43 -43.51 -10.78
CA GLY E 124 -11.04 -43.42 -11.20
C GLY E 124 -10.78 -42.13 -11.97
N HIS E 125 -11.79 -41.71 -12.72
CA HIS E 125 -11.67 -40.44 -13.45
C HIS E 125 -11.64 -39.25 -12.49
N VAL E 126 -12.48 -39.29 -11.45
CA VAL E 126 -12.48 -38.21 -10.47
C VAL E 126 -11.14 -38.15 -9.71
N LEU E 127 -10.55 -39.31 -9.43
CA LEU E 127 -9.22 -39.32 -8.81
C LEU E 127 -8.19 -38.61 -9.68
N HIS E 128 -8.22 -38.86 -10.98
CA HIS E 128 -7.29 -38.17 -11.89
C HIS E 128 -7.56 -36.69 -11.82
N LEU E 129 -8.84 -36.31 -11.80
CA LEU E 129 -9.20 -34.90 -11.77
C LEU E 129 -8.68 -34.14 -10.53
N VAL E 130 -8.83 -34.72 -9.35
CA VAL E 130 -8.41 -33.99 -8.14
C VAL E 130 -6.90 -33.95 -7.93
N CYS E 131 -6.17 -34.83 -8.60
CA CYS E 131 -4.72 -34.66 -8.64
C CYS E 131 -4.40 -33.30 -9.26
N ASP E 132 -3.35 -32.63 -8.77
CA ASP E 132 -2.96 -31.31 -9.28
C ASP E 132 -2.83 -31.32 -10.80
N LEU E 133 -2.09 -32.31 -11.29
CA LEU E 133 -1.75 -32.39 -12.72
C LEU E 133 -2.05 -33.78 -13.23
N THR E 134 -2.20 -33.91 -14.55
CA THR E 134 -2.36 -35.21 -15.18
C THR E 134 -1.47 -35.31 -16.42
N ILE E 135 -0.65 -36.34 -16.46
CA ILE E 135 0.10 -36.71 -17.64
C ILE E 135 -0.48 -38.00 -18.17
N ALA E 136 -0.84 -38.03 -19.46
CA ALA E 136 -1.48 -39.21 -20.06
C ALA E 136 -0.58 -39.92 -21.06
N ALA E 137 -0.66 -41.24 -21.11
CA ALA E 137 -0.07 -41.99 -22.23
C ALA E 137 -1.03 -41.86 -23.38
N ASP E 138 -0.52 -41.98 -24.61
CA ASP E 138 -1.37 -41.82 -25.78
C ASP E 138 -2.48 -42.88 -25.89
N ASN E 139 -2.35 -43.97 -25.12
CA ASN E 139 -3.41 -45.00 -25.07
C ASN E 139 -4.43 -44.76 -23.96
N ALA E 140 -4.34 -43.62 -23.28
CA ALA E 140 -5.25 -43.35 -22.17
C ALA E 140 -6.70 -43.13 -22.62
N ILE E 141 -7.63 -43.60 -21.80
CA ILE E 141 -9.07 -43.45 -22.07
C ILE E 141 -9.78 -42.91 -20.83
N PHE E 142 -10.46 -41.78 -21.00
CA PHE E 142 -11.11 -41.06 -19.89
C PHE E 142 -12.62 -41.09 -20.03
N GLY E 143 -13.33 -41.13 -18.90
CA GLY E 143 -14.77 -41.01 -18.93
C GLY E 143 -15.46 -41.25 -17.59
N GLN E 144 -16.72 -40.82 -17.49
CA GLN E 144 -17.54 -41.12 -16.31
C GLN E 144 -18.56 -42.15 -16.74
N THR E 145 -19.15 -42.85 -15.77
CA THR E 145 -20.13 -43.91 -16.04
C THR E 145 -21.34 -43.84 -15.11
N GLY E 146 -21.31 -42.92 -14.14
CA GLY E 146 -22.33 -42.89 -13.10
C GLY E 146 -23.76 -43.22 -13.52
N PRO E 147 -24.33 -42.39 -14.40
CA PRO E 147 -25.73 -42.59 -14.82
C PRO E 147 -26.01 -43.93 -15.50
N LYS E 148 -24.97 -44.62 -15.97
CA LYS E 148 -25.14 -45.95 -16.54
C LYS E 148 -25.08 -47.04 -15.47
N VAL E 149 -24.21 -46.86 -14.48
CA VAL E 149 -24.04 -47.89 -13.45
C VAL E 149 -24.70 -47.55 -12.13
N GLY E 150 -25.54 -46.53 -12.12
CA GLY E 150 -26.27 -46.20 -10.92
C GLY E 150 -25.44 -45.55 -9.82
N SER E 151 -24.66 -44.55 -10.21
CA SER E 151 -23.88 -43.79 -9.25
C SER E 151 -23.71 -42.37 -9.76
N PHE E 152 -23.19 -41.50 -8.92
CA PHE E 152 -22.77 -40.18 -9.37
C PHE E 152 -21.86 -39.54 -8.35
N ASP E 153 -20.99 -38.67 -8.84
CA ASP E 153 -20.14 -37.84 -7.98
C ASP E 153 -20.50 -36.39 -8.25
N GLY E 154 -21.33 -35.82 -7.38
CA GLY E 154 -21.81 -34.46 -7.56
C GLY E 154 -20.97 -33.45 -6.81
N GLY E 155 -19.83 -33.90 -6.28
CA GLY E 155 -18.91 -33.04 -5.57
C GLY E 155 -17.79 -32.56 -6.48
N PHE E 156 -16.57 -32.98 -6.18
CA PHE E 156 -15.47 -32.58 -7.05
C PHE E 156 -15.62 -33.16 -8.45
N GLY E 157 -16.34 -34.28 -8.57
CA GLY E 157 -16.54 -34.93 -9.85
C GLY E 157 -17.28 -34.05 -10.85
N SER E 158 -18.09 -33.14 -10.32
CA SER E 158 -18.89 -32.27 -11.18
C SER E 158 -18.36 -30.84 -11.19
N SER E 159 -18.47 -30.15 -10.06
CA SER E 159 -18.01 -28.77 -9.95
C SER E 159 -16.55 -28.56 -10.37
N TYR E 160 -15.64 -29.34 -9.80
CA TYR E 160 -14.23 -29.15 -10.08
C TYR E 160 -13.90 -29.50 -11.53
N LEU E 161 -14.56 -30.54 -12.06
CA LEU E 161 -14.41 -30.84 -13.48
C LEU E 161 -14.80 -29.64 -14.34
N ALA E 162 -15.89 -28.96 -13.97
CA ALA E 162 -16.32 -27.76 -14.70
C ALA E 162 -15.28 -26.64 -14.64
N ARG E 163 -14.53 -26.58 -13.55
CA ARG E 163 -13.47 -25.58 -13.40
C ARG E 163 -12.26 -25.95 -14.24
N ILE E 164 -12.32 -27.11 -14.88
CA ILE E 164 -11.22 -27.55 -15.73
C ILE E 164 -11.59 -27.48 -17.20
N VAL E 165 -12.72 -28.09 -17.57
CA VAL E 165 -13.10 -28.19 -18.99
C VAL E 165 -14.25 -27.25 -19.37
N GLY E 166 -14.80 -26.52 -18.39
CA GLY E 166 -15.95 -25.66 -18.63
C GLY E 166 -17.26 -26.42 -18.52
N GLN E 167 -18.36 -25.67 -18.32
CA GLN E 167 -19.65 -26.30 -18.03
C GLN E 167 -20.25 -27.17 -19.14
N LYS E 168 -20.13 -26.77 -20.41
CA LYS E 168 -20.70 -27.55 -21.52
C LYS E 168 -20.09 -28.94 -21.60
N LYS E 169 -18.75 -28.99 -21.63
CA LYS E 169 -18.05 -30.27 -21.76
C LYS E 169 -18.20 -31.14 -20.51
N ALA E 170 -18.24 -30.53 -19.33
CA ALA E 170 -18.40 -31.29 -18.10
C ALA E 170 -19.74 -32.03 -18.09
N ARG E 171 -20.80 -31.34 -18.51
CA ARG E 171 -22.13 -31.95 -18.58
C ARG E 171 -22.20 -33.06 -19.62
N GLU E 172 -21.58 -32.81 -20.77
CA GLU E 172 -21.52 -33.85 -21.79
C GLU E 172 -20.91 -35.13 -21.22
N ILE E 173 -19.76 -34.98 -20.57
CA ILE E 173 -19.04 -36.10 -19.98
C ILE E 173 -19.90 -36.94 -19.06
N TRP E 174 -20.66 -36.30 -18.17
CA TRP E 174 -21.47 -37.03 -17.21
C TRP E 174 -22.79 -37.59 -17.77
N TYR E 175 -23.45 -36.82 -18.63
CA TYR E 175 -24.78 -37.22 -19.09
C TYR E 175 -24.71 -38.39 -20.05
N LEU E 176 -23.74 -38.37 -20.96
CA LEU E 176 -23.70 -39.41 -21.99
C LEU E 176 -22.79 -40.60 -21.61
N CYS E 177 -21.83 -40.38 -20.72
CA CYS E 177 -20.93 -41.46 -20.32
C CYS E 177 -20.14 -42.06 -21.48
N ARG E 178 -19.70 -41.21 -22.40
CA ARG E 178 -18.82 -41.66 -23.48
C ARG E 178 -17.38 -41.82 -22.99
N GLN E 179 -16.51 -42.29 -23.90
CA GLN E 179 -15.10 -42.40 -23.60
C GLN E 179 -14.32 -41.37 -24.40
N TYR E 180 -13.25 -40.82 -23.84
CA TYR E 180 -12.45 -39.81 -24.53
C TYR E 180 -10.99 -40.23 -24.61
N SER E 181 -10.36 -39.97 -25.75
CA SER E 181 -8.95 -40.31 -25.96
C SER E 181 -8.05 -39.34 -25.21
N ALA E 182 -6.76 -39.68 -25.11
CA ALA E 182 -5.78 -38.80 -24.50
C ALA E 182 -5.74 -37.44 -25.19
N GLN E 183 -5.77 -37.46 -26.51
CA GLN E 183 -5.75 -36.24 -27.29
C GLN E 183 -7.02 -35.39 -27.04
N GLU E 184 -8.18 -36.04 -26.97
CA GLU E 184 -9.41 -35.32 -26.68
C GLU E 184 -9.37 -34.71 -25.29
N ALA E 185 -8.87 -35.49 -24.34
CA ALA E 185 -8.76 -35.00 -22.96
C ALA E 185 -7.81 -33.82 -22.86
N GLU E 186 -6.69 -33.85 -23.58
CA GLU E 186 -5.77 -32.71 -23.53
C GLU E 186 -6.40 -31.47 -24.17
N ARG E 187 -7.05 -31.66 -25.32
CA ARG E 187 -7.63 -30.53 -26.04
C ARG E 187 -8.70 -29.82 -25.19
N MET E 188 -9.44 -30.59 -24.41
CA MET E 188 -10.52 -30.02 -23.59
C MET E 188 -10.06 -29.36 -22.29
N GLY E 189 -8.79 -29.56 -21.95
CA GLY E 189 -8.17 -28.88 -20.83
C GLY E 189 -7.88 -29.71 -19.58
N MET E 190 -8.20 -31.01 -19.59
CA MET E 190 -8.07 -31.79 -18.35
C MET E 190 -6.83 -32.67 -18.25
N VAL E 191 -6.03 -32.70 -19.31
CA VAL E 191 -4.77 -33.41 -19.32
C VAL E 191 -3.67 -32.43 -19.69
N ASN E 192 -2.59 -32.39 -18.90
CA ASN E 192 -1.54 -31.40 -19.09
C ASN E 192 -0.62 -31.69 -20.28
N THR E 193 -0.35 -32.97 -20.51
CA THR E 193 0.45 -33.36 -21.68
C THR E 193 0.25 -34.85 -21.95
N VAL E 194 0.63 -35.28 -23.16
CA VAL E 194 0.43 -36.68 -23.57
C VAL E 194 1.75 -37.22 -24.13
N VAL E 195 2.11 -38.44 -23.76
CA VAL E 195 3.34 -39.07 -24.26
C VAL E 195 3.10 -40.54 -24.54
N PRO E 196 4.03 -41.19 -25.25
CA PRO E 196 3.86 -42.64 -25.44
C PRO E 196 3.89 -43.40 -24.11
N VAL E 197 3.22 -44.54 -24.07
CA VAL E 197 3.14 -45.35 -22.86
C VAL E 197 4.51 -45.58 -22.25
N ASP E 198 5.49 -45.85 -23.10
CA ASP E 198 6.83 -46.19 -22.65
C ASP E 198 7.60 -44.98 -22.13
N ARG E 199 7.02 -43.79 -22.28
CA ARG E 199 7.63 -42.56 -21.81
C ARG E 199 6.88 -42.01 -20.61
N LEU E 200 5.77 -42.65 -20.27
CA LEU E 200 4.89 -42.07 -19.24
C LEU E 200 5.59 -41.84 -17.90
N GLU E 201 6.24 -42.86 -17.36
CA GLU E 201 6.90 -42.67 -16.07
C GLU E 201 8.06 -41.67 -16.12
N GLU E 202 8.88 -41.70 -17.17
CA GLU E 202 9.98 -40.76 -17.26
C GLU E 202 9.50 -39.32 -17.40
N GLU E 203 8.38 -39.12 -18.09
CA GLU E 203 7.79 -37.78 -18.15
C GLU E 203 7.35 -37.34 -16.76
N GLY E 204 6.72 -38.24 -16.02
CA GLY E 204 6.31 -37.93 -14.66
C GLY E 204 7.51 -37.51 -13.83
N ILE E 205 8.58 -38.27 -13.95
CA ILE E 205 9.80 -37.98 -13.23
C ILE E 205 10.38 -36.63 -13.65
N GLN E 206 10.36 -36.34 -14.96
CA GLN E 206 10.83 -35.06 -15.46
C GLN E 206 10.03 -33.90 -14.88
N TRP E 207 8.71 -34.00 -14.93
CA TRP E 207 7.86 -32.96 -14.38
C TRP E 207 8.09 -32.84 -12.89
N ALA E 208 8.17 -33.98 -12.22
CA ALA E 208 8.41 -33.95 -10.79
C ALA E 208 9.70 -33.19 -10.46
N LYS E 209 10.77 -33.43 -11.23
CA LYS E 209 12.04 -32.78 -10.95
C LYS E 209 12.03 -31.27 -11.17
N GLU E 210 11.28 -30.81 -12.16
CA GLU E 210 11.13 -29.36 -12.38
C GLU E 210 10.44 -28.68 -11.19
N ILE E 211 9.56 -29.41 -10.53
CA ILE E 211 8.90 -28.88 -9.33
C ILE E 211 9.83 -28.98 -8.12
N LEU E 212 10.59 -30.08 -8.04
CA LEU E 212 11.46 -30.31 -6.88
C LEU E 212 12.61 -29.31 -6.77
N SER E 213 12.88 -28.59 -7.87
CA SER E 213 13.90 -27.54 -7.84
C SER E 213 13.35 -26.17 -7.46
N LYS E 214 12.06 -26.10 -7.11
CA LYS E 214 11.43 -24.82 -6.76
C LYS E 214 11.33 -24.67 -5.23
N SER E 215 10.88 -23.50 -4.77
CA SER E 215 10.70 -23.25 -3.32
C SER E 215 9.48 -23.97 -2.77
N PRO E 216 9.69 -24.87 -1.79
CA PRO E 216 8.57 -25.59 -1.20
C PRO E 216 7.50 -24.67 -0.61
N LEU E 217 7.94 -23.56 0.00
CA LEU E 217 6.97 -22.62 0.58
C LEU E 217 6.14 -21.95 -0.51
N ALA E 218 6.79 -21.62 -1.62
CA ALA E 218 6.06 -21.00 -2.73
C ALA E 218 5.00 -21.96 -3.27
N ILE E 219 5.41 -23.20 -3.49
CA ILE E 219 4.50 -24.22 -4.03
C ILE E 219 3.27 -24.46 -3.14
N ARG E 220 3.49 -24.65 -1.84
CA ARG E 220 2.36 -24.93 -0.95
C ARG E 220 1.38 -23.77 -0.91
N CYS E 221 1.89 -22.53 -0.97
CA CYS E 221 1.01 -21.35 -0.95
C CYS E 221 0.17 -21.28 -2.22
N LEU E 222 0.78 -21.58 -3.35
CA LEU E 222 0.07 -21.58 -4.61
C LEU E 222 -1.01 -22.68 -4.64
N LYS E 223 -0.69 -23.87 -4.15
CA LYS E 223 -1.68 -24.95 -4.12
C LYS E 223 -2.88 -24.54 -3.27
N ALA E 224 -2.61 -23.94 -2.11
CA ALA E 224 -3.72 -23.45 -1.29
C ALA E 224 -4.51 -22.37 -2.03
N ALA E 225 -3.81 -21.48 -2.72
CA ALA E 225 -4.45 -20.38 -3.46
C ALA E 225 -5.39 -20.88 -4.55
N PHE E 226 -4.99 -21.93 -5.24
CA PHE E 226 -5.84 -22.55 -6.24
C PHE E 226 -7.08 -23.18 -5.60
N ASN E 227 -6.90 -23.90 -4.49
CA ASN E 227 -8.05 -24.45 -3.77
C ASN E 227 -8.97 -23.35 -3.27
N ALA E 228 -8.37 -22.21 -2.91
CA ALA E 228 -9.17 -21.13 -2.34
C ALA E 228 -10.18 -20.58 -3.34
N ASP E 229 -9.93 -20.79 -4.64
CA ASP E 229 -10.89 -20.35 -5.67
C ASP E 229 -12.09 -21.27 -5.76
N CYS E 230 -11.99 -22.42 -5.08
CA CYS E 230 -13.05 -23.42 -5.18
C CYS E 230 -13.76 -23.70 -3.86
N ASP E 231 -13.01 -23.70 -2.75
CA ASP E 231 -13.47 -24.33 -1.51
C ASP E 231 -13.88 -23.39 -0.40
N GLY E 232 -14.28 -22.17 -0.76
CA GLY E 232 -14.78 -21.21 0.23
C GLY E 232 -13.92 -21.13 1.48
N GLN E 233 -14.55 -21.23 2.64
CA GLN E 233 -13.85 -21.05 3.92
C GLN E 233 -12.78 -22.11 4.18
N ALA E 234 -13.03 -23.30 3.67
CA ALA E 234 -12.05 -24.37 3.75
C ALA E 234 -10.83 -24.00 2.91
N GLY E 235 -11.05 -23.35 1.77
CA GLY E 235 -9.92 -22.85 0.99
C GLY E 235 -9.20 -21.73 1.72
N LEU E 236 -9.96 -20.82 2.32
CA LEU E 236 -9.39 -19.74 3.15
C LEU E 236 -8.58 -20.31 4.31
N GLN E 237 -9.07 -21.39 4.91
CA GLN E 237 -8.33 -22.05 5.99
C GLN E 237 -6.92 -22.45 5.55
N GLU E 238 -6.81 -23.02 4.33
CA GLU E 238 -5.50 -23.47 3.83
C GLU E 238 -4.62 -22.28 3.51
N LEU E 239 -5.19 -21.29 2.84
CA LEU E 239 -4.43 -20.11 2.43
C LEU E 239 -4.00 -19.27 3.62
N ALA E 240 -4.95 -18.96 4.50
CA ALA E 240 -4.64 -18.19 5.69
C ALA E 240 -3.67 -18.96 6.57
N GLY E 241 -3.85 -20.29 6.59
CA GLY E 241 -2.98 -21.20 7.33
C GLY E 241 -1.52 -21.07 6.92
N ASN E 242 -1.28 -20.90 5.63
CA ASN E 242 0.09 -20.67 5.17
C ASN E 242 0.59 -19.28 5.57
N ALA E 243 -0.31 -18.31 5.57
CA ALA E 243 0.06 -17.00 6.06
C ALA E 243 0.50 -17.08 7.52
N THR E 244 -0.25 -17.84 8.31
CA THR E 244 0.12 -18.04 9.73
C THR E 244 1.49 -18.69 9.85
N LEU E 245 1.70 -19.76 9.09
CA LEU E 245 3.00 -20.44 9.02
C LEU E 245 4.15 -19.47 8.79
N LEU E 246 4.03 -18.65 7.75
CA LEU E 246 5.05 -17.67 7.38
C LEU E 246 5.20 -16.60 8.48
N TYR E 247 4.08 -16.21 9.06
CA TYR E 247 4.10 -15.22 10.15
C TYR E 247 4.85 -15.79 11.34
N TYR E 248 4.75 -17.11 11.54
CA TYR E 248 5.46 -17.78 12.63
C TYR E 248 6.97 -17.89 12.37
N MET E 249 7.43 -17.31 11.25
CA MET E 249 8.86 -17.30 10.95
C MET E 249 9.42 -15.88 11.09
N THR E 250 8.58 -14.96 11.57
CA THR E 250 8.99 -13.56 11.73
C THR E 250 9.35 -13.20 13.16
N GLU E 251 10.22 -12.20 13.31
CA GLU E 251 10.58 -11.70 14.63
C GLU E 251 9.40 -10.99 15.27
N GLU E 252 8.65 -10.23 14.46
CA GLU E 252 7.51 -9.51 14.98
C GLU E 252 6.57 -10.49 15.70
N GLY E 253 6.31 -11.61 15.04
CA GLY E 253 5.43 -12.63 15.60
C GLY E 253 6.04 -13.22 16.86
N SER E 254 7.35 -13.45 16.83
CA SER E 254 8.03 -14.08 17.95
C SER E 254 7.98 -13.23 19.23
N GLU E 255 7.99 -11.91 19.07
CA GLU E 255 7.86 -10.99 20.21
C GLU E 255 6.57 -11.26 20.99
N GLY E 256 5.50 -11.60 20.26
CA GLY E 256 4.24 -11.91 20.92
C GLY E 256 4.37 -13.14 21.77
N LYS E 257 5.04 -14.16 21.23
CA LYS E 257 5.26 -15.42 21.92
C LYS E 257 6.13 -15.21 23.15
N GLN E 258 7.26 -14.56 22.94
CA GLN E 258 8.22 -14.32 24.00
C GLN E 258 7.60 -13.53 25.14
N ALA E 259 6.89 -12.46 24.81
CA ALA E 259 6.21 -11.66 25.82
C ALA E 259 5.27 -12.50 26.69
N PHE E 260 4.48 -13.38 26.06
CA PHE E 260 3.58 -14.21 26.86
C PHE E 260 4.34 -15.14 27.80
N LEU E 261 5.36 -15.82 27.28
CA LEU E 261 6.15 -16.75 28.08
C LEU E 261 6.89 -16.05 29.23
N GLU E 262 7.31 -14.81 28.98
CA GLU E 262 8.02 -14.03 30.00
C GLU E 262 7.08 -13.21 30.88
N LYS E 263 5.78 -13.38 30.70
CA LYS E 263 4.79 -12.68 31.52
C LYS E 263 4.99 -11.17 31.54
N ARG E 264 5.25 -10.58 30.37
CA ARG E 264 5.37 -9.12 30.25
C ARG E 264 4.52 -8.71 29.06
N PRO E 265 4.10 -7.43 29.03
CA PRO E 265 3.36 -6.95 27.86
C PRO E 265 4.26 -6.93 26.62
N PRO E 266 3.69 -7.28 25.46
CA PRO E 266 4.46 -7.28 24.21
C PRO E 266 4.82 -5.86 23.77
N ASP E 267 5.91 -5.72 23.02
CA ASP E 267 6.32 -4.42 22.51
C ASP E 267 6.49 -4.46 21.00
N PHE E 268 5.45 -4.03 20.30
CA PHE E 268 5.46 -4.01 18.85
C PHE E 268 5.74 -2.59 18.35
N SER E 269 6.22 -1.72 19.24
CA SER E 269 6.34 -0.29 18.93
C SER E 269 7.29 0.03 17.78
N GLN E 270 8.32 -0.81 17.57
CA GLN E 270 9.30 -0.54 16.52
C GLN E 270 8.74 -0.92 15.16
N TYR E 271 7.69 -1.75 15.14
CA TYR E 271 7.20 -2.30 13.89
C TYR E 271 6.21 -1.39 13.19
N PRO E 272 6.42 -1.16 11.89
CA PRO E 272 5.56 -0.20 11.17
C PRO E 272 4.19 -0.73 10.79
N TRP E 273 3.26 0.20 10.60
CA TRP E 273 1.96 -0.10 10.02
C TRP E 273 2.09 0.19 8.53
N LEU E 274 2.55 -0.82 7.78
CA LEU E 274 2.85 -0.64 6.36
C LEU E 274 1.60 -0.43 5.51
N PRO E 275 1.77 0.18 4.34
CA PRO E 275 0.63 0.50 3.46
C PRO E 275 -0.02 -0.74 2.85
N MET F 1 -1.73 5.72 -36.83
CA MET F 1 -2.41 6.51 -35.81
C MET F 1 -1.52 7.69 -35.41
N ASP F 2 -2.14 8.84 -35.11
CA ASP F 2 -1.39 10.01 -34.67
C ASP F 2 -1.41 10.10 -33.15
N TRP F 3 -0.50 9.40 -32.48
CA TRP F 3 -0.46 9.41 -31.03
C TRP F 3 0.04 10.76 -30.52
N HIS F 4 -0.60 11.25 -29.47
CA HIS F 4 -0.17 12.50 -28.85
C HIS F 4 0.29 12.19 -27.42
N ILE F 5 1.47 12.67 -27.06
CA ILE F 5 1.95 12.50 -25.69
C ILE F 5 0.94 13.15 -24.74
N ALA F 6 0.60 12.48 -23.64
CA ALA F 6 -0.46 12.98 -22.77
C ALA F 6 0.06 13.46 -21.42
N LYS F 7 1.17 12.88 -21.00
CA LYS F 7 1.82 13.26 -19.75
C LYS F 7 3.19 12.60 -19.70
N HIS F 8 4.15 13.25 -19.04
CA HIS F 8 5.52 12.72 -19.01
C HIS F 8 5.84 12.03 -17.69
N TYR F 9 6.52 10.89 -17.81
CA TYR F 9 6.89 10.06 -16.66
C TYR F 9 8.32 9.61 -16.85
N ASP F 10 8.92 9.03 -15.81
CA ASP F 10 10.28 8.50 -15.89
C ASP F 10 10.33 7.08 -16.46
N ASP F 11 9.40 6.24 -16.02
CA ASP F 11 9.46 4.80 -16.28
C ASP F 11 8.50 4.30 -17.36
N ILE F 12 7.63 5.18 -17.83
CA ILE F 12 6.59 4.77 -18.79
C ILE F 12 6.36 5.86 -19.80
N LEU F 13 5.63 5.54 -20.86
CA LEU F 13 5.22 6.51 -21.87
C LEU F 13 3.72 6.45 -21.97
N TYR F 14 3.08 7.59 -22.22
CA TYR F 14 1.63 7.67 -22.17
C TYR F 14 1.10 8.52 -23.32
N TYR F 15 0.26 7.94 -24.17
CA TYR F 15 -0.27 8.66 -25.31
C TYR F 15 -1.78 8.55 -25.41
N LYS F 16 -2.37 9.45 -26.17
CA LYS F 16 -3.79 9.38 -26.49
C LYS F 16 -4.02 9.67 -27.99
N ALA F 17 -5.04 9.05 -28.54
CA ALA F 17 -5.51 9.35 -29.89
C ALA F 17 -6.95 8.91 -30.02
N GLY F 18 -7.85 9.85 -30.26
CA GLY F 18 -9.26 9.54 -30.29
C GLY F 18 -9.73 8.95 -28.97
N GLY F 19 -10.46 7.84 -29.05
CA GLY F 19 -10.97 7.18 -27.85
C GLY F 19 -10.02 6.13 -27.27
N ILE F 20 -8.78 6.11 -27.76
CA ILE F 20 -7.80 5.12 -27.31
C ILE F 20 -6.66 5.78 -26.54
N ALA F 21 -6.29 5.19 -25.41
CA ALA F 21 -5.06 5.57 -24.71
C ALA F 21 -4.03 4.44 -24.88
N LYS F 22 -2.76 4.80 -24.89
CA LYS F 22 -1.68 3.81 -25.00
C LYS F 22 -0.68 4.02 -23.87
N ILE F 23 -0.47 2.98 -23.07
CA ILE F 23 0.45 3.03 -21.94
C ILE F 23 1.57 2.04 -22.19
N VAL F 24 2.80 2.53 -22.14
CA VAL F 24 3.95 1.73 -22.48
C VAL F 24 4.92 1.69 -21.31
N ILE F 25 5.20 0.49 -20.80
CA ILE F 25 6.20 0.33 -19.75
C ILE F 25 7.57 0.52 -20.40
N ASN F 26 8.37 1.42 -19.85
CA ASN F 26 9.61 1.85 -20.52
C ASN F 26 10.88 1.64 -19.72
N ARG F 27 11.16 0.38 -19.35
CA ARG F 27 12.44 0.04 -18.73
C ARG F 27 13.03 -1.18 -19.43
N PRO F 28 13.31 -1.03 -20.74
CA PRO F 28 13.74 -2.15 -21.58
C PRO F 28 15.07 -2.75 -21.13
N HIS F 29 15.84 -2.01 -20.34
CA HIS F 29 17.10 -2.52 -19.82
C HIS F 29 16.90 -3.56 -18.71
N LYS F 30 15.66 -3.69 -18.23
CA LYS F 30 15.32 -4.70 -17.25
C LYS F 30 14.21 -5.59 -17.79
N ARG F 31 14.10 -5.70 -19.11
CA ARG F 31 12.99 -6.41 -19.72
C ARG F 31 11.68 -5.86 -19.18
N ASN F 32 11.66 -4.55 -18.99
CA ASN F 32 10.46 -3.83 -18.55
C ASN F 32 9.90 -4.25 -17.20
N ALA F 33 10.78 -4.63 -16.29
CA ALA F 33 10.40 -4.90 -14.92
C ALA F 33 9.90 -3.62 -14.26
N PHE F 34 8.93 -3.76 -13.36
CA PHE F 34 8.44 -2.59 -12.64
C PHE F 34 9.05 -2.45 -11.25
N ARG F 35 9.55 -1.25 -10.95
CA ARG F 35 9.91 -0.88 -9.59
C ARG F 35 8.73 -0.08 -9.04
N PRO F 36 8.73 0.20 -7.72
CA PRO F 36 7.59 0.88 -7.10
C PRO F 36 7.21 2.16 -7.84
N GLN F 37 8.20 2.92 -8.30
CA GLN F 37 7.89 4.13 -9.06
C GLN F 37 7.17 3.82 -10.35
N THR F 38 7.56 2.72 -10.99
CA THR F 38 6.94 2.31 -12.24
C THR F 38 5.45 2.06 -12.01
N VAL F 39 5.15 1.38 -10.91
CA VAL F 39 3.76 1.06 -10.57
C VAL F 39 2.97 2.33 -10.28
N PHE F 40 3.57 3.26 -9.52
CA PHE F 40 2.95 4.55 -9.21
C PHE F 40 2.56 5.31 -10.49
N GLU F 41 3.45 5.28 -11.46
CA GLU F 41 3.24 5.97 -12.74
C GLU F 41 2.18 5.28 -13.59
N LEU F 42 2.25 3.95 -13.65
CA LEU F 42 1.22 3.17 -14.34
C LEU F 42 -0.15 3.48 -13.74
N TYR F 43 -0.23 3.48 -12.41
CA TYR F 43 -1.47 3.78 -11.69
C TYR F 43 -1.99 5.17 -12.03
N ASP F 44 -1.09 6.16 -12.02
CA ASP F 44 -1.46 7.52 -12.37
C ASP F 44 -2.01 7.61 -13.80
N ALA F 45 -1.34 6.95 -14.74
CA ALA F 45 -1.75 7.00 -16.13
C ALA F 45 -3.10 6.32 -16.34
N PHE F 46 -3.31 5.17 -15.72
CA PHE F 46 -4.61 4.51 -15.80
C PHE F 46 -5.73 5.34 -15.18
N CYS F 47 -5.45 6.03 -14.07
CA CYS F 47 -6.43 6.94 -13.45
C CYS F 47 -6.81 8.06 -14.40
N ASN F 48 -5.78 8.64 -15.03
CA ASN F 48 -5.98 9.68 -16.04
C ASN F 48 -6.88 9.14 -17.15
N ALA F 49 -6.56 7.95 -17.68
CA ALA F 49 -7.38 7.34 -18.71
C ALA F 49 -8.82 7.13 -18.20
N ARG F 50 -8.95 6.70 -16.96
CA ARG F 50 -10.27 6.51 -16.35
C ARG F 50 -11.07 7.82 -16.27
N GLU F 51 -10.37 8.90 -15.99
CA GLU F 51 -10.97 10.23 -15.79
C GLU F 51 -11.27 10.93 -17.11
N ASP F 52 -10.72 10.42 -18.21
CA ASP F 52 -10.89 11.07 -19.51
C ASP F 52 -12.15 10.53 -20.19
N ASN F 53 -13.18 11.37 -20.25
CA ASN F 53 -14.48 10.98 -20.79
C ASN F 53 -14.46 10.55 -22.27
N ARG F 54 -13.36 10.84 -22.96
CA ARG F 54 -13.22 10.49 -24.39
C ARG F 54 -12.59 9.10 -24.60
N ILE F 55 -11.88 8.62 -23.59
CA ILE F 55 -11.17 7.35 -23.70
C ILE F 55 -12.05 6.17 -23.31
N GLY F 56 -12.19 5.21 -24.23
CA GLY F 56 -12.97 4.02 -23.97
C GLY F 56 -12.13 2.78 -23.85
N VAL F 57 -10.92 2.83 -24.42
CA VAL F 57 -10.03 1.66 -24.48
C VAL F 57 -8.60 2.05 -24.18
N VAL F 58 -7.92 1.22 -23.40
CA VAL F 58 -6.52 1.46 -23.08
C VAL F 58 -5.72 0.30 -23.59
N LEU F 59 -4.68 0.60 -24.36
CA LEU F 59 -3.72 -0.38 -24.80
C LEU F 59 -2.50 -0.34 -23.89
N LEU F 60 -2.15 -1.47 -23.31
CA LEU F 60 -0.99 -1.59 -22.43
C LEU F 60 0.04 -2.48 -23.09
N THR F 61 1.28 -2.01 -23.15
CA THR F 61 2.33 -2.74 -23.86
C THR F 61 3.69 -2.39 -23.30
N GLY F 62 4.72 -3.05 -23.82
CA GLY F 62 6.09 -2.82 -23.36
C GLY F 62 6.96 -2.16 -24.40
N ALA F 63 7.95 -1.40 -23.96
CA ALA F 63 8.87 -0.76 -24.90
C ALA F 63 9.77 -1.81 -25.52
N GLY F 64 10.00 -1.68 -26.82
CA GLY F 64 10.89 -2.58 -27.52
C GLY F 64 10.88 -2.23 -28.99
N PRO F 65 11.80 -2.83 -29.75
CA PRO F 65 12.75 -3.79 -29.19
C PRO F 65 13.88 -3.08 -28.44
N HIS F 66 14.57 -3.83 -27.59
CA HIS F 66 15.70 -3.29 -26.85
C HIS F 66 16.94 -3.31 -27.74
N SER F 67 18.02 -2.73 -27.22
CA SER F 67 19.26 -2.64 -27.99
C SER F 67 19.77 -4.03 -28.38
N ASP F 68 19.34 -5.06 -27.66
CA ASP F 68 19.73 -6.44 -27.98
C ASP F 68 18.74 -7.12 -28.94
N GLY F 69 17.84 -6.34 -29.53
CA GLY F 69 16.85 -6.89 -30.46
C GLY F 69 15.65 -7.58 -29.83
N LYS F 70 15.62 -7.64 -28.50
CA LYS F 70 14.59 -8.40 -27.79
C LYS F 70 13.35 -7.58 -27.42
N TYR F 71 12.21 -8.25 -27.42
CA TYR F 71 10.94 -7.63 -27.03
C TYR F 71 10.52 -8.10 -25.64
N ALA F 72 9.81 -7.24 -24.93
CA ALA F 72 9.28 -7.60 -23.64
C ALA F 72 8.10 -6.73 -23.30
N PHE F 73 7.05 -7.39 -22.82
CA PHE F 73 5.86 -6.72 -22.29
C PHE F 73 6.20 -6.23 -20.89
N CYS F 74 6.59 -7.16 -20.03
CA CYS F 74 6.93 -6.85 -18.65
C CYS F 74 7.47 -8.12 -17.98
N SER F 75 8.54 -7.97 -17.22
CA SER F 75 9.17 -9.11 -16.56
C SER F 75 8.85 -9.19 -15.07
N GLY F 76 7.85 -8.45 -14.63
CA GLY F 76 7.39 -8.51 -13.25
C GLY F 76 8.14 -7.57 -12.33
N GLY F 77 8.15 -7.89 -11.04
CA GLY F 77 8.79 -7.02 -10.07
C GLY F 77 10.29 -6.95 -10.26
N ASP F 78 10.83 -5.72 -10.19
CA ASP F 78 12.27 -5.48 -10.34
C ASP F 78 13.04 -6.10 -9.18
N GLN F 79 13.70 -7.22 -9.44
CA GLN F 79 14.38 -7.97 -8.37
C GLN F 79 15.54 -7.21 -7.76
N SER F 80 16.05 -6.22 -8.50
CA SER F 80 17.20 -5.44 -8.05
C SER F 80 16.87 -4.46 -6.91
N VAL F 81 15.57 -4.23 -6.68
CA VAL F 81 15.15 -3.39 -5.56
C VAL F 81 14.32 -4.17 -4.53
N ARG F 82 14.28 -5.49 -4.66
CA ARG F 82 13.54 -6.31 -3.71
C ARG F 82 14.25 -6.44 -2.36
N GLY F 83 13.53 -6.18 -1.27
CA GLY F 83 14.07 -6.33 0.07
C GLY F 83 13.13 -7.07 1.00
N GLU F 84 13.31 -6.86 2.30
CA GLU F 84 12.53 -7.61 3.29
C GLU F 84 11.07 -7.14 3.31
N GLY F 85 10.17 -8.06 2.97
CA GLY F 85 8.73 -7.79 2.99
C GLY F 85 8.19 -7.13 1.72
N GLY F 86 9.04 -6.93 0.72
CA GLY F 86 8.56 -6.29 -0.50
C GLY F 86 9.60 -5.62 -1.37
N TYR F 87 9.14 -4.80 -2.31
CA TYR F 87 10.01 -4.03 -3.18
C TYR F 87 10.25 -2.67 -2.54
N ILE F 88 11.52 -2.37 -2.27
CA ILE F 88 11.87 -1.19 -1.50
C ILE F 88 11.82 0.06 -2.37
N ASP F 89 10.97 1.01 -1.98
CA ASP F 89 10.87 2.27 -2.70
C ASP F 89 12.00 3.22 -2.34
N ASP F 90 11.97 4.41 -2.92
CA ASP F 90 13.06 5.36 -2.76
C ASP F 90 13.10 5.96 -1.35
N GLN F 91 12.04 5.74 -0.58
CA GLN F 91 11.97 6.23 0.80
C GLN F 91 12.27 5.12 1.80
N GLY F 92 12.55 3.92 1.28
CA GLY F 92 12.92 2.79 2.12
C GLY F 92 11.75 1.92 2.56
N THR F 93 10.55 2.24 2.08
CA THR F 93 9.36 1.47 2.41
C THR F 93 9.15 0.29 1.46
N PRO F 94 9.01 -0.92 2.03
CA PRO F 94 8.71 -2.11 1.23
C PRO F 94 7.28 -2.09 0.68
N ARG F 95 7.13 -2.40 -0.61
CA ARG F 95 5.82 -2.26 -1.24
C ARG F 95 5.42 -3.44 -2.10
N LEU F 96 4.10 -3.64 -2.17
CA LEU F 96 3.49 -4.56 -3.10
C LEU F 96 2.41 -3.78 -3.84
N ASN F 97 2.74 -2.57 -4.27
CA ASN F 97 1.72 -1.69 -4.84
C ASN F 97 1.20 -2.14 -6.21
N VAL F 98 1.81 -3.16 -6.80
CA VAL F 98 1.22 -3.70 -8.01
C VAL F 98 -0.19 -4.27 -7.71
N LEU F 99 -0.43 -4.65 -6.47
CA LEU F 99 -1.75 -5.16 -6.10
C LEU F 99 -2.81 -4.07 -6.32
N ASP F 100 -2.47 -2.83 -5.99
CA ASP F 100 -3.39 -1.71 -6.25
C ASP F 100 -3.57 -1.48 -7.76
N LEU F 101 -2.49 -1.61 -8.52
CA LEU F 101 -2.59 -1.43 -9.97
C LEU F 101 -3.49 -2.49 -10.58
N GLN F 102 -3.34 -3.73 -10.12
CA GLN F 102 -4.19 -4.83 -10.55
C GLN F 102 -5.67 -4.51 -10.35
N ARG F 103 -6.03 -4.02 -9.16
CA ARG F 103 -7.42 -3.69 -8.87
C ARG F 103 -7.96 -2.56 -9.74
N LEU F 104 -7.12 -1.55 -9.98
CA LEU F 104 -7.52 -0.43 -10.84
C LEU F 104 -7.80 -0.91 -12.26
N ILE F 105 -6.87 -1.66 -12.85
CA ILE F 105 -7.09 -2.17 -14.20
C ILE F 105 -8.36 -3.03 -14.26
N ARG F 106 -8.55 -3.86 -13.25
CA ARG F 106 -9.68 -4.79 -13.23
C ARG F 106 -11.04 -4.10 -13.12
N SER F 107 -11.10 -3.04 -12.31
CA SER F 107 -12.35 -2.37 -11.99
C SER F 107 -12.71 -1.15 -12.85
N MET F 108 -11.72 -0.50 -13.48
CA MET F 108 -12.03 0.69 -14.27
C MET F 108 -12.99 0.35 -15.42
N PRO F 109 -14.00 1.21 -15.63
CA PRO F 109 -15.04 0.91 -16.61
C PRO F 109 -14.60 1.25 -18.02
N LYS F 110 -13.36 0.90 -18.37
CA LYS F 110 -12.88 1.03 -19.75
C LYS F 110 -12.22 -0.29 -20.06
N VAL F 111 -12.27 -0.71 -21.32
CA VAL F 111 -11.64 -1.98 -21.70
C VAL F 111 -10.13 -1.80 -21.79
N VAL F 112 -9.40 -2.68 -21.09
CA VAL F 112 -7.95 -2.65 -21.17
C VAL F 112 -7.42 -3.84 -21.96
N ILE F 113 -6.62 -3.58 -22.99
CA ILE F 113 -6.08 -4.66 -23.81
C ILE F 113 -4.57 -4.73 -23.66
N ALA F 114 -4.07 -5.87 -23.21
CA ALA F 114 -2.63 -6.09 -23.19
C ALA F 114 -2.15 -6.45 -24.58
N LEU F 115 -1.15 -5.70 -25.07
CA LEU F 115 -0.49 -6.00 -26.33
C LEU F 115 0.87 -6.58 -25.99
N VAL F 116 1.00 -7.89 -26.13
CA VAL F 116 2.19 -8.58 -25.66
C VAL F 116 3.10 -8.99 -26.80
N ALA F 117 4.26 -8.34 -26.88
CA ALA F 117 5.36 -8.78 -27.75
C ALA F 117 6.50 -9.25 -26.86
N GLY F 118 7.11 -10.38 -27.18
CA GLY F 118 8.16 -10.92 -26.33
C GLY F 118 7.63 -11.30 -24.95
N TYR F 119 8.45 -11.09 -23.92
CA TYR F 119 8.21 -11.65 -22.59
C TYR F 119 7.12 -10.98 -21.78
N ALA F 120 6.17 -11.80 -21.32
CA ALA F 120 5.24 -11.43 -20.25
C ALA F 120 5.42 -12.46 -19.16
N ILE F 121 6.27 -12.14 -18.18
CA ILE F 121 6.80 -13.10 -17.21
C ILE F 121 6.58 -12.63 -15.77
N GLY F 122 6.25 -13.56 -14.88
CA GLY F 122 6.07 -13.25 -13.47
C GLY F 122 4.94 -12.26 -13.26
N GLY F 123 5.21 -11.19 -12.48
CA GLY F 123 4.21 -10.16 -12.26
C GLY F 123 3.76 -9.55 -13.59
N GLY F 124 4.64 -9.63 -14.58
CA GLY F 124 4.29 -9.14 -15.91
C GLY F 124 3.24 -10.02 -16.55
N HIS F 125 3.29 -11.31 -16.23
CA HIS F 125 2.28 -12.24 -16.72
C HIS F 125 0.93 -11.97 -16.07
N VAL F 126 0.94 -11.72 -14.75
CA VAL F 126 -0.31 -11.45 -14.07
C VAL F 126 -0.97 -10.17 -14.58
N LEU F 127 -0.14 -9.17 -14.89
CA LEU F 127 -0.65 -7.94 -15.47
C LEU F 127 -1.38 -8.19 -16.78
N HIS F 128 -0.83 -9.04 -17.63
CA HIS F 128 -1.52 -9.35 -18.88
C HIS F 128 -2.85 -10.03 -18.58
N LEU F 129 -2.83 -10.92 -17.60
CA LEU F 129 -4.02 -11.66 -17.20
C LEU F 129 -5.17 -10.80 -16.74
N VAL F 130 -4.89 -9.79 -15.90
CA VAL F 130 -5.96 -8.95 -15.36
C VAL F 130 -6.50 -7.93 -16.36
N CYS F 131 -5.77 -7.64 -17.44
CA CYS F 131 -6.34 -6.89 -18.55
C CYS F 131 -7.53 -7.65 -19.11
N ASP F 132 -8.57 -6.94 -19.53
CA ASP F 132 -9.76 -7.59 -20.07
C ASP F 132 -9.40 -8.61 -21.15
N LEU F 133 -8.60 -8.16 -22.11
CA LEU F 133 -8.24 -8.97 -23.29
C LEU F 133 -6.74 -8.96 -23.47
N THR F 134 -6.23 -9.95 -24.21
CA THR F 134 -4.83 -9.97 -24.57
C THR F 134 -4.64 -10.30 -26.03
N ILE F 135 -3.93 -9.43 -26.75
CA ILE F 135 -3.51 -9.70 -28.13
C ILE F 135 -2.01 -9.94 -28.10
N ALA F 136 -1.58 -11.05 -28.68
CA ALA F 136 -0.16 -11.41 -28.67
C ALA F 136 0.46 -11.35 -30.05
N ALA F 137 1.71 -10.90 -30.11
CA ALA F 137 2.54 -11.06 -31.31
C ALA F 137 3.12 -12.47 -31.34
N ASP F 138 3.54 -12.94 -32.52
CA ASP F 138 4.08 -14.28 -32.72
C ASP F 138 5.28 -14.58 -31.86
N ASN F 139 5.97 -13.53 -31.42
CA ASN F 139 7.17 -13.73 -30.61
C ASN F 139 6.92 -13.71 -29.12
N ALA F 140 5.65 -13.64 -28.71
CA ALA F 140 5.35 -13.54 -27.28
C ALA F 140 5.69 -14.83 -26.53
N ILE F 141 6.16 -14.66 -25.30
CA ILE F 141 6.53 -15.76 -24.42
C ILE F 141 5.89 -15.51 -23.05
N PHE F 142 5.07 -16.45 -22.58
CA PHE F 142 4.31 -16.29 -21.33
C PHE F 142 4.81 -17.27 -20.27
N GLY F 143 4.78 -16.85 -19.01
CA GLY F 143 5.08 -17.76 -17.93
C GLY F 143 5.15 -17.10 -16.58
N GLN F 144 5.05 -17.92 -15.54
CA GLN F 144 5.26 -17.46 -14.17
C GLN F 144 6.60 -18.00 -13.71
N THR F 145 7.18 -17.36 -12.70
CA THR F 145 8.51 -17.72 -12.21
C THR F 145 8.59 -17.78 -10.69
N GLY F 146 7.50 -17.41 -10.04
CA GLY F 146 7.49 -17.30 -8.58
C GLY F 146 8.27 -18.35 -7.79
N PRO F 147 7.86 -19.62 -7.91
CA PRO F 147 8.53 -20.66 -7.11
C PRO F 147 10.01 -20.83 -7.42
N LYS F 148 10.46 -20.29 -8.55
CA LYS F 148 11.87 -20.32 -8.93
C LYS F 148 12.64 -19.11 -8.34
N VAL F 149 12.00 -17.94 -8.35
CA VAL F 149 12.66 -16.71 -7.89
C VAL F 149 12.22 -16.26 -6.49
N GLY F 150 11.55 -17.14 -5.77
CA GLY F 150 11.15 -16.86 -4.39
C GLY F 150 10.00 -15.87 -4.30
N SER F 151 8.96 -16.09 -5.08
CA SER F 151 7.76 -15.25 -5.02
C SER F 151 6.53 -16.06 -5.41
N PHE F 152 5.35 -15.48 -5.22
CA PHE F 152 4.12 -16.08 -5.76
C PHE F 152 3.03 -15.01 -5.77
N ASP F 153 2.08 -15.17 -6.68
CA ASP F 153 0.87 -14.35 -6.69
C ASP F 153 -0.31 -15.30 -6.51
N GLY F 154 -0.79 -15.39 -5.28
CA GLY F 154 -1.88 -16.30 -4.96
C GLY F 154 -3.22 -15.60 -5.01
N GLY F 155 -3.23 -14.39 -5.57
CA GLY F 155 -4.46 -13.63 -5.74
C GLY F 155 -4.99 -13.83 -7.14
N PHE F 156 -5.07 -12.76 -7.91
CA PHE F 156 -5.53 -12.87 -9.29
C PHE F 156 -4.59 -13.74 -10.10
N GLY F 157 -3.33 -13.81 -9.70
CA GLY F 157 -2.35 -14.62 -10.44
C GLY F 157 -2.72 -16.08 -10.49
N SER F 158 -3.47 -16.54 -9.49
CA SER F 158 -3.84 -17.95 -9.40
C SER F 158 -5.32 -18.17 -9.75
N SER F 159 -6.20 -17.70 -8.88
CA SER F 159 -7.63 -17.89 -9.05
C SER F 159 -8.14 -17.38 -10.40
N TYR F 160 -7.79 -16.14 -10.75
CA TYR F 160 -8.32 -15.57 -11.97
C TYR F 160 -7.75 -16.28 -13.20
N LEU F 161 -6.49 -16.70 -13.09
CA LEU F 161 -5.87 -17.51 -14.15
C LEU F 161 -6.64 -18.82 -14.36
N ALA F 162 -7.04 -19.47 -13.27
CA ALA F 162 -7.86 -20.68 -13.38
C ALA F 162 -9.20 -20.41 -14.06
N ARG F 163 -9.73 -19.20 -13.90
CA ARG F 163 -11.00 -18.84 -14.56
C ARG F 163 -10.78 -18.58 -16.05
N ILE F 164 -9.53 -18.66 -16.50
CA ILE F 164 -9.22 -18.43 -17.91
C ILE F 164 -8.82 -19.73 -18.60
N VAL F 165 -7.87 -20.46 -18.01
CA VAL F 165 -7.31 -21.64 -18.66
C VAL F 165 -7.73 -22.95 -17.98
N GLY F 166 -8.50 -22.85 -16.90
CA GLY F 166 -8.89 -24.04 -16.13
C GLY F 166 -7.86 -24.43 -15.09
N GLN F 167 -8.27 -25.22 -14.09
CA GLN F 167 -7.41 -25.54 -12.95
C GLN F 167 -6.15 -26.33 -13.30
N LYS F 168 -6.27 -27.31 -14.20
CA LYS F 168 -5.12 -28.16 -14.54
C LYS F 168 -4.00 -27.34 -15.16
N LYS F 169 -4.35 -26.54 -16.18
CA LYS F 169 -3.33 -25.77 -16.88
C LYS F 169 -2.77 -24.65 -16.00
N ALA F 170 -3.62 -24.03 -15.17
CA ALA F 170 -3.18 -22.96 -14.25
C ALA F 170 -2.16 -23.47 -13.25
N ARG F 171 -2.40 -24.66 -12.70
CA ARG F 171 -1.44 -25.23 -11.76
C ARG F 171 -0.10 -25.56 -12.44
N GLU F 172 -0.19 -26.13 -13.63
CA GLU F 172 1.02 -26.43 -14.39
C GLU F 172 1.88 -25.19 -14.58
N ILE F 173 1.23 -24.12 -15.03
CA ILE F 173 1.91 -22.86 -15.27
C ILE F 173 2.74 -22.42 -14.06
N TRP F 174 2.14 -22.49 -12.87
CA TRP F 174 2.80 -22.04 -11.64
C TRP F 174 3.81 -23.03 -11.04
N TYR F 175 3.49 -24.31 -11.09
CA TYR F 175 4.35 -25.29 -10.42
C TYR F 175 5.67 -25.50 -11.16
N LEU F 176 5.61 -25.51 -12.49
CA LEU F 176 6.80 -25.83 -13.28
C LEU F 176 7.56 -24.60 -13.76
N CYS F 177 6.86 -23.46 -13.84
CA CYS F 177 7.50 -22.22 -14.31
C CYS F 177 8.10 -22.37 -15.70
N ARG F 178 7.44 -23.09 -16.59
CA ARG F 178 7.91 -23.16 -17.97
C ARG F 178 7.52 -21.90 -18.72
N GLN F 179 7.96 -21.80 -19.97
CA GLN F 179 7.58 -20.68 -20.84
C GLN F 179 6.66 -21.20 -21.91
N TYR F 180 5.71 -20.38 -22.34
CA TYR F 180 4.72 -20.80 -23.32
C TYR F 180 4.72 -19.86 -24.49
N SER F 181 4.62 -20.41 -25.70
CA SER F 181 4.56 -19.60 -26.91
C SER F 181 3.20 -18.95 -27.04
N ALA F 182 3.11 -18.00 -27.96
CA ALA F 182 1.85 -17.34 -28.26
C ALA F 182 0.76 -18.31 -28.69
N GLN F 183 1.12 -19.26 -29.56
CA GLN F 183 0.14 -20.26 -30.02
C GLN F 183 -0.37 -21.11 -28.87
N GLU F 184 0.55 -21.51 -28.00
CA GLU F 184 0.18 -22.28 -26.81
C GLU F 184 -0.73 -21.46 -25.88
N ALA F 185 -0.38 -20.18 -25.69
CA ALA F 185 -1.17 -19.28 -24.85
C ALA F 185 -2.57 -19.10 -25.39
N GLU F 186 -2.66 -19.01 -26.72
CA GLU F 186 -3.97 -18.88 -27.37
C GLU F 186 -4.81 -20.16 -27.24
N ARG F 187 -4.17 -21.30 -27.44
CA ARG F 187 -4.87 -22.57 -27.40
C ARG F 187 -5.45 -22.87 -26.02
N MET F 188 -4.72 -22.47 -24.99
CA MET F 188 -5.15 -22.71 -23.62
C MET F 188 -6.20 -21.73 -23.11
N GLY F 189 -6.43 -20.66 -23.86
CA GLY F 189 -7.53 -19.75 -23.59
C GLY F 189 -7.19 -18.38 -23.02
N MET F 190 -5.91 -18.08 -22.83
CA MET F 190 -5.55 -16.83 -22.16
C MET F 190 -5.11 -15.71 -23.09
N VAL F 191 -5.04 -16.01 -24.38
CA VAL F 191 -4.71 -15.00 -25.38
C VAL F 191 -5.82 -15.00 -26.41
N ASN F 192 -6.35 -13.81 -26.70
CA ASN F 192 -7.52 -13.71 -27.58
C ASN F 192 -7.20 -13.90 -29.06
N THR F 193 -6.06 -13.39 -29.47
CA THR F 193 -5.65 -13.61 -30.84
C THR F 193 -4.16 -13.39 -30.96
N VAL F 194 -3.56 -13.90 -32.04
CA VAL F 194 -2.12 -13.81 -32.28
C VAL F 194 -1.89 -13.21 -33.65
N VAL F 195 -0.97 -12.27 -33.75
CA VAL F 195 -0.66 -11.64 -35.04
C VAL F 195 0.84 -11.45 -35.16
N PRO F 196 1.33 -11.11 -36.37
CA PRO F 196 2.78 -10.86 -36.49
C PRO F 196 3.21 -9.67 -35.64
N VAL F 197 4.46 -9.68 -35.19
CA VAL F 197 4.98 -8.62 -34.30
C VAL F 197 4.70 -7.22 -34.84
N ASP F 198 4.95 -7.01 -36.13
CA ASP F 198 4.79 -5.65 -36.66
C ASP F 198 3.34 -5.29 -36.93
N ARG F 199 2.42 -6.23 -36.68
CA ARG F 199 0.99 -5.94 -36.83
C ARG F 199 0.28 -5.81 -35.47
N LEU F 200 1.02 -5.98 -34.39
CA LEU F 200 0.43 -5.98 -33.05
C LEU F 200 -0.31 -4.68 -32.70
N GLU F 201 0.33 -3.52 -32.88
CA GLU F 201 -0.35 -2.28 -32.50
C GLU F 201 -1.58 -2.03 -33.36
N GLU F 202 -1.48 -2.32 -34.65
CA GLU F 202 -2.63 -2.13 -35.55
C GLU F 202 -3.79 -3.04 -35.18
N GLU F 203 -3.47 -4.26 -34.72
CA GLU F 203 -4.51 -5.17 -34.25
C GLU F 203 -5.18 -4.61 -32.99
N GLY F 204 -4.37 -4.12 -32.06
CA GLY F 204 -4.90 -3.46 -30.89
C GLY F 204 -5.82 -2.29 -31.23
N ILE F 205 -5.38 -1.47 -32.17
CA ILE F 205 -6.17 -0.32 -32.61
C ILE F 205 -7.51 -0.74 -33.23
N GLN F 206 -7.48 -1.78 -34.05
CA GLN F 206 -8.70 -2.30 -34.69
C GLN F 206 -9.71 -2.84 -33.66
N TRP F 207 -9.22 -3.65 -32.71
CA TRP F 207 -10.09 -4.17 -31.66
C TRP F 207 -10.69 -3.03 -30.83
N ALA F 208 -9.85 -2.06 -30.50
CA ALA F 208 -10.28 -0.87 -29.78
C ALA F 208 -11.40 -0.13 -30.51
N LYS F 209 -11.26 0.02 -31.82
CA LYS F 209 -12.26 0.74 -32.61
C LYS F 209 -13.61 0.02 -32.63
N GLU F 210 -13.57 -1.32 -32.65
CA GLU F 210 -14.79 -2.11 -32.61
C GLU F 210 -15.53 -1.96 -31.29
N ILE F 211 -14.78 -1.74 -30.21
CA ILE F 211 -15.37 -1.47 -28.89
C ILE F 211 -15.87 -0.02 -28.84
N LEU F 212 -15.11 0.88 -29.44
CA LEU F 212 -15.45 2.31 -29.40
C LEU F 212 -16.73 2.65 -30.18
N SER F 213 -17.15 1.74 -31.06
CA SER F 213 -18.39 1.93 -31.83
C SER F 213 -19.60 1.40 -31.07
N LYS F 214 -19.37 0.93 -29.85
CA LYS F 214 -20.42 0.35 -29.00
C LYS F 214 -20.90 1.32 -27.92
N SER F 215 -21.98 0.95 -27.22
CA SER F 215 -22.52 1.75 -26.12
C SER F 215 -21.66 1.66 -24.88
N PRO F 216 -21.14 2.82 -24.42
CA PRO F 216 -20.31 2.84 -23.21
C PRO F 216 -21.03 2.30 -21.99
N LEU F 217 -22.33 2.57 -21.86
CA LEU F 217 -23.06 2.07 -20.70
C LEU F 217 -23.15 0.56 -20.77
N ALA F 218 -23.39 0.04 -21.96
CA ALA F 218 -23.49 -1.41 -22.10
C ALA F 218 -22.16 -2.07 -21.76
N ILE F 219 -21.06 -1.50 -22.27
CA ILE F 219 -19.72 -2.06 -22.02
C ILE F 219 -19.36 -2.07 -20.53
N ARG F 220 -19.59 -0.97 -19.82
CA ARG F 220 -19.28 -0.90 -18.40
C ARG F 220 -20.10 -1.89 -17.57
N CYS F 221 -21.37 -2.04 -17.92
CA CYS F 221 -22.23 -2.98 -17.21
C CYS F 221 -21.72 -4.40 -17.39
N LEU F 222 -21.29 -4.69 -18.60
CA LEU F 222 -20.75 -6.01 -18.88
C LEU F 222 -19.45 -6.27 -18.12
N LYS F 223 -18.57 -5.29 -18.09
CA LYS F 223 -17.30 -5.49 -17.37
C LYS F 223 -17.57 -5.76 -15.90
N ALA F 224 -18.51 -5.01 -15.31
CA ALA F 224 -18.87 -5.24 -13.92
C ALA F 224 -19.44 -6.65 -13.73
N ALA F 225 -20.28 -7.07 -14.68
CA ALA F 225 -20.90 -8.39 -14.62
C ALA F 225 -19.89 -9.53 -14.63
N PHE F 226 -18.85 -9.38 -15.45
CA PHE F 226 -17.78 -10.36 -15.48
C PHE F 226 -17.01 -10.41 -14.16
N ASN F 227 -16.69 -9.24 -13.62
CA ASN F 227 -16.04 -9.18 -12.31
C ASN F 227 -16.90 -9.80 -11.24
N ALA F 228 -18.21 -9.62 -11.38
CA ALA F 228 -19.14 -10.12 -10.37
C ALA F 228 -19.15 -11.63 -10.26
N ASP F 229 -18.70 -12.33 -11.30
CA ASP F 229 -18.61 -13.78 -11.22
C ASP F 229 -17.39 -14.19 -10.41
N CYS F 230 -16.53 -13.21 -10.11
CA CYS F 230 -15.26 -13.50 -9.42
C CYS F 230 -15.08 -12.88 -8.02
N ASP F 231 -15.58 -11.66 -7.84
CA ASP F 231 -15.15 -10.81 -6.74
C ASP F 231 -16.19 -10.63 -5.64
N GLY F 232 -17.11 -11.59 -5.54
CA GLY F 232 -18.11 -11.56 -4.47
C GLY F 232 -18.74 -10.18 -4.30
N GLN F 233 -18.76 -9.69 -3.05
CA GLN F 233 -19.41 -8.42 -2.75
C GLN F 233 -18.76 -7.23 -3.46
N ALA F 234 -17.44 -7.30 -3.68
CA ALA F 234 -16.77 -6.22 -4.42
C ALA F 234 -17.28 -6.19 -5.84
N GLY F 235 -17.52 -7.37 -6.40
CA GLY F 235 -18.13 -7.47 -7.71
C GLY F 235 -19.56 -6.94 -7.71
N LEU F 236 -20.33 -7.27 -6.68
CA LEU F 236 -21.69 -6.75 -6.53
C LEU F 236 -21.69 -5.24 -6.46
N GLN F 237 -20.71 -4.70 -5.76
CA GLN F 237 -20.58 -3.26 -5.63
C GLN F 237 -20.52 -2.62 -7.01
N GLU F 238 -19.72 -3.21 -7.89
CA GLU F 238 -19.54 -2.64 -9.23
C GLU F 238 -20.81 -2.78 -10.06
N LEU F 239 -21.43 -3.95 -9.99
CA LEU F 239 -22.63 -4.21 -10.79
C LEU F 239 -23.81 -3.40 -10.26
N ALA F 240 -24.03 -3.45 -8.95
CA ALA F 240 -25.09 -2.66 -8.35
C ALA F 240 -24.83 -1.17 -8.54
N GLY F 241 -23.55 -0.77 -8.50
CA GLY F 241 -23.20 0.62 -8.72
C GLY F 241 -23.70 1.10 -10.08
N ASN F 242 -23.60 0.23 -11.08
CA ASN F 242 -24.09 0.56 -12.40
C ASN F 242 -25.61 0.61 -12.49
N ALA F 243 -26.29 -0.25 -11.74
CA ALA F 243 -27.75 -0.17 -11.65
C ALA F 243 -28.14 1.17 -11.05
N THR F 244 -27.42 1.60 -10.03
CA THR F 244 -27.69 2.91 -9.41
C THR F 244 -27.51 4.04 -10.42
N LEU F 245 -26.39 4.00 -11.12
CA LEU F 245 -26.07 4.96 -12.18
C LEU F 245 -27.24 5.08 -13.15
N LEU F 246 -27.72 3.94 -13.64
CA LEU F 246 -28.84 3.91 -14.57
C LEU F 246 -30.12 4.42 -13.94
N TYR F 247 -30.34 4.02 -12.70
CA TYR F 247 -31.52 4.46 -11.97
C TYR F 247 -31.48 5.97 -11.76
N TYR F 248 -30.28 6.54 -11.62
CA TYR F 248 -30.17 8.01 -11.51
C TYR F 248 -30.47 8.73 -12.84
N MET F 249 -30.82 7.98 -13.88
CA MET F 249 -31.19 8.61 -15.16
C MET F 249 -32.69 8.49 -15.40
N THR F 250 -33.41 7.98 -14.40
CA THR F 250 -34.84 7.76 -14.56
C THR F 250 -35.69 8.85 -13.93
N GLU F 251 -36.89 9.04 -14.48
CA GLU F 251 -37.85 10.00 -13.95
C GLU F 251 -38.29 9.55 -12.56
N GLU F 252 -38.56 8.26 -12.42
CA GLU F 252 -38.99 7.71 -11.14
C GLU F 252 -37.99 8.06 -10.05
N GLY F 253 -36.70 7.85 -10.32
CA GLY F 253 -35.69 8.14 -9.33
C GLY F 253 -35.66 9.62 -8.97
N SER F 254 -35.75 10.48 -9.98
CA SER F 254 -35.66 11.92 -9.75
C SER F 254 -36.80 12.45 -8.88
N GLU F 255 -37.98 11.84 -8.98
CA GLU F 255 -39.11 12.24 -8.13
C GLU F 255 -38.69 12.13 -6.65
N GLY F 256 -37.86 11.15 -6.35
CA GLY F 256 -37.36 11.00 -4.99
C GLY F 256 -36.49 12.17 -4.57
N LYS F 257 -35.60 12.59 -5.46
CA LYS F 257 -34.69 13.70 -5.19
C LYS F 257 -35.44 15.01 -5.01
N GLN F 258 -36.31 15.30 -5.98
CA GLN F 258 -37.09 16.52 -5.99
C GLN F 258 -37.97 16.66 -4.75
N ALA F 259 -38.63 15.56 -4.38
CA ALA F 259 -39.48 15.57 -3.19
C ALA F 259 -38.70 16.01 -1.95
N PHE F 260 -37.51 15.45 -1.79
CA PHE F 260 -36.67 15.79 -0.63
C PHE F 260 -36.31 17.27 -0.64
N LEU F 261 -35.85 17.75 -1.79
CA LEU F 261 -35.45 19.14 -1.94
C LEU F 261 -36.62 20.11 -1.76
N GLU F 262 -37.80 19.70 -2.21
CA GLU F 262 -38.97 20.56 -2.12
C GLU F 262 -39.65 20.35 -0.77
N LYS F 263 -39.03 19.54 0.09
CA LYS F 263 -39.57 19.27 1.42
C LYS F 263 -41.03 18.81 1.38
N ARG F 264 -41.33 17.86 0.50
CA ARG F 264 -42.65 17.29 0.40
C ARG F 264 -42.51 15.79 0.30
N PRO F 265 -43.59 15.06 0.60
CA PRO F 265 -43.55 13.61 0.42
C PRO F 265 -43.44 13.26 -1.06
N PRO F 266 -42.63 12.23 -1.39
CA PRO F 266 -42.54 11.84 -2.80
C PRO F 266 -43.86 11.20 -3.25
N ASP F 267 -44.17 11.26 -4.54
CA ASP F 267 -45.37 10.63 -5.06
C ASP F 267 -45.00 9.65 -6.18
N PHE F 268 -44.90 8.39 -5.81
CA PHE F 268 -44.53 7.35 -6.77
C PHE F 268 -45.78 6.61 -7.23
N SER F 269 -46.95 7.19 -6.95
CA SER F 269 -48.22 6.49 -7.15
C SER F 269 -48.49 6.13 -8.61
N GLN F 270 -47.92 6.91 -9.54
CA GLN F 270 -48.15 6.64 -10.95
C GLN F 270 -47.32 5.47 -11.45
N TYR F 271 -46.29 5.11 -10.69
CA TYR F 271 -45.35 4.10 -11.15
C TYR F 271 -45.77 2.68 -10.79
N PRO F 272 -45.67 1.77 -11.77
CA PRO F 272 -46.12 0.38 -11.62
C PRO F 272 -45.12 -0.47 -10.85
N TRP F 273 -45.64 -1.55 -10.24
CA TRP F 273 -44.82 -2.61 -9.66
C TRP F 273 -44.74 -3.69 -10.70
N LEU F 274 -43.77 -3.59 -11.60
CA LEU F 274 -43.69 -4.48 -12.75
C LEU F 274 -43.36 -5.91 -12.36
N PRO F 275 -43.69 -6.86 -13.25
CA PRO F 275 -43.44 -8.28 -12.94
C PRO F 275 -41.97 -8.58 -12.86
N MET G 1 46.28 3.97 24.32
CA MET G 1 46.92 3.60 23.06
C MET G 1 48.30 2.99 23.32
N ASP G 2 48.69 2.04 22.47
CA ASP G 2 50.00 1.41 22.58
C ASP G 2 51.01 2.05 21.61
N TRP G 3 51.61 3.15 22.06
CA TRP G 3 52.58 3.93 21.29
C TRP G 3 53.94 3.22 21.19
N HIS G 4 54.56 3.31 20.02
CA HIS G 4 55.90 2.77 19.83
C HIS G 4 56.87 3.92 19.51
N ILE G 5 58.01 3.97 20.19
CA ILE G 5 59.02 4.95 19.79
C ILE G 5 59.38 4.68 18.34
N ALA G 6 59.48 5.74 17.54
CA ALA G 6 59.69 5.59 16.11
C ALA G 6 61.07 6.07 15.72
N LYS G 7 61.61 6.97 16.53
CA LYS G 7 62.96 7.50 16.31
C LYS G 7 63.37 8.27 17.57
N HIS G 8 64.67 8.35 17.82
CA HIS G 8 65.17 9.01 19.02
C HIS G 8 65.69 10.43 18.78
N TYR G 9 65.34 11.35 19.68
CA TYR G 9 65.79 12.74 19.57
C TYR G 9 66.21 13.26 20.94
N ASP G 10 66.89 14.40 20.96
CA ASP G 10 67.28 15.02 22.23
C ASP G 10 66.20 15.88 22.88
N ASP G 11 65.48 16.65 22.06
CA ASP G 11 64.57 17.66 22.59
C ASP G 11 63.10 17.28 22.47
N ILE G 12 62.82 16.16 21.80
CA ILE G 12 61.44 15.77 21.55
C ILE G 12 61.25 14.26 21.65
N LEU G 13 59.99 13.83 21.66
CA LEU G 13 59.69 12.41 21.66
C LEU G 13 58.79 12.14 20.47
N TYR G 14 58.95 10.97 19.85
CA TYR G 14 58.26 10.69 18.61
C TYR G 14 57.74 9.25 18.58
N TYR G 15 56.42 9.10 18.45
CA TYR G 15 55.79 7.78 18.47
C TYR G 15 54.83 7.56 17.30
N LYS G 16 54.47 6.30 17.07
CA LYS G 16 53.47 5.91 16.08
C LYS G 16 52.53 4.83 16.64
N ALA G 17 51.29 4.82 16.16
CA ALA G 17 50.34 3.76 16.44
C ALA G 17 49.26 3.73 15.37
N GLY G 18 49.20 2.63 14.61
CA GLY G 18 48.28 2.57 13.50
C GLY G 18 48.54 3.68 12.51
N GLY G 19 47.47 4.40 12.16
CA GLY G 19 47.57 5.52 11.24
C GLY G 19 47.84 6.86 11.91
N ILE G 20 48.22 6.83 13.19
CA ILE G 20 48.46 8.05 13.96
C ILE G 20 49.91 8.21 14.39
N ALA G 21 50.48 9.40 14.20
CA ALA G 21 51.81 9.72 14.77
C ALA G 21 51.69 10.74 15.90
N LYS G 22 52.57 10.67 16.89
CA LYS G 22 52.56 11.62 18.01
C LYS G 22 53.92 12.26 18.24
N ILE G 23 53.95 13.59 18.20
CA ILE G 23 55.18 14.35 18.36
C ILE G 23 55.10 15.20 19.62
N VAL G 24 56.08 15.02 20.50
CA VAL G 24 56.05 15.64 21.83
C VAL G 24 57.28 16.51 22.03
N ILE G 25 57.05 17.80 22.28
CA ILE G 25 58.13 18.72 22.61
C ILE G 25 58.59 18.46 24.04
N ASN G 26 59.88 18.23 24.23
CA ASN G 26 60.37 17.76 25.54
C ASN G 26 61.47 18.61 26.16
N ARG G 27 61.15 19.87 26.43
CA ARG G 27 62.01 20.76 27.21
C ARG G 27 61.15 21.45 28.26
N PRO G 28 60.51 20.64 29.12
CA PRO G 28 59.55 21.16 30.11
C PRO G 28 60.15 22.15 31.11
N HIS G 29 61.48 22.16 31.22
CA HIS G 29 62.17 23.12 32.08
C HIS G 29 62.21 24.53 31.48
N LYS G 30 61.86 24.65 30.21
CA LYS G 30 61.77 25.93 29.53
C LYS G 30 60.35 26.13 29.04
N ARG G 31 59.39 25.51 29.72
CA ARG G 31 58.00 25.51 29.28
C ARG G 31 57.92 25.04 27.83
N ASN G 32 58.77 24.08 27.47
CA ASN G 32 58.81 23.50 26.13
C ASN G 32 59.11 24.51 25.02
N ALA G 33 59.93 25.51 25.33
CA ALA G 33 60.44 26.44 24.32
C ALA G 33 61.35 25.68 23.36
N PHE G 34 61.34 26.10 22.09
CA PHE G 34 62.18 25.47 21.09
C PHE G 34 63.48 26.23 20.85
N ARG G 35 64.60 25.51 20.84
CA ARG G 35 65.86 26.06 20.39
C ARG G 35 66.06 25.62 18.96
N PRO G 36 67.06 26.20 18.26
CA PRO G 36 67.22 25.84 16.85
C PRO G 36 67.25 24.32 16.64
N GLN G 37 67.92 23.60 17.53
CA GLN G 37 67.95 22.14 17.44
C GLN G 37 66.57 21.51 17.65
N THR G 38 65.78 22.11 18.54
CA THR G 38 64.43 21.62 18.78
C THR G 38 63.64 21.67 17.47
N VAL G 39 63.82 22.76 16.73
CA VAL G 39 63.15 22.96 15.44
C VAL G 39 63.61 21.96 14.39
N PHE G 40 64.91 21.71 14.33
CA PHE G 40 65.47 20.70 13.42
C PHE G 40 64.85 19.34 13.64
N GLU G 41 64.71 18.95 14.91
CA GLU G 41 64.16 17.65 15.27
C GLU G 41 62.66 17.55 14.97
N LEU G 42 61.92 18.61 15.30
CA LEU G 42 60.50 18.66 14.96
C LEU G 42 60.33 18.50 13.44
N TYR G 43 61.15 19.23 12.69
CA TYR G 43 61.12 19.17 11.24
C TYR G 43 61.39 17.75 10.74
N ASP G 44 62.40 17.11 11.32
CA ASP G 44 62.75 15.74 10.99
C ASP G 44 61.59 14.79 11.27
N ALA G 45 60.95 14.92 12.43
CA ALA G 45 59.86 14.02 12.79
C ALA G 45 58.63 14.17 11.88
N PHE G 46 58.25 15.41 11.59
CA PHE G 46 57.17 15.66 10.66
C PHE G 46 57.46 15.14 9.23
N CYS G 47 58.71 15.26 8.78
CA CYS G 47 59.11 14.72 7.50
C CYS G 47 58.92 13.20 7.45
N ASN G 48 59.37 12.57 8.53
CA ASN G 48 59.18 11.14 8.70
C ASN G 48 57.70 10.77 8.63
N ALA G 49 56.87 11.50 9.36
CA ALA G 49 55.42 11.28 9.34
C ALA G 49 54.84 11.46 7.95
N ARG G 50 55.29 12.50 7.26
CA ARG G 50 54.84 12.79 5.91
C ARG G 50 55.18 11.65 4.97
N GLU G 51 56.35 11.05 5.19
CA GLU G 51 56.89 10.00 4.32
C GLU G 51 56.35 8.60 4.62
N ASP G 52 55.69 8.46 5.76
CA ASP G 52 55.17 7.17 6.23
C ASP G 52 53.78 6.96 5.66
N ASN G 53 53.67 6.09 4.66
CA ASN G 53 52.42 5.91 3.92
C ASN G 53 51.25 5.43 4.78
N ARG G 54 51.56 4.99 6.00
CA ARG G 54 50.57 4.48 6.92
C ARG G 54 50.02 5.57 7.85
N ILE G 55 50.75 6.67 7.96
CA ILE G 55 50.34 7.76 8.86
C ILE G 55 49.46 8.81 8.16
N GLY G 56 48.27 9.04 8.71
CA GLY G 56 47.36 10.05 8.17
C GLY G 56 47.17 11.28 9.03
N VAL G 57 47.46 11.15 10.32
CA VAL G 57 47.22 12.22 11.29
C VAL G 57 48.40 12.33 12.24
N VAL G 58 48.80 13.56 12.55
CA VAL G 58 49.87 13.78 13.52
C VAL G 58 49.33 14.57 14.69
N LEU G 59 49.55 14.05 15.89
CA LEU G 59 49.22 14.77 17.10
C LEU G 59 50.48 15.47 17.61
N LEU G 60 50.38 16.78 17.79
CA LEU G 60 51.47 17.59 18.31
C LEU G 60 51.14 18.14 19.69
N THR G 61 52.04 17.95 20.65
CA THR G 61 51.76 18.36 22.02
C THR G 61 53.03 18.65 22.80
N GLY G 62 52.88 19.06 24.05
CA GLY G 62 54.01 19.38 24.90
C GLY G 62 54.16 18.37 26.03
N ALA G 63 55.40 18.20 26.49
CA ALA G 63 55.65 17.28 27.59
C ALA G 63 55.11 17.87 28.89
N GLY G 64 54.44 17.04 29.70
CA GLY G 64 53.93 17.48 30.98
C GLY G 64 53.10 16.44 31.71
N PRO G 65 52.73 16.75 32.97
CA PRO G 65 53.07 18.03 33.61
C PRO G 65 54.52 18.07 34.06
N HIS G 66 55.02 19.28 34.32
CA HIS G 66 56.39 19.45 34.80
C HIS G 66 56.43 19.17 36.30
N SER G 67 57.62 19.15 36.89
CA SER G 67 57.76 18.85 38.30
C SER G 67 57.00 19.87 39.15
N ASP G 68 56.80 21.06 38.60
CA ASP G 68 56.10 22.12 39.33
C ASP G 68 54.59 22.02 39.12
N GLY G 69 54.16 20.93 38.50
CA GLY G 69 52.75 20.73 38.23
C GLY G 69 52.21 21.46 37.02
N LYS G 70 53.07 22.24 36.36
CA LYS G 70 52.58 23.07 35.25
C LYS G 70 52.58 22.33 33.91
N TYR G 71 51.61 22.67 33.09
CA TYR G 71 51.50 22.13 31.73
C TYR G 71 51.94 23.16 30.72
N ALA G 72 52.50 22.70 29.61
CA ALA G 72 52.86 23.59 28.52
C ALA G 72 52.91 22.86 27.18
N PHE G 73 52.28 23.48 26.19
CA PHE G 73 52.36 23.02 24.81
C PHE G 73 53.70 23.48 24.27
N CYS G 74 53.92 24.78 24.33
CA CYS G 74 55.14 25.40 23.83
C CYS G 74 55.15 26.89 24.15
N SER G 75 56.30 27.39 24.59
CA SER G 75 56.45 28.80 24.97
C SER G 75 57.19 29.66 23.95
N GLY G 76 57.37 29.15 22.74
CA GLY G 76 57.98 29.93 21.68
C GLY G 76 59.50 29.80 21.66
N GLY G 77 60.16 30.80 21.08
CA GLY G 77 61.62 30.78 20.93
C GLY G 77 62.41 30.86 22.22
N ASP G 78 63.44 30.01 22.35
CA ASP G 78 64.28 30.02 23.54
C ASP G 78 65.11 31.31 23.65
N GLN G 79 64.69 32.22 24.53
CA GLN G 79 65.33 33.53 24.64
C GLN G 79 66.77 33.42 25.16
N SER G 80 67.12 32.26 25.72
CA SER G 80 68.47 32.07 26.27
C SER G 80 69.55 31.88 25.21
N VAL G 81 69.16 31.62 23.97
CA VAL G 81 70.12 31.52 22.88
C VAL G 81 69.89 32.57 21.81
N ARG G 82 68.99 33.51 22.10
CA ARG G 82 68.68 34.56 21.15
C ARG G 82 69.82 35.58 21.10
N GLY G 83 70.32 35.83 19.90
CA GLY G 83 71.38 36.79 19.67
C GLY G 83 71.09 37.72 18.52
N GLU G 84 72.15 38.21 17.89
CA GLU G 84 72.00 39.19 16.82
C GLU G 84 71.40 38.59 15.55
N GLY G 85 70.18 39.02 15.22
CA GLY G 85 69.52 38.59 13.99
C GLY G 85 68.80 37.25 14.02
N GLY G 86 68.73 36.62 15.20
CA GLY G 86 68.06 35.34 15.32
C GLY G 86 68.48 34.50 16.53
N TYR G 87 68.07 33.24 16.52
CA TYR G 87 68.43 32.30 17.57
C TYR G 87 69.71 31.58 17.21
N ILE G 88 70.72 31.73 18.07
CA ILE G 88 72.05 31.26 17.75
C ILE G 88 72.15 29.75 17.94
N ASP G 89 72.44 29.04 16.86
CA ASP G 89 72.64 27.59 16.96
C ASP G 89 74.03 27.34 17.51
N ASP G 90 74.40 26.08 17.68
CA ASP G 90 75.65 25.74 18.32
C ASP G 90 76.86 26.06 17.43
N GLN G 91 76.59 26.45 16.18
CA GLN G 91 77.67 26.82 15.26
C GLN G 91 77.89 28.34 15.17
N GLY G 92 77.08 29.09 15.91
CA GLY G 92 77.20 30.54 15.95
C GLY G 92 76.36 31.22 14.88
N THR G 93 75.61 30.42 14.13
CA THR G 93 74.72 30.97 13.09
C THR G 93 73.34 31.25 13.66
N PRO G 94 72.87 32.50 13.51
CA PRO G 94 71.52 32.93 13.90
C PRO G 94 70.46 32.35 12.96
N ARG G 95 69.37 31.84 13.54
CA ARG G 95 68.34 31.17 12.75
C ARG G 95 66.92 31.57 13.12
N LEU G 96 66.05 31.51 12.12
CA LEU G 96 64.62 31.62 12.32
C LEU G 96 63.97 30.43 11.65
N ASN G 97 64.51 29.25 11.90
CA ASN G 97 64.09 28.05 11.20
C ASN G 97 62.68 27.52 11.55
N VAL G 98 62.05 28.13 12.56
CA VAL G 98 60.68 27.78 12.86
C VAL G 98 59.78 28.12 11.68
N LEU G 99 60.22 29.07 10.87
CA LEU G 99 59.50 29.45 9.66
C LEU G 99 59.40 28.29 8.68
N ASP G 100 60.48 27.52 8.56
CA ASP G 100 60.45 26.33 7.72
C ASP G 100 59.53 25.27 8.31
N LEU G 101 59.55 25.14 9.62
CA LEU G 101 58.67 24.19 10.29
C LEU G 101 57.19 24.58 10.08
N GLN G 102 56.91 25.87 10.17
CA GLN G 102 55.56 26.36 9.92
C GLN G 102 55.07 25.90 8.56
N ARG G 103 55.90 26.11 7.54
CA ARG G 103 55.56 25.75 6.17
C ARG G 103 55.33 24.26 6.00
N LEU G 104 56.16 23.44 6.64
CA LEU G 104 56.04 21.99 6.56
C LEU G 104 54.72 21.50 7.15
N ILE G 105 54.40 21.96 8.35
CA ILE G 105 53.14 21.60 8.98
C ILE G 105 51.94 22.01 8.12
N ARG G 106 52.04 23.20 7.55
CA ARG G 106 50.95 23.78 6.76
C ARG G 106 50.71 23.04 5.44
N SER G 107 51.80 22.60 4.78
CA SER G 107 51.69 22.03 3.43
C SER G 107 51.60 20.49 3.38
N MET G 108 52.09 19.78 4.39
CA MET G 108 52.05 18.31 4.36
C MET G 108 50.62 17.76 4.27
N PRO G 109 50.43 16.77 3.37
CA PRO G 109 49.09 16.24 3.11
C PRO G 109 48.65 15.24 4.17
N LYS G 110 48.90 15.56 5.44
CA LYS G 110 48.37 14.80 6.57
C LYS G 110 47.77 15.82 7.52
N VAL G 111 46.71 15.46 8.22
CA VAL G 111 46.10 16.38 9.15
C VAL G 111 46.93 16.47 10.42
N VAL G 112 47.27 17.70 10.83
CA VAL G 112 48.00 17.88 12.07
C VAL G 112 47.07 18.49 13.13
N ILE G 113 46.99 17.83 14.27
CA ILE G 113 46.15 18.28 15.38
C ILE G 113 47.02 18.66 16.57
N ALA G 114 46.94 19.92 16.99
CA ALA G 114 47.61 20.37 18.20
C ALA G 114 46.77 20.01 19.40
N LEU G 115 47.39 19.30 20.35
CA LEU G 115 46.75 18.99 21.62
C LEU G 115 47.37 19.90 22.69
N VAL G 116 46.64 20.94 23.07
CA VAL G 116 47.22 21.97 23.94
C VAL G 116 46.76 21.85 25.39
N ALA G 117 47.71 21.50 26.26
CA ALA G 117 47.52 21.58 27.71
C ALA G 117 48.45 22.67 28.24
N GLY G 118 47.95 23.52 29.11
CA GLY G 118 48.76 24.61 29.65
C GLY G 118 49.15 25.63 28.60
N TYR G 119 50.37 26.16 28.71
CA TYR G 119 50.77 27.31 27.92
C TYR G 119 51.07 27.01 26.45
N ALA G 120 50.39 27.74 25.57
CA ALA G 120 50.76 27.86 24.17
C ALA G 120 50.96 29.35 23.91
N ILE G 121 52.22 29.78 24.00
CA ILE G 121 52.54 31.20 24.07
C ILE G 121 53.58 31.56 23.01
N GLY G 122 53.45 32.74 22.42
CA GLY G 122 54.41 33.22 21.44
C GLY G 122 54.52 32.36 20.20
N GLY G 123 55.76 32.02 19.83
CA GLY G 123 55.98 31.15 18.69
C GLY G 123 55.26 29.84 18.95
N GLY G 124 55.08 29.53 20.22
CA GLY G 124 54.33 28.36 20.63
C GLY G 124 52.86 28.53 20.29
N HIS G 125 52.36 29.76 20.38
CA HIS G 125 50.99 30.04 19.97
C HIS G 125 50.80 29.90 18.46
N VAL G 126 51.74 30.43 17.69
CA VAL G 126 51.68 30.32 16.23
C VAL G 126 51.77 28.88 15.73
N LEU G 127 52.55 28.05 16.43
CA LEU G 127 52.61 26.63 16.09
C LEU G 127 51.24 25.98 16.21
N HIS G 128 50.52 26.32 17.27
CA HIS G 128 49.18 25.78 17.45
C HIS G 128 48.29 26.25 16.30
N LEU G 129 48.42 27.51 15.94
CA LEU G 129 47.62 28.12 14.87
C LEU G 129 47.80 27.46 13.51
N VAL G 130 49.05 27.16 13.15
CA VAL G 130 49.33 26.60 11.82
C VAL G 130 48.97 25.11 11.72
N CYS G 131 48.78 24.44 12.85
CA CYS G 131 48.16 23.12 12.82
C CYS G 131 46.73 23.20 12.27
N ASP G 132 46.33 22.18 11.50
CA ASP G 132 44.98 22.14 10.93
C ASP G 132 43.92 22.37 11.99
N LEU G 133 44.04 21.61 13.07
CA LEU G 133 43.05 21.63 14.14
C LEU G 133 43.73 21.80 15.50
N THR G 134 42.95 22.29 16.46
CA THR G 134 43.42 22.44 17.83
C THR G 134 42.39 21.96 18.84
N ILE G 135 42.82 21.01 19.68
CA ILE G 135 42.05 20.55 20.82
C ILE G 135 42.74 21.03 22.09
N ALA G 136 41.98 21.68 22.98
CA ALA G 136 42.54 22.25 24.20
C ALA G 136 42.04 21.52 25.43
N ALA G 137 42.92 21.34 26.42
CA ALA G 137 42.48 20.91 27.75
C ALA G 137 41.91 22.14 28.44
N ASP G 138 41.01 21.96 29.42
CA ASP G 138 40.39 23.13 30.04
C ASP G 138 41.37 24.06 30.78
N ASN G 139 42.58 23.58 31.01
CA ASN G 139 43.62 24.40 31.64
C ASN G 139 44.52 25.10 30.62
N ALA G 140 44.16 25.01 29.34
CA ALA G 140 44.99 25.58 28.30
C ALA G 140 45.00 27.11 28.36
N ILE G 141 46.15 27.71 28.08
CA ILE G 141 46.30 29.17 28.08
C ILE G 141 47.02 29.68 26.81
N PHE G 142 46.38 30.58 26.08
CA PHE G 142 46.88 31.05 24.77
C PHE G 142 47.27 32.52 24.80
N GLY G 143 48.28 32.88 24.02
CA GLY G 143 48.59 34.29 23.86
C GLY G 143 49.85 34.54 23.07
N GLN G 144 50.00 35.76 22.58
CA GLN G 144 51.23 36.19 21.93
C GLN G 144 51.94 37.10 22.90
N THR G 145 53.25 37.25 22.73
CA THR G 145 54.06 38.05 23.64
C THR G 145 55.04 38.99 22.92
N GLY G 146 55.13 38.85 21.60
CA GLY G 146 56.11 39.56 20.80
C GLY G 146 56.46 40.98 21.19
N PRO G 147 55.46 41.87 21.14
CA PRO G 147 55.69 43.28 21.44
C PRO G 147 56.20 43.54 22.86
N LYS G 148 56.05 42.56 23.75
CA LYS G 148 56.57 42.67 25.12
C LYS G 148 58.04 42.22 25.19
N VAL G 149 58.38 41.17 24.44
CA VAL G 149 59.72 40.60 24.53
C VAL G 149 60.60 40.95 23.34
N GLY G 150 60.17 41.94 22.55
CA GLY G 150 60.97 42.40 21.43
C GLY G 150 60.99 41.45 20.26
N SER G 151 59.81 40.98 19.87
CA SER G 151 59.68 40.12 18.71
C SER G 151 58.32 40.29 18.05
N PHE G 152 58.15 39.69 16.89
CA PHE G 152 56.83 39.61 16.26
C PHE G 152 56.81 38.58 15.17
N ASP G 153 55.63 38.01 14.94
CA ASP G 153 55.44 37.13 13.80
C ASP G 153 54.39 37.75 12.89
N GLY G 154 54.86 38.42 11.86
CA GLY G 154 54.00 39.14 10.94
C GLY G 154 53.63 38.31 9.73
N GLY G 155 53.92 37.02 9.80
CA GLY G 155 53.55 36.09 8.74
C GLY G 155 52.27 35.35 9.05
N PHE G 156 52.37 34.03 9.21
CA PHE G 156 51.18 33.26 9.59
C PHE G 156 50.66 33.67 10.95
N GLY G 157 51.56 34.17 11.79
CA GLY G 157 51.17 34.60 13.14
C GLY G 157 50.13 35.70 13.18
N SER G 158 50.10 36.50 12.12
CA SER G 158 49.17 37.63 12.02
C SER G 158 48.06 37.36 11.02
N SER G 159 48.43 37.32 9.74
CA SER G 159 47.44 37.11 8.68
C SER G 159 46.59 35.85 8.91
N TYR G 160 47.22 34.72 9.19
CA TYR G 160 46.48 33.47 9.34
C TYR G 160 45.63 33.48 10.61
N LEU G 161 46.15 34.09 11.67
CA LEU G 161 45.34 34.28 12.87
C LEU G 161 44.07 35.07 12.56
N ALA G 162 44.20 36.11 11.74
CA ALA G 162 43.03 36.89 11.33
C ALA G 162 42.01 36.05 10.56
N ARG G 163 42.51 35.08 9.80
CA ARG G 163 41.62 34.20 9.05
C ARG G 163 40.93 33.21 9.96
N ILE G 164 41.28 33.24 11.24
CA ILE G 164 40.69 32.33 12.20
C ILE G 164 39.74 33.06 13.16
N VAL G 165 40.22 34.12 13.79
CA VAL G 165 39.42 34.81 14.82
C VAL G 165 38.90 36.18 14.37
N GLY G 166 39.25 36.59 13.15
CA GLY G 166 38.88 37.90 12.62
C GLY G 166 39.87 38.99 12.97
N GLN G 167 39.83 40.08 12.22
CA GLN G 167 40.82 41.15 12.36
C GLN G 167 40.83 41.86 13.72
N LYS G 168 39.65 42.12 14.28
CA LYS G 168 39.58 42.81 15.58
C LYS G 168 40.25 42.00 16.68
N LYS G 169 39.86 40.73 16.80
CA LYS G 169 40.40 39.87 17.83
C LYS G 169 41.88 39.56 17.62
N ALA G 170 42.29 39.39 16.37
CA ALA G 170 43.70 39.10 16.08
C ALA G 170 44.60 40.26 16.49
N ARG G 171 44.15 41.48 16.23
CA ARG G 171 44.93 42.66 16.59
C ARG G 171 45.04 42.81 18.10
N GLU G 172 43.94 42.55 18.81
CA GLU G 172 43.93 42.56 20.27
C GLU G 172 44.96 41.60 20.85
N ILE G 173 44.92 40.38 20.34
CA ILE G 173 45.82 39.32 20.80
C ILE G 173 47.27 39.78 20.76
N TRP G 174 47.67 40.37 19.64
CA TRP G 174 49.05 40.81 19.45
C TRP G 174 49.45 42.13 20.11
N TYR G 175 48.56 43.12 20.11
CA TYR G 175 48.93 44.46 20.59
C TYR G 175 49.07 44.46 22.11
N LEU G 176 48.16 43.74 22.79
CA LEU G 176 48.10 43.76 24.25
C LEU G 176 48.87 42.62 24.95
N CYS G 177 49.10 41.52 24.24
CA CYS G 177 49.84 40.38 24.80
C CYS G 177 49.24 39.81 26.10
N ARG G 178 47.91 39.79 26.18
CA ARG G 178 47.23 39.18 27.30
C ARG G 178 47.18 37.66 27.15
N GLN G 179 46.62 36.99 28.13
CA GLN G 179 46.41 35.53 28.08
C GLN G 179 44.93 35.21 27.91
N TYR G 180 44.64 34.11 27.23
CA TYR G 180 43.26 33.71 27.01
C TYR G 180 43.02 32.27 27.48
N SER G 181 41.87 32.02 28.08
CA SER G 181 41.52 30.69 28.55
C SER G 181 41.15 29.77 27.39
N ALA G 182 41.07 28.47 27.65
CA ALA G 182 40.64 27.52 26.64
C ALA G 182 39.24 27.89 26.16
N GLN G 183 38.39 28.26 27.12
CA GLN G 183 37.02 28.65 26.82
C GLN G 183 36.97 29.89 25.93
N GLU G 184 37.81 30.89 26.23
CA GLU G 184 37.90 32.11 25.43
C GLU G 184 38.42 31.80 24.03
N ALA G 185 39.44 30.96 23.95
CA ALA G 185 40.03 30.57 22.68
C ALA G 185 39.03 29.85 21.77
N GLU G 186 38.19 29.01 22.35
CA GLU G 186 37.15 28.30 21.59
C GLU G 186 36.07 29.25 21.10
N ARG G 187 35.63 30.15 21.99
CA ARG G 187 34.57 31.09 21.63
C ARG G 187 35.02 32.02 20.52
N MET G 188 36.30 32.39 20.50
CA MET G 188 36.79 33.27 19.45
C MET G 188 37.08 32.52 18.13
N GLY G 189 37.09 31.19 18.17
CA GLY G 189 37.17 30.43 16.95
C GLY G 189 38.50 29.75 16.64
N MET G 190 39.46 29.86 17.55
CA MET G 190 40.79 29.31 17.26
C MET G 190 41.07 27.97 17.91
N VAL G 191 40.10 27.47 18.69
CA VAL G 191 40.17 26.14 19.30
C VAL G 191 38.94 25.33 18.89
N ASN G 192 39.14 24.11 18.42
CA ASN G 192 38.03 23.32 17.91
C ASN G 192 37.13 22.73 19.00
N THR G 193 37.74 22.28 20.08
CA THR G 193 36.97 21.76 21.20
C THR G 193 37.80 21.80 22.48
N VAL G 194 37.12 21.68 23.62
CA VAL G 194 37.76 21.75 24.91
C VAL G 194 37.32 20.54 25.76
N VAL G 195 38.29 19.89 26.41
CA VAL G 195 38.01 18.74 27.27
C VAL G 195 38.88 18.81 28.52
N PRO G 196 38.55 18.01 29.54
CA PRO G 196 39.41 17.95 30.73
C PRO G 196 40.78 17.41 30.35
N VAL G 197 41.83 17.83 31.06
CA VAL G 197 43.19 17.42 30.69
C VAL G 197 43.32 15.91 30.51
N ASP G 198 42.67 15.17 31.38
CA ASP G 198 42.82 13.72 31.41
C ASP G 198 42.13 13.03 30.23
N ARG G 199 41.37 13.80 29.46
CA ARG G 199 40.68 13.29 28.29
C ARG G 199 41.35 13.81 27.01
N LEU G 200 42.36 14.65 27.18
CA LEU G 200 42.98 15.35 26.06
C LEU G 200 43.53 14.42 24.97
N GLU G 201 44.39 13.47 25.35
CA GLU G 201 44.96 12.59 24.33
C GLU G 201 43.89 11.72 23.69
N GLU G 202 42.98 11.20 24.52
CA GLU G 202 41.92 10.31 24.03
C GLU G 202 41.01 11.02 23.03
N GLU G 203 40.76 12.29 23.28
CA GLU G 203 39.98 13.10 22.35
C GLU G 203 40.74 13.27 21.02
N GLY G 204 42.04 13.51 21.12
CA GLY G 204 42.90 13.58 19.94
C GLY G 204 42.89 12.31 19.11
N ILE G 205 43.00 11.17 19.79
CA ILE G 205 42.96 9.86 19.12
C ILE G 205 41.61 9.62 18.45
N GLN G 206 40.54 9.99 19.14
CA GLN G 206 39.20 9.85 18.60
C GLN G 206 39.02 10.71 17.35
N TRP G 207 39.45 11.97 17.41
CA TRP G 207 39.34 12.86 16.27
C TRP G 207 40.18 12.31 15.10
N ALA G 208 41.37 11.85 15.43
CA ALA G 208 42.26 11.24 14.44
C ALA G 208 41.62 10.03 13.75
N LYS G 209 40.96 9.17 14.52
CA LYS G 209 40.32 8.00 13.93
C LYS G 209 39.15 8.34 13.02
N GLU G 210 38.41 9.39 13.35
CA GLU G 210 37.34 9.84 12.47
C GLU G 210 37.89 10.31 11.11
N ILE G 211 39.12 10.82 11.13
CA ILE G 211 39.78 11.25 9.89
C ILE G 211 40.35 10.04 9.14
N LEU G 212 40.88 9.08 9.88
CA LEU G 212 41.52 7.91 9.28
C LEU G 212 40.56 6.98 8.53
N SER G 213 39.26 7.11 8.79
CA SER G 213 38.26 6.32 8.08
C SER G 213 37.81 7.01 6.80
N LYS G 214 38.44 8.13 6.49
CA LYS G 214 38.08 8.93 5.31
C LYS G 214 39.01 8.63 4.14
N SER G 215 38.67 9.17 2.99
CA SER G 215 39.48 9.04 1.79
C SER G 215 40.72 9.94 1.88
N PRO G 216 41.92 9.32 1.85
CA PRO G 216 43.16 10.12 1.88
C PRO G 216 43.26 11.15 0.76
N LEU G 217 42.80 10.80 -0.44
CA LEU G 217 42.90 11.70 -1.58
C LEU G 217 41.98 12.91 -1.36
N ALA G 218 40.79 12.66 -0.81
CA ALA G 218 39.86 13.74 -0.50
C ALA G 218 40.44 14.68 0.56
N ILE G 219 41.00 14.11 1.62
CA ILE G 219 41.56 14.94 2.69
C ILE G 219 42.70 15.84 2.19
N ARG G 220 43.64 15.27 1.45
CA ARG G 220 44.77 16.07 0.98
C ARG G 220 44.30 17.18 0.05
N CYS G 221 43.30 16.87 -0.77
CA CYS G 221 42.78 17.87 -1.71
C CYS G 221 42.15 19.00 -0.95
N LEU G 222 41.42 18.67 0.10
CA LEU G 222 40.79 19.69 0.93
C LEU G 222 41.82 20.56 1.66
N LYS G 223 42.85 19.94 2.22
CA LYS G 223 43.84 20.72 2.95
C LYS G 223 44.48 21.73 2.00
N ALA G 224 44.76 21.26 0.79
CA ALA G 224 45.32 22.13 -0.24
C ALA G 224 44.33 23.26 -0.58
N ALA G 225 43.06 22.90 -0.67
CA ALA G 225 42.03 23.90 -1.01
C ALA G 225 41.94 25.00 0.05
N PHE G 226 42.07 24.63 1.31
CA PHE G 226 42.08 25.62 2.38
C PHE G 226 43.31 26.52 2.31
N ASN G 227 44.48 25.94 2.10
CA ASN G 227 45.69 26.74 1.92
C ASN G 227 45.58 27.71 0.75
N ALA G 228 44.90 27.28 -0.30
CA ALA G 228 44.78 28.10 -1.51
C ALA G 228 44.02 29.40 -1.29
N ASP G 229 43.19 29.46 -0.23
CA ASP G 229 42.47 30.69 0.11
C ASP G 229 43.41 31.69 0.78
N CYS G 230 44.61 31.23 1.14
CA CYS G 230 45.56 32.07 1.89
C CYS G 230 46.85 32.38 1.15
N ASP G 231 47.36 31.40 0.40
CA ASP G 231 48.76 31.43 -0.02
C ASP G 231 49.00 31.72 -1.50
N GLY G 232 48.05 32.41 -2.12
CA GLY G 232 48.20 32.82 -3.50
C GLY G 232 48.72 31.69 -4.38
N GLN G 233 49.76 31.98 -5.16
CA GLN G 233 50.28 31.02 -6.11
C GLN G 233 50.84 29.77 -5.45
N ALA G 234 51.39 29.93 -4.25
CA ALA G 234 51.90 28.77 -3.52
C ALA G 234 50.76 27.82 -3.17
N GLY G 235 49.61 28.40 -2.83
CA GLY G 235 48.41 27.61 -2.60
C GLY G 235 47.90 26.93 -3.87
N LEU G 236 47.94 27.65 -4.99
CA LEU G 236 47.60 27.07 -6.29
C LEU G 236 48.50 25.90 -6.64
N GLN G 237 49.78 26.03 -6.34
CA GLN G 237 50.72 24.95 -6.60
C GLN G 237 50.26 23.65 -5.92
N GLU G 238 49.81 23.77 -4.67
CA GLU G 238 49.36 22.61 -3.90
C GLU G 238 48.04 22.06 -4.45
N LEU G 239 47.11 22.95 -4.75
CA LEU G 239 45.82 22.51 -5.25
C LEU G 239 45.97 21.91 -6.64
N ALA G 240 46.64 22.63 -7.52
CA ALA G 240 46.90 22.12 -8.86
C ALA G 240 47.76 20.87 -8.83
N GLY G 241 48.71 20.80 -7.91
CA GLY G 241 49.56 19.62 -7.79
C GLY G 241 48.73 18.38 -7.55
N ASN G 242 47.69 18.52 -6.74
CA ASN G 242 46.77 17.40 -6.51
C ASN G 242 45.90 17.07 -7.72
N ALA G 243 45.52 18.08 -8.49
CA ALA G 243 44.84 17.81 -9.76
C ALA G 243 45.77 17.01 -10.67
N THR G 244 47.04 17.39 -10.68
CA THR G 244 48.03 16.64 -11.47
C THR G 244 48.11 15.20 -10.99
N LEU G 245 48.24 15.02 -9.67
CA LEU G 245 48.26 13.68 -9.09
C LEU G 245 47.10 12.82 -9.60
N LEU G 246 45.88 13.35 -9.52
CA LEU G 246 44.69 12.63 -9.96
C LEU G 246 44.68 12.35 -11.47
N TYR G 247 45.15 13.30 -12.27
CA TYR G 247 45.20 13.15 -13.73
C TYR G 247 46.15 12.02 -14.11
N TYR G 248 47.20 11.86 -13.31
CA TYR G 248 48.17 10.79 -13.50
C TYR G 248 47.62 9.42 -13.15
N MET G 249 46.34 9.37 -12.74
CA MET G 249 45.70 8.10 -12.43
C MET G 249 44.65 7.79 -13.48
N THR G 250 44.59 8.63 -14.52
CA THR G 250 43.59 8.45 -15.56
C THR G 250 44.18 7.79 -16.80
N GLU G 251 43.31 7.11 -17.54
CA GLU G 251 43.68 6.47 -18.80
C GLU G 251 44.02 7.52 -19.86
N GLU G 252 43.24 8.60 -19.91
CA GLU G 252 43.52 9.65 -20.86
C GLU G 252 44.96 10.16 -20.70
N GLY G 253 45.35 10.40 -19.45
CA GLY G 253 46.68 10.92 -19.17
C GLY G 253 47.77 9.95 -19.59
N SER G 254 47.55 8.67 -19.30
CA SER G 254 48.55 7.65 -19.60
C SER G 254 48.79 7.52 -21.11
N GLU G 255 47.75 7.77 -21.90
CA GLU G 255 47.91 7.72 -23.35
C GLU G 255 48.99 8.69 -23.80
N GLY G 256 49.09 9.84 -23.15
CA GLY G 256 50.12 10.80 -23.47
C GLY G 256 51.51 10.26 -23.15
N LYS G 257 51.63 9.61 -22.00
CA LYS G 257 52.91 9.04 -21.56
C LYS G 257 53.37 7.94 -22.50
N GLN G 258 52.48 6.97 -22.74
CA GLN G 258 52.79 5.84 -23.61
C GLN G 258 53.16 6.26 -25.03
N ALA G 259 52.38 7.17 -25.59
CA ALA G 259 52.65 7.68 -26.93
C ALA G 259 54.08 8.21 -27.02
N PHE G 260 54.51 8.98 -26.02
CA PHE G 260 55.86 9.51 -25.99
C PHE G 260 56.90 8.39 -25.93
N LEU G 261 56.69 7.44 -25.02
CA LEU G 261 57.64 6.32 -24.87
C LEU G 261 57.72 5.44 -26.11
N GLU G 262 56.58 5.24 -26.77
CA GLU G 262 56.52 4.38 -27.94
C GLU G 262 56.85 5.18 -29.19
N LYS G 263 57.28 6.43 -29.00
CA LYS G 263 57.68 7.29 -30.11
C LYS G 263 56.62 7.40 -31.20
N ARG G 264 55.37 7.63 -30.79
CA ARG G 264 54.27 7.86 -31.71
C ARG G 264 53.46 9.04 -31.19
N PRO G 265 52.68 9.67 -32.07
CA PRO G 265 51.77 10.74 -31.63
C PRO G 265 50.68 10.20 -30.72
N PRO G 266 50.31 10.99 -29.69
CA PRO G 266 49.22 10.49 -28.83
C PRO G 266 47.91 10.49 -29.61
N ASP G 267 46.97 9.65 -29.22
CA ASP G 267 45.66 9.66 -29.85
C ASP G 267 44.61 9.84 -28.76
N PHE G 268 44.20 11.09 -28.59
CA PHE G 268 43.20 11.46 -27.59
C PHE G 268 41.84 11.61 -28.26
N SER G 269 41.70 11.11 -29.48
CA SER G 269 40.51 11.35 -30.29
C SER G 269 39.23 10.78 -29.67
N GLN G 270 39.38 9.72 -28.87
CA GLN G 270 38.22 9.08 -28.26
C GLN G 270 37.65 9.86 -27.07
N TYR G 271 38.46 10.76 -26.51
CA TYR G 271 38.07 11.46 -25.29
C TYR G 271 37.27 12.72 -25.56
N PRO G 272 36.18 12.91 -24.80
CA PRO G 272 35.26 14.03 -25.03
C PRO G 272 35.80 15.36 -24.51
N TRP G 273 35.27 16.44 -25.07
CA TRP G 273 35.48 17.77 -24.53
C TRP G 273 34.26 18.09 -23.68
N LEU G 274 34.32 17.68 -22.41
CA LEU G 274 33.16 17.78 -21.51
C LEU G 274 32.84 19.23 -21.16
N PRO G 275 31.58 19.48 -20.75
CA PRO G 275 31.13 20.84 -20.39
C PRO G 275 31.80 21.32 -19.12
N MET H 1 1.37 33.20 3.54
CA MET H 1 1.35 34.11 2.40
C MET H 1 0.63 33.48 1.21
N ASP H 2 0.23 34.31 0.27
CA ASP H 2 -0.45 33.85 -0.92
C ASP H 2 0.53 33.63 -2.07
N TRP H 3 1.19 32.48 -2.06
CA TRP H 3 2.14 32.09 -3.11
C TRP H 3 1.39 31.66 -4.38
N HIS H 4 1.86 32.08 -5.53
CA HIS H 4 1.31 31.59 -6.78
C HIS H 4 2.39 30.91 -7.60
N ILE H 5 2.10 29.71 -8.08
CA ILE H 5 3.03 28.99 -8.92
C ILE H 5 3.36 29.81 -10.17
N ALA H 6 4.63 29.86 -10.53
CA ALA H 6 5.09 30.73 -11.61
C ALA H 6 5.49 29.92 -12.83
N LYS H 7 5.85 28.65 -12.60
CA LYS H 7 6.20 27.73 -13.67
C LYS H 7 6.28 26.32 -13.13
N HIS H 8 6.02 25.33 -13.98
CA HIS H 8 6.00 23.94 -13.54
C HIS H 8 7.30 23.19 -13.86
N TYR H 9 7.74 22.38 -12.90
CA TYR H 9 8.95 21.58 -13.03
C TYR H 9 8.71 20.16 -12.52
N ASP H 10 9.65 19.27 -12.82
CA ASP H 10 9.57 17.89 -12.35
C ASP H 10 10.15 17.70 -10.95
N ASP H 11 11.28 18.36 -10.66
CA ASP H 11 12.04 18.11 -9.44
C ASP H 11 11.91 19.21 -8.39
N ILE H 12 11.28 20.32 -8.77
CA ILE H 12 11.18 21.45 -7.85
C ILE H 12 9.84 22.16 -7.97
N LEU H 13 9.59 23.06 -7.04
CA LEU H 13 8.41 23.92 -7.07
C LEU H 13 8.87 25.36 -7.00
N TYR H 14 8.16 26.22 -7.71
CA TYR H 14 8.59 27.60 -7.88
C TYR H 14 7.39 28.52 -7.78
N TYR H 15 7.44 29.43 -6.81
CA TYR H 15 6.34 30.35 -6.55
C TYR H 15 6.83 31.79 -6.51
N LYS H 16 5.90 32.72 -6.61
CA LYS H 16 6.18 34.14 -6.42
C LYS H 16 5.05 34.77 -5.62
N ALA H 17 5.39 35.79 -4.86
CA ALA H 17 4.41 36.60 -4.15
C ALA H 17 5.04 37.94 -3.85
N GLY H 18 4.46 39.00 -4.43
CA GLY H 18 5.04 40.31 -4.30
C GLY H 18 6.46 40.29 -4.85
N GLY H 19 7.40 40.82 -4.06
CA GLY H 19 8.78 40.87 -4.48
C GLY H 19 9.58 39.64 -4.09
N ILE H 20 8.88 38.59 -3.66
CA ILE H 20 9.57 37.39 -3.19
C ILE H 20 9.35 36.22 -4.14
N ALA H 21 10.41 35.50 -4.46
CA ALA H 21 10.29 34.24 -5.17
C ALA H 21 10.64 33.12 -4.19
N LYS H 22 10.01 31.96 -4.34
CA LYS H 22 10.32 30.84 -3.48
C LYS H 22 10.61 29.61 -4.32
N ILE H 23 11.80 29.04 -4.13
CA ILE H 23 12.21 27.88 -4.88
C ILE H 23 12.36 26.72 -3.91
N VAL H 24 11.66 25.62 -4.19
CA VAL H 24 11.61 24.50 -3.26
C VAL H 24 12.13 23.24 -3.92
N ILE H 25 13.17 22.66 -3.33
CA ILE H 25 13.69 21.39 -3.81
C ILE H 25 12.67 20.34 -3.38
N ASN H 26 12.19 19.57 -4.37
CA ASN H 26 11.05 18.69 -4.14
C ASN H 26 11.31 17.23 -4.47
N ARG H 27 12.30 16.64 -3.80
CA ARG H 27 12.55 15.22 -3.89
C ARG H 27 12.70 14.64 -2.48
N PRO H 28 11.65 14.81 -1.67
CA PRO H 28 11.69 14.44 -0.24
C PRO H 28 11.94 12.95 -0.02
N HIS H 29 11.71 12.13 -1.03
CA HIS H 29 11.97 10.70 -0.92
C HIS H 29 13.47 10.42 -0.96
N LYS H 30 14.23 11.46 -1.32
CA LYS H 30 15.70 11.41 -1.34
C LYS H 30 16.34 12.45 -0.45
N ARG H 31 15.64 12.88 0.59
CA ARG H 31 16.15 13.98 1.40
C ARG H 31 16.50 15.16 0.50
N ASN H 32 15.72 15.33 -0.56
CA ASN H 32 15.92 16.45 -1.48
C ASN H 32 17.31 16.53 -2.13
N ALA H 33 17.90 15.37 -2.38
CA ALA H 33 19.13 15.29 -3.17
C ALA H 33 18.83 15.73 -4.60
N PHE H 34 19.79 16.39 -5.24
CA PHE H 34 19.60 16.83 -6.61
C PHE H 34 20.24 15.91 -7.65
N ARG H 35 19.48 15.61 -8.71
CA ARG H 35 20.05 14.98 -9.88
C ARG H 35 20.28 16.09 -10.90
N PRO H 36 21.03 15.79 -11.97
CA PRO H 36 21.36 16.82 -12.95
C PRO H 36 20.14 17.61 -13.42
N GLN H 37 19.02 16.93 -13.61
CA GLN H 37 17.79 17.64 -13.99
C GLN H 37 17.35 18.63 -12.93
N THR H 38 17.53 18.26 -11.66
CA THR H 38 17.17 19.13 -10.55
C THR H 38 17.96 20.42 -10.65
N VAL H 39 19.25 20.29 -10.95
CA VAL H 39 20.14 21.43 -11.08
C VAL H 39 19.74 22.33 -12.25
N PHE H 40 19.43 21.70 -13.38
CA PHE H 40 18.97 22.44 -14.54
C PHE H 40 17.72 23.26 -14.22
N GLU H 41 16.78 22.64 -13.51
CA GLU H 41 15.53 23.31 -13.14
C GLU H 41 15.79 24.42 -12.12
N LEU H 42 16.64 24.13 -11.14
CA LEU H 42 17.02 25.16 -10.18
C LEU H 42 17.63 26.35 -10.91
N TYR H 43 18.54 26.07 -11.84
CA TYR H 43 19.20 27.13 -12.61
C TYR H 43 18.19 27.96 -13.38
N ASP H 44 17.25 27.26 -14.02
CA ASP H 44 16.20 27.91 -14.80
C ASP H 44 15.36 28.84 -13.92
N ALA H 45 15.00 28.37 -12.73
CA ALA H 45 14.17 29.16 -11.82
C ALA H 45 14.90 30.39 -11.30
N PHE H 46 16.16 30.21 -10.91
CA PHE H 46 16.96 31.35 -10.48
C PHE H 46 17.17 32.39 -11.59
N CYS H 47 17.38 31.92 -12.82
CA CYS H 47 17.48 32.83 -13.97
C CYS H 47 16.17 33.60 -14.14
N ASN H 48 15.06 32.88 -14.05
CA ASN H 48 13.76 33.52 -14.10
C ASN H 48 13.62 34.60 -13.03
N ALA H 49 13.92 34.25 -11.78
CA ALA H 49 13.86 35.24 -10.71
C ALA H 49 14.79 36.41 -11.02
N ARG H 50 15.98 36.10 -11.52
CA ARG H 50 16.96 37.14 -11.85
C ARG H 50 16.39 38.11 -12.88
N GLU H 51 15.64 37.56 -13.83
CA GLU H 51 15.09 38.35 -14.94
C GLU H 51 13.82 39.11 -14.59
N ASP H 52 13.22 38.78 -13.45
CA ASP H 52 11.96 39.38 -13.06
C ASP H 52 12.21 40.68 -12.28
N ASN H 53 11.93 41.82 -12.91
CA ASN H 53 12.20 43.14 -12.34
C ASN H 53 11.46 43.37 -11.02
N ARG H 54 10.50 42.50 -10.71
CA ARG H 54 9.70 42.61 -9.51
C ARG H 54 10.30 41.84 -8.32
N ILE H 55 11.16 40.87 -8.62
CA ILE H 55 11.74 40.03 -7.57
C ILE H 55 13.05 40.59 -7.02
N GLY H 56 13.11 40.81 -5.71
CA GLY H 56 14.34 41.27 -5.08
C GLY H 56 15.00 40.24 -4.18
N VAL H 57 14.21 39.25 -3.74
CA VAL H 57 14.69 38.24 -2.78
C VAL H 57 14.21 36.86 -3.18
N VAL H 58 15.09 35.88 -3.06
CA VAL H 58 14.71 34.50 -3.33
C VAL H 58 14.88 33.67 -2.09
N LEU H 59 13.84 32.95 -1.71
CA LEU H 59 13.91 32.02 -0.61
C LEU H 59 14.16 30.65 -1.19
N LEU H 60 15.24 29.99 -0.75
CA LEU H 60 15.53 28.64 -1.21
C LEU H 60 15.35 27.70 -0.03
N THR H 61 14.59 26.63 -0.23
CA THR H 61 14.33 25.69 0.85
C THR H 61 13.99 24.33 0.28
N GLY H 62 13.79 23.35 1.18
CA GLY H 62 13.47 22.01 0.78
C GLY H 62 12.05 21.65 1.16
N ALA H 63 11.44 20.76 0.39
CA ALA H 63 10.09 20.31 0.67
C ALA H 63 10.10 19.39 1.89
N GLY H 64 9.13 19.58 2.77
CA GLY H 64 8.98 18.74 3.95
C GLY H 64 7.82 19.22 4.80
N PRO H 65 7.47 18.44 5.83
CA PRO H 65 8.16 17.19 6.16
C PRO H 65 7.81 16.03 5.24
N HIS H 66 8.64 15.00 5.25
CA HIS H 66 8.41 13.79 4.46
C HIS H 66 7.39 12.93 5.21
N SER H 67 6.91 11.86 4.57
CA SER H 67 5.86 11.02 5.17
C SER H 67 6.33 10.42 6.50
N ASP H 68 7.65 10.37 6.65
CA ASP H 68 8.29 9.85 7.85
C ASP H 68 8.52 10.91 8.93
N GLY H 69 7.98 12.11 8.71
CA GLY H 69 8.15 13.21 9.65
C GLY H 69 9.46 13.97 9.56
N LYS H 70 10.35 13.57 8.65
CA LYS H 70 11.69 14.16 8.55
C LYS H 70 11.75 15.40 7.66
N TYR H 71 12.63 16.33 8.02
CA TYR H 71 12.85 17.53 7.23
C TYR H 71 14.20 17.48 6.52
N ALA H 72 14.28 18.12 5.36
CA ALA H 72 15.55 18.23 4.66
C ALA H 72 15.56 19.43 3.73
N PHE H 73 16.64 20.20 3.81
CA PHE H 73 16.91 21.27 2.88
C PHE H 73 17.44 20.65 1.58
N CYS H 74 18.53 19.92 1.71
CA CYS H 74 19.17 19.25 0.56
C CYS H 74 20.29 18.37 1.07
N SER H 75 20.37 17.15 0.54
CA SER H 75 21.38 16.19 0.98
C SER H 75 22.55 16.07 0.01
N GLY H 76 22.63 17.02 -0.91
CA GLY H 76 23.74 17.10 -1.86
C GLY H 76 23.52 16.29 -3.11
N GLY H 77 24.62 15.95 -3.78
CA GLY H 77 24.53 15.23 -5.03
C GLY H 77 23.98 13.83 -4.84
N ASP H 78 23.01 13.47 -5.67
CA ASP H 78 22.40 12.15 -5.64
C ASP H 78 23.43 11.08 -6.05
N GLN H 79 23.93 10.34 -5.05
CA GLN H 79 24.98 9.34 -5.27
C GLN H 79 24.51 8.18 -6.13
N SER H 80 23.18 8.06 -6.25
CA SER H 80 22.59 6.98 -7.02
C SER H 80 22.79 7.17 -8.53
N VAL H 81 23.22 8.37 -8.94
CA VAL H 81 23.54 8.64 -10.34
C VAL H 81 25.02 9.01 -10.55
N ARG H 82 25.83 8.86 -9.51
CA ARG H 82 27.25 9.20 -9.60
C ARG H 82 28.03 8.15 -10.40
N GLY H 83 28.79 8.64 -11.39
CA GLY H 83 29.62 7.78 -12.21
C GLY H 83 31.03 8.30 -12.42
N GLU H 84 31.61 7.94 -13.56
CA GLU H 84 32.98 8.29 -13.92
C GLU H 84 33.14 9.77 -14.21
N GLY H 85 33.85 10.49 -13.35
CA GLY H 85 34.12 11.90 -13.57
C GLY H 85 32.98 12.83 -13.18
N GLY H 86 31.90 12.30 -12.63
CA GLY H 86 30.77 13.13 -12.26
C GLY H 86 29.43 12.42 -12.10
N TYR H 87 28.36 13.22 -12.05
CA TYR H 87 27.00 12.70 -11.95
C TYR H 87 26.32 12.54 -13.32
N ILE H 88 25.90 11.31 -13.64
CA ILE H 88 25.38 10.97 -14.96
C ILE H 88 23.91 11.37 -15.19
N ASP H 89 23.69 12.24 -16.18
CA ASP H 89 22.35 12.64 -16.61
C ASP H 89 21.68 11.64 -17.56
N ASP H 90 20.50 12.00 -18.05
CA ASP H 90 19.70 11.11 -18.90
C ASP H 90 20.35 10.87 -20.27
N GLN H 91 21.41 11.62 -20.57
CA GLN H 91 22.12 11.44 -21.83
C GLN H 91 23.45 10.67 -21.71
N GLY H 92 23.82 10.30 -20.49
CA GLY H 92 25.03 9.54 -20.27
C GLY H 92 26.28 10.38 -20.00
N THR H 93 26.09 11.70 -19.90
CA THR H 93 27.18 12.65 -19.66
C THR H 93 27.48 12.91 -18.18
N PRO H 94 28.75 12.74 -17.78
CA PRO H 94 29.15 13.08 -16.41
C PRO H 94 29.11 14.59 -16.19
N ARG H 95 28.52 15.03 -15.09
CA ARG H 95 28.33 16.47 -14.83
C ARG H 95 28.67 16.92 -13.42
N LEU H 96 29.11 18.18 -13.33
CA LEU H 96 29.25 18.88 -12.06
C LEU H 96 28.53 20.22 -12.17
N ASN H 97 27.32 20.20 -12.71
CA ASN H 97 26.64 21.45 -13.01
C ASN H 97 26.17 22.24 -11.79
N VAL H 98 26.31 21.65 -10.60
CA VAL H 98 26.04 22.40 -9.37
C VAL H 98 27.02 23.57 -9.28
N LEU H 99 28.18 23.43 -9.92
CA LEU H 99 29.16 24.53 -9.92
C LEU H 99 28.57 25.77 -10.61
N ASP H 100 27.86 25.54 -11.71
CA ASP H 100 27.19 26.62 -12.43
C ASP H 100 26.08 27.24 -11.60
N LEU H 101 25.35 26.40 -10.86
CA LEU H 101 24.29 26.88 -10.00
C LEU H 101 24.88 27.75 -8.88
N GLN H 102 25.98 27.29 -8.31
CA GLN H 102 26.69 28.06 -7.28
C GLN H 102 27.04 29.46 -7.77
N ARG H 103 27.61 29.53 -8.97
CA ARG H 103 28.04 30.81 -9.53
C ARG H 103 26.86 31.75 -9.73
N LEU H 104 25.76 31.20 -10.20
CA LEU H 104 24.54 31.96 -10.44
C LEU H 104 23.97 32.58 -9.16
N ILE H 105 23.82 31.74 -8.13
CA ILE H 105 23.32 32.22 -6.86
C ILE H 105 24.24 33.29 -6.32
N ARG H 106 25.53 33.06 -6.46
CA ARG H 106 26.54 33.97 -5.94
C ARG H 106 26.55 35.34 -6.63
N SER H 107 26.34 35.36 -7.94
CA SER H 107 26.48 36.59 -8.72
C SER H 107 25.18 37.36 -9.00
N MET H 108 24.05 36.67 -9.01
CA MET H 108 22.79 37.37 -9.31
C MET H 108 22.53 38.50 -8.31
N PRO H 109 22.12 39.67 -8.84
CA PRO H 109 21.93 40.88 -8.03
C PRO H 109 20.61 40.87 -7.30
N LYS H 110 20.26 39.73 -6.71
CA LYS H 110 19.14 39.64 -5.80
C LYS H 110 19.61 38.86 -4.58
N VAL H 111 19.07 39.16 -3.41
CA VAL H 111 19.47 38.44 -2.21
C VAL H 111 18.82 37.05 -2.16
N VAL H 112 19.64 36.03 -1.93
CA VAL H 112 19.14 34.68 -1.80
C VAL H 112 19.27 34.20 -0.35
N ILE H 113 18.17 33.74 0.22
CA ILE H 113 18.14 33.26 1.60
C ILE H 113 17.85 31.77 1.65
N ALA H 114 18.77 31.00 2.22
CA ALA H 114 18.53 29.58 2.44
C ALA H 114 17.68 29.41 3.69
N LEU H 115 16.54 28.76 3.56
CA LEU H 115 15.71 28.44 4.72
C LEU H 115 15.90 26.97 5.01
N VAL H 116 16.70 26.69 6.03
CA VAL H 116 17.12 25.32 6.29
C VAL H 116 16.32 24.67 7.41
N ALA H 117 15.52 23.68 7.05
CA ALA H 117 14.88 22.78 8.00
C ALA H 117 15.45 21.38 7.80
N GLY H 118 15.81 20.69 8.88
CA GLY H 118 16.38 19.37 8.74
C GLY H 118 17.72 19.42 8.03
N TYR H 119 17.99 18.40 7.22
CA TYR H 119 19.33 18.18 6.69
C TYR H 119 19.75 19.14 5.59
N ALA H 120 20.91 19.77 5.80
CA ALA H 120 21.65 20.45 4.75
C ALA H 120 23.04 19.83 4.74
N ILE H 121 23.22 18.83 3.87
CA ILE H 121 24.38 17.93 3.94
C ILE H 121 25.12 17.84 2.60
N GLY H 122 26.44 17.80 2.64
CA GLY H 122 27.24 17.65 1.43
C GLY H 122 27.04 18.78 0.45
N GLY H 123 26.75 18.42 -0.80
CA GLY H 123 26.46 19.44 -1.82
C GLY H 123 25.32 20.33 -1.36
N GLY H 124 24.47 19.78 -0.51
CA GLY H 124 23.37 20.55 0.07
C GLY H 124 23.87 21.59 1.06
N HIS H 125 24.92 21.23 1.81
CA HIS H 125 25.52 22.19 2.74
C HIS H 125 26.19 23.34 2.00
N VAL H 126 26.87 23.02 0.89
CA VAL H 126 27.51 24.07 0.12
C VAL H 126 26.50 25.04 -0.49
N LEU H 127 25.35 24.52 -0.91
CA LEU H 127 24.29 25.38 -1.42
C LEU H 127 23.86 26.42 -0.39
N HIS H 128 23.71 25.97 0.86
CA HIS H 128 23.33 26.93 1.90
C HIS H 128 24.42 27.98 2.09
N LEU H 129 25.67 27.53 2.07
CA LEU H 129 26.78 28.45 2.27
C LEU H 129 26.81 29.57 1.23
N VAL H 130 26.59 29.23 -0.04
CA VAL H 130 26.67 30.23 -1.09
C VAL H 130 25.48 31.16 -1.19
N CYS H 131 24.34 30.78 -0.62
CA CYS H 131 23.27 31.75 -0.48
C CYS H 131 23.77 32.91 0.38
N ASP H 132 23.30 34.12 0.10
CA ASP H 132 23.69 35.30 0.88
C ASP H 132 23.50 35.06 2.38
N LEU H 133 22.31 34.60 2.75
CA LEU H 133 21.95 34.46 4.16
C LEU H 133 21.38 33.06 4.40
N THR H 134 21.43 32.62 5.65
CA THR H 134 20.82 31.36 6.06
C THR H 134 20.01 31.55 7.33
N ILE H 135 18.74 31.19 7.26
CA ILE H 135 17.87 31.12 8.44
C ILE H 135 17.64 29.64 8.67
N ALA H 136 17.88 29.17 9.88
CA ALA H 136 17.76 27.75 10.18
C ALA H 136 16.56 27.52 11.08
N ALA H 137 15.87 26.40 10.88
CA ALA H 137 14.90 25.96 11.89
C ALA H 137 15.70 25.26 12.97
N ASP H 138 15.19 25.23 14.19
CA ASP H 138 15.93 24.61 15.29
C ASP H 138 16.17 23.12 15.10
N ASN H 139 15.46 22.50 14.16
CA ASN H 139 15.67 21.08 13.89
C ASN H 139 16.70 20.85 12.77
N ALA H 140 17.32 21.93 12.31
CA ALA H 140 18.28 21.84 11.20
C ALA H 140 19.59 21.12 11.55
N ILE H 141 20.14 20.39 10.59
CA ILE H 141 21.38 19.65 10.80
C ILE H 141 22.36 19.92 9.66
N PHE H 142 23.55 20.41 10.00
CA PHE H 142 24.53 20.83 9.00
C PHE H 142 25.76 19.95 8.97
N GLY H 143 26.34 19.75 7.79
CA GLY H 143 27.60 19.03 7.70
C GLY H 143 28.06 18.70 6.30
N GLN H 144 29.34 18.37 6.17
CA GLN H 144 29.89 17.89 4.91
C GLN H 144 30.15 16.40 5.06
N THR H 145 30.22 15.69 3.94
CA THR H 145 30.39 14.24 3.97
C THR H 145 31.40 13.76 2.92
N GLY H 146 31.89 14.67 2.10
CA GLY H 146 32.75 14.32 0.98
C GLY H 146 33.76 13.20 1.23
N PRO H 147 34.68 13.42 2.17
CA PRO H 147 35.75 12.46 2.47
C PRO H 147 35.26 11.10 2.93
N LYS H 148 34.01 11.03 3.38
CA LYS H 148 33.43 9.76 3.76
C LYS H 148 32.82 9.06 2.56
N VAL H 149 32.18 9.83 1.68
CA VAL H 149 31.49 9.25 0.51
C VAL H 149 32.27 9.40 -0.80
N GLY H 150 33.53 9.80 -0.70
CA GLY H 150 34.38 9.92 -1.88
C GLY H 150 34.11 11.13 -2.77
N SER H 151 34.01 12.29 -2.17
CA SER H 151 33.85 13.53 -2.92
C SER H 151 34.50 14.66 -2.14
N PHE H 152 34.57 15.84 -2.74
CA PHE H 152 34.97 17.04 -2.01
C PHE H 152 34.62 18.29 -2.82
N ASP H 153 34.37 19.39 -2.11
CA ASP H 153 34.19 20.68 -2.74
C ASP H 153 35.32 21.59 -2.30
N GLY H 154 36.35 21.72 -3.13
CA GLY H 154 37.51 22.52 -2.78
C GLY H 154 37.42 23.94 -3.28
N GLY H 155 36.25 24.34 -3.75
CA GLY H 155 36.03 25.71 -4.20
C GLY H 155 35.36 26.53 -3.11
N PHE H 156 34.13 26.95 -3.38
CA PHE H 156 33.39 27.71 -2.40
C PHE H 156 33.11 26.90 -1.14
N GLY H 157 33.08 25.58 -1.30
CA GLY H 157 32.82 24.67 -0.20
C GLY H 157 33.90 24.74 0.88
N SER H 158 35.11 25.13 0.46
CA SER H 158 36.26 25.23 1.36
C SER H 158 36.60 26.69 1.65
N SER H 159 37.12 27.38 0.64
CA SER H 159 37.53 28.78 0.81
C SER H 159 36.41 29.68 1.35
N TYR H 160 35.23 29.64 0.74
CA TYR H 160 34.17 30.55 1.19
C TYR H 160 33.69 30.17 2.59
N LEU H 161 33.62 28.88 2.90
CA LEU H 161 33.29 28.45 4.26
C LEU H 161 34.28 29.07 5.25
N ALA H 162 35.56 29.05 4.89
CA ALA H 162 36.58 29.66 5.74
C ALA H 162 36.36 31.17 5.95
N ARG H 163 35.80 31.85 4.95
CA ARG H 163 35.50 33.28 5.09
C ARG H 163 34.29 33.51 5.97
N ILE H 164 33.69 32.43 6.43
CA ILE H 164 32.50 32.53 7.27
C ILE H 164 32.77 32.11 8.69
N VAL H 165 33.34 30.92 8.86
CA VAL H 165 33.57 30.34 10.18
C VAL H 165 35.03 30.35 10.62
N GLY H 166 35.91 30.82 9.75
CA GLY H 166 37.34 30.82 10.05
C GLY H 166 37.97 29.49 9.68
N GLN H 167 39.30 29.49 9.52
CA GLN H 167 40.04 28.34 9.02
C GLN H 167 39.97 27.09 9.91
N LYS H 168 40.02 27.26 11.23
CA LYS H 168 40.00 26.11 12.15
C LYS H 168 38.70 25.31 12.04
N LYS H 169 37.57 26.01 12.12
CA LYS H 169 36.26 25.35 12.08
C LYS H 169 35.96 24.79 10.68
N ALA H 170 36.38 25.50 9.64
CA ALA H 170 36.14 25.03 8.29
C ALA H 170 36.83 23.69 8.09
N ARG H 171 38.07 23.58 8.55
CA ARG H 171 38.83 22.35 8.41
C ARG H 171 38.19 21.21 9.22
N GLU H 172 37.73 21.51 10.42
CA GLU H 172 37.03 20.50 11.23
C GLU H 172 35.83 19.92 10.50
N ILE H 173 34.99 20.83 9.98
CA ILE H 173 33.79 20.44 9.25
C ILE H 173 34.08 19.45 8.14
N TRP H 174 35.10 19.71 7.34
CA TRP H 174 35.42 18.85 6.21
C TRP H 174 36.18 17.56 6.55
N TYR H 175 37.13 17.65 7.48
CA TYR H 175 38.00 16.52 7.78
C TYR H 175 37.26 15.39 8.50
N LEU H 176 36.39 15.75 9.43
CA LEU H 176 35.68 14.77 10.27
C LEU H 176 34.30 14.40 9.76
N CYS H 177 33.67 15.27 8.98
CA CYS H 177 32.33 14.98 8.44
C CYS H 177 31.29 14.68 9.52
N ARG H 178 31.36 15.42 10.62
CA ARG H 178 30.33 15.33 11.66
C ARG H 178 29.10 16.12 11.29
N GLN H 179 28.08 16.04 12.13
CA GLN H 179 26.86 16.82 11.95
C GLN H 179 26.76 17.90 13.02
N TYR H 180 26.19 19.05 12.64
CA TYR H 180 26.08 20.17 13.57
C TYR H 180 24.64 20.67 13.68
N SER H 181 24.25 21.03 14.90
CA SER H 181 22.92 21.56 15.17
C SER H 181 22.77 22.97 14.65
N ALA H 182 21.53 23.46 14.65
CA ALA H 182 21.27 24.84 14.28
C ALA H 182 22.00 25.85 15.17
N GLN H 183 21.98 25.61 16.48
CA GLN H 183 22.66 26.48 17.44
C GLN H 183 24.15 26.48 17.24
N GLU H 184 24.71 25.30 16.97
CA GLU H 184 26.13 25.19 16.70
C GLU H 184 26.51 25.99 15.44
N ALA H 185 25.69 25.86 14.40
CA ALA H 185 25.91 26.58 13.16
C ALA H 185 25.83 28.08 13.36
N GLU H 186 24.89 28.55 14.18
CA GLU H 186 24.80 29.99 14.41
C GLU H 186 26.03 30.48 15.18
N ARG H 187 26.42 29.74 16.21
CA ARG H 187 27.55 30.13 17.07
C ARG H 187 28.87 30.22 16.30
N MET H 188 29.06 29.33 15.33
CA MET H 188 30.27 29.34 14.53
C MET H 188 30.23 30.38 13.41
N GLY H 189 29.05 30.95 13.15
CA GLY H 189 28.96 32.08 12.22
C GLY H 189 28.37 31.86 10.84
N MET H 190 27.90 30.64 10.55
CA MET H 190 27.40 30.31 9.21
C MET H 190 25.88 30.33 9.07
N VAL H 191 25.18 30.54 10.19
CA VAL H 191 23.73 30.67 10.19
C VAL H 191 23.39 32.02 10.84
N ASN H 192 22.53 32.79 10.18
CA ASN H 192 22.21 34.14 10.61
C ASN H 192 21.26 34.22 11.81
N THR H 193 20.28 33.31 11.85
CA THR H 193 19.38 33.19 12.98
C THR H 193 18.68 31.84 12.95
N VAL H 194 18.11 31.46 14.11
CA VAL H 194 17.46 30.16 14.28
C VAL H 194 16.07 30.39 14.86
N VAL H 195 15.07 29.72 14.31
CA VAL H 195 13.68 29.85 14.78
C VAL H 195 13.01 28.48 14.81
N PRO H 196 11.85 28.36 15.48
CA PRO H 196 11.16 27.06 15.46
C PRO H 196 10.73 26.69 14.04
N VAL H 197 10.62 25.38 13.77
CA VAL H 197 10.29 24.88 12.44
C VAL H 197 9.06 25.59 11.86
N ASP H 198 8.06 25.80 12.70
CA ASP H 198 6.78 26.34 12.26
C ASP H 198 6.82 27.82 11.95
N ARG H 199 7.94 28.47 12.26
CA ARG H 199 8.11 29.90 11.98
C ARG H 199 9.14 30.11 10.87
N LEU H 200 9.71 29.03 10.36
CA LEU H 200 10.80 29.17 9.39
C LEU H 200 10.42 30.00 8.16
N GLU H 201 9.33 29.65 7.48
CA GLU H 201 8.95 30.41 6.29
C GLU H 201 8.60 31.87 6.65
N GLU H 202 7.91 32.05 7.77
CA GLU H 202 7.51 33.38 8.20
C GLU H 202 8.72 34.26 8.51
N GLU H 203 9.77 33.67 9.08
CA GLU H 203 11.01 34.39 9.31
C GLU H 203 11.66 34.80 7.98
N GLY H 204 11.69 33.87 7.03
CA GLY H 204 12.20 34.16 5.70
C GLY H 204 11.51 35.33 5.02
N ILE H 205 10.18 35.32 5.09
CA ILE H 205 9.37 36.40 4.52
C ILE H 205 9.65 37.73 5.21
N GLN H 206 9.77 37.68 6.54
CA GLN H 206 10.05 38.87 7.33
C GLN H 206 11.38 39.49 6.88
N TRP H 207 12.41 38.66 6.77
CA TRP H 207 13.71 39.13 6.33
C TRP H 207 13.64 39.63 4.89
N ALA H 208 12.96 38.89 4.02
CA ALA H 208 12.81 39.34 2.64
C ALA H 208 12.16 40.71 2.53
N LYS H 209 11.12 40.94 3.32
CA LYS H 209 10.41 42.20 3.29
C LYS H 209 11.27 43.35 3.82
N GLU H 210 12.11 43.07 4.80
CA GLU H 210 13.03 44.10 5.29
C GLU H 210 14.03 44.48 4.18
N ILE H 211 14.38 43.49 3.34
CA ILE H 211 15.26 43.77 2.21
C ILE H 211 14.49 44.48 1.10
N LEU H 212 13.24 44.07 0.89
CA LEU H 212 12.45 44.62 -0.23
C LEU H 212 12.14 46.09 -0.09
N SER H 213 12.26 46.63 1.13
CA SER H 213 12.00 48.06 1.35
C SER H 213 13.25 48.93 1.17
N LYS H 214 14.37 48.31 0.78
CA LYS H 214 15.63 49.04 0.61
C LYS H 214 15.82 49.39 -0.85
N SER H 215 16.86 50.16 -1.14
CA SER H 215 17.20 50.54 -2.51
C SER H 215 17.83 49.38 -3.27
N PRO H 216 17.18 48.97 -4.37
CA PRO H 216 17.71 47.87 -5.19
C PRO H 216 19.13 48.16 -5.68
N LEU H 217 19.44 49.40 -5.99
CA LEU H 217 20.78 49.74 -6.48
C LEU H 217 21.80 49.58 -5.36
N ALA H 218 21.43 49.98 -4.14
CA ALA H 218 22.32 49.86 -3.01
C ALA H 218 22.64 48.40 -2.73
N ILE H 219 21.60 47.55 -2.75
CA ILE H 219 21.76 46.12 -2.48
C ILE H 219 22.67 45.41 -3.51
N ARG H 220 22.45 45.68 -4.79
CA ARG H 220 23.28 45.02 -5.82
C ARG H 220 24.74 45.45 -5.71
N CYS H 221 24.98 46.73 -5.43
CA CYS H 221 26.35 47.20 -5.29
C CYS H 221 27.03 46.53 -4.10
N LEU H 222 26.30 46.38 -3.01
CA LEU H 222 26.85 45.72 -1.84
C LEU H 222 27.16 44.26 -2.09
N LYS H 223 26.23 43.56 -2.74
CA LYS H 223 26.45 42.15 -3.00
C LYS H 223 27.73 41.96 -3.82
N ALA H 224 27.92 42.82 -4.82
CA ALA H 224 29.13 42.78 -5.65
C ALA H 224 30.35 43.06 -4.79
N ALA H 225 30.22 44.03 -3.90
CA ALA H 225 31.33 44.44 -3.01
C ALA H 225 31.80 43.29 -2.12
N PHE H 226 30.85 42.52 -1.59
CA PHE H 226 31.19 41.34 -0.80
C PHE H 226 31.88 40.26 -1.63
N ASN H 227 31.34 40.00 -2.82
CA ASN H 227 31.98 39.06 -3.73
C ASN H 227 33.41 39.50 -4.08
N ALA H 228 33.61 40.82 -4.19
CA ALA H 228 34.91 41.37 -4.58
C ALA H 228 36.03 41.09 -3.58
N ASP H 229 35.66 40.82 -2.34
CA ASP H 229 36.66 40.45 -1.33
C ASP H 229 37.11 39.00 -1.50
N CYS H 230 36.41 38.25 -2.35
CA CYS H 230 36.70 36.82 -2.51
C CYS H 230 37.16 36.43 -3.90
N ASP H 231 36.59 37.07 -4.92
CA ASP H 231 36.62 36.52 -6.28
C ASP H 231 37.53 37.26 -7.26
N GLY H 232 38.57 37.92 -6.73
CA GLY H 232 39.54 38.60 -7.56
C GLY H 232 38.92 39.42 -8.68
N GLN H 233 39.42 39.23 -9.89
CA GLN H 233 38.98 40.01 -11.03
C GLN H 233 37.51 39.80 -11.39
N ALA H 234 37.01 38.60 -11.12
CA ALA H 234 35.61 38.32 -11.35
C ALA H 234 34.75 39.17 -10.42
N GLY H 235 35.20 39.33 -9.18
CA GLY H 235 34.53 40.22 -8.25
C GLY H 235 34.65 41.65 -8.72
N LEU H 236 35.82 42.02 -9.22
CA LEU H 236 36.00 43.36 -9.79
C LEU H 236 35.03 43.60 -10.95
N GLN H 237 34.82 42.58 -11.77
CA GLN H 237 33.90 42.69 -12.89
C GLN H 237 32.50 43.09 -12.46
N GLU H 238 32.03 42.47 -11.38
CA GLU H 238 30.69 42.74 -10.82
C GLU H 238 30.64 44.12 -10.20
N LEU H 239 31.66 44.49 -9.45
CA LEU H 239 31.64 45.80 -8.79
C LEU H 239 31.78 46.92 -9.82
N ALA H 240 32.76 46.80 -10.70
CA ALA H 240 32.93 47.79 -11.77
C ALA H 240 31.73 47.81 -12.71
N GLY H 241 31.12 46.64 -12.92
CA GLY H 241 29.93 46.56 -13.75
C GLY H 241 28.83 47.47 -13.23
N ASN H 242 28.70 47.52 -11.91
CA ASN H 242 27.72 48.40 -11.28
C ASN H 242 28.09 49.87 -11.39
N ALA H 243 29.39 50.16 -11.28
CA ALA H 243 29.85 51.53 -11.50
C ALA H 243 29.50 51.98 -12.92
N THR H 244 29.69 51.08 -13.89
CA THR H 244 29.31 51.41 -15.26
C THR H 244 27.81 51.68 -15.37
N LEU H 245 27.01 50.80 -14.80
CA LEU H 245 25.56 50.96 -14.76
C LEU H 245 25.17 52.35 -14.22
N LEU H 246 25.72 52.71 -13.07
CA LEU H 246 25.42 54.00 -12.44
C LEU H 246 25.92 55.15 -13.29
N TYR H 247 27.08 54.97 -13.91
CA TYR H 247 27.64 56.01 -14.78
C TYR H 247 26.75 56.28 -15.98
N TYR H 248 26.09 55.22 -16.46
CA TYR H 248 25.17 55.35 -17.59
C TYR H 248 23.92 56.11 -17.21
N MET H 249 23.85 56.56 -15.95
CA MET H 249 22.69 57.35 -15.48
C MET H 249 23.04 58.82 -15.25
N THR H 250 24.25 59.22 -15.62
CA THR H 250 24.68 60.61 -15.41
C THR H 250 24.55 61.40 -16.71
N GLU H 251 24.37 62.71 -16.60
CA GLU H 251 24.31 63.54 -17.82
C GLU H 251 25.68 63.53 -18.48
N GLU H 252 26.73 63.58 -17.67
CA GLU H 252 28.09 63.55 -18.18
C GLU H 252 28.34 62.36 -19.10
N GLY H 253 27.90 61.18 -18.67
CA GLY H 253 28.12 59.99 -19.47
C GLY H 253 27.41 60.08 -20.81
N SER H 254 26.17 60.58 -20.77
CA SER H 254 25.34 60.66 -21.96
C SER H 254 25.94 61.57 -23.03
N GLU H 255 26.62 62.63 -22.60
CA GLU H 255 27.28 63.53 -23.54
C GLU H 255 28.28 62.79 -24.43
N GLY H 256 28.95 61.82 -23.85
CA GLY H 256 29.91 61.01 -24.60
C GLY H 256 29.19 60.24 -25.69
N LYS H 257 28.03 59.68 -25.32
CA LYS H 257 27.21 58.93 -26.25
C LYS H 257 26.62 59.77 -27.38
N GLN H 258 25.96 60.87 -27.03
CA GLN H 258 25.33 61.74 -28.02
C GLN H 258 26.35 62.32 -28.99
N ALA H 259 27.47 62.79 -28.46
CA ALA H 259 28.56 63.33 -29.29
C ALA H 259 29.00 62.33 -30.35
N PHE H 260 29.16 61.08 -29.95
CA PHE H 260 29.53 60.02 -30.89
C PHE H 260 28.49 59.84 -31.97
N LEU H 261 27.22 59.77 -31.57
CA LEU H 261 26.11 59.59 -32.49
C LEU H 261 25.92 60.75 -33.46
N GLU H 262 26.18 61.95 -32.98
CA GLU H 262 26.01 63.17 -33.79
C GLU H 262 27.30 63.46 -34.56
N LYS H 263 28.25 62.55 -34.47
CA LYS H 263 29.50 62.68 -35.22
C LYS H 263 30.22 64.00 -34.95
N ARG H 264 30.37 64.35 -33.68
CA ARG H 264 31.11 65.54 -33.30
C ARG H 264 32.01 65.19 -32.11
N PRO H 265 33.05 66.00 -31.88
CA PRO H 265 33.81 65.70 -30.67
C PRO H 265 32.95 65.97 -29.44
N PRO H 266 33.01 65.07 -28.44
CA PRO H 266 32.19 65.29 -27.24
C PRO H 266 32.71 66.49 -26.48
N ASP H 267 31.86 67.12 -25.67
CA ASP H 267 32.28 68.27 -24.90
C ASP H 267 32.08 68.04 -23.42
N PHE H 268 33.16 67.62 -22.77
CA PHE H 268 33.15 67.36 -21.33
C PHE H 268 33.80 68.55 -20.62
N SER H 269 33.94 69.66 -21.33
CA SER H 269 34.66 70.81 -20.79
C SER H 269 33.95 71.36 -19.57
N GLN H 270 32.64 71.17 -19.52
CA GLN H 270 31.82 71.68 -18.43
C GLN H 270 31.94 70.87 -17.16
N TYR H 271 32.39 69.62 -17.28
CA TYR H 271 32.47 68.74 -16.13
C TYR H 271 33.82 68.85 -15.41
N PRO H 272 33.77 68.97 -14.07
CA PRO H 272 34.98 69.17 -13.25
C PRO H 272 35.77 67.91 -12.99
N TRP H 273 37.06 68.06 -12.69
CA TRP H 273 37.89 66.95 -12.24
C TRP H 273 37.95 66.99 -10.71
N LEU H 274 36.95 66.36 -10.08
CA LEU H 274 36.76 66.44 -8.64
C LEU H 274 37.88 65.71 -7.88
N PRO H 275 38.06 66.05 -6.60
CA PRO H 275 39.11 65.49 -5.75
C PRO H 275 38.88 64.01 -5.47
N MET I 1 42.87 61.12 34.83
CA MET I 1 43.80 61.39 33.74
C MET I 1 43.94 62.89 33.52
N ASP I 2 45.14 63.34 33.17
CA ASP I 2 45.39 64.75 32.89
C ASP I 2 45.27 64.99 31.39
N TRP I 3 44.05 65.15 30.88
CA TRP I 3 43.93 65.45 29.44
C TRP I 3 44.30 66.90 29.26
N HIS I 4 45.11 67.17 28.24
CA HIS I 4 45.44 68.54 27.86
C HIS I 4 44.92 68.77 26.45
N ILE I 5 44.21 69.88 26.27
CA ILE I 5 43.76 70.26 24.94
C ILE I 5 44.96 70.46 24.04
N ALA I 6 44.86 69.96 22.80
CA ALA I 6 46.01 69.96 21.90
C ALA I 6 45.88 70.92 20.72
N LYS I 7 44.65 71.21 20.32
CA LYS I 7 44.41 72.16 19.23
C LYS I 7 42.93 72.44 19.17
N HIS I 8 42.55 73.61 18.70
CA HIS I 8 41.12 73.96 18.69
C HIS I 8 40.54 73.75 17.30
N TYR I 9 39.35 73.17 17.27
CA TYR I 9 38.64 72.88 16.03
C TYR I 9 37.19 73.29 16.19
N ASP I 10 36.48 73.34 15.07
CA ASP I 10 35.07 73.69 15.07
C ASP I 10 34.15 72.50 15.36
N ASP I 11 34.48 71.34 14.77
CA ASP I 11 33.60 70.16 14.80
C ASP I 11 34.06 69.03 15.73
N ILE I 12 35.26 69.16 16.30
CA ILE I 12 35.80 68.07 17.14
C ILE I 12 36.60 68.61 18.29
N LEU I 13 36.97 67.73 19.21
CA LEU I 13 37.83 68.09 20.32
C LEU I 13 39.04 67.16 20.29
N TYR I 14 40.20 67.69 20.68
CA TYR I 14 41.45 66.95 20.56
C TYR I 14 42.31 67.16 21.81
N TYR I 15 42.65 66.06 22.47
CA TYR I 15 43.42 66.12 23.72
C TYR I 15 44.61 65.18 23.66
N LYS I 16 45.58 65.41 24.56
CA LYS I 16 46.70 64.50 24.73
C LYS I 16 46.98 64.31 26.22
N ALA I 17 47.46 63.12 26.57
CA ALA I 17 47.91 62.85 27.92
C ALA I 17 48.85 61.66 27.88
N GLY I 18 50.10 61.88 28.27
CA GLY I 18 51.12 60.86 28.14
C GLY I 18 51.26 60.41 26.70
N GLY I 19 51.23 59.10 26.49
CA GLY I 19 51.34 58.55 25.15
C GLY I 19 49.99 58.35 24.49
N ILE I 20 48.95 58.93 25.06
CA ILE I 20 47.60 58.75 24.52
C ILE I 20 47.03 60.03 23.94
N ALA I 21 46.43 59.91 22.76
CA ALA I 21 45.65 61.01 22.21
C ALA I 21 44.17 60.65 22.26
N LYS I 22 43.32 61.66 22.40
CA LYS I 22 41.88 61.44 22.39
C LYS I 22 41.25 62.39 21.39
N ILE I 23 40.52 61.82 20.43
CA ILE I 23 39.86 62.63 19.43
C ILE I 23 38.36 62.42 19.60
N VAL I 24 37.62 63.51 19.75
CA VAL I 24 36.20 63.47 20.05
C VAL I 24 35.41 64.18 18.94
N ILE I 25 34.51 63.44 18.29
CA ILE I 25 33.62 64.04 17.31
C ILE I 25 32.58 64.84 18.09
N ASN I 26 32.42 66.11 17.76
CA ASN I 26 31.62 67.00 18.60
C ASN I 26 30.46 67.68 17.87
N ARG I 27 29.54 66.90 17.30
CA ARG I 27 28.33 67.47 16.72
C ARG I 27 27.11 66.70 17.22
N PRO I 28 26.90 66.71 18.54
CA PRO I 28 25.86 65.88 19.16
C PRO I 28 24.44 66.22 18.71
N HIS I 29 24.24 67.40 18.14
CA HIS I 29 22.93 67.78 17.64
C HIS I 29 22.59 67.01 16.35
N LYS I 30 23.59 66.32 15.78
CA LYS I 30 23.37 65.47 14.61
C LYS I 30 23.81 64.05 14.92
N ARG I 31 23.74 63.65 16.18
CA ARG I 31 24.24 62.35 16.60
C ARG I 31 25.66 62.20 16.09
N ASN I 32 26.39 63.31 16.11
CA ASN I 32 27.80 63.29 15.69
C ASN I 32 28.07 62.83 14.27
N ALA I 33 27.14 63.16 13.38
CA ALA I 33 27.34 62.96 11.95
C ALA I 33 28.48 63.83 11.48
N PHE I 34 29.26 63.35 10.51
CA PHE I 34 30.36 64.18 9.98
C PHE I 34 30.03 64.88 8.67
N ARG I 35 30.31 66.18 8.63
CA ARG I 35 30.29 66.90 7.37
C ARG I 35 31.72 66.97 6.86
N PRO I 36 31.90 67.43 5.62
CA PRO I 36 33.29 67.44 5.11
C PRO I 36 34.27 68.16 6.04
N GLN I 37 33.86 69.25 6.69
CA GLN I 37 34.77 69.94 7.59
C GLN I 37 35.17 69.06 8.77
N THR I 38 34.22 68.27 9.26
CA THR I 38 34.50 67.35 10.38
C THR I 38 35.59 66.38 9.99
N VAL I 39 35.49 65.87 8.77
CA VAL I 39 36.47 64.94 8.25
C VAL I 39 37.82 65.62 8.07
N PHE I 40 37.82 66.84 7.50
CA PHE I 40 39.08 67.58 7.35
C PHE I 40 39.77 67.72 8.71
N GLU I 41 38.97 68.03 9.74
CA GLU I 41 39.49 68.22 11.09
C GLU I 41 39.95 66.91 11.71
N LEU I 42 39.14 65.87 11.55
CA LEU I 42 39.51 64.55 12.02
C LEU I 42 40.84 64.14 11.38
N TYR I 43 40.98 64.39 10.09
CA TYR I 43 42.20 64.07 9.37
C TYR I 43 43.40 64.83 9.95
N ASP I 44 43.21 66.12 10.20
CA ASP I 44 44.26 66.95 10.78
C ASP I 44 44.71 66.45 12.14
N ALA I 45 43.76 66.08 13.00
CA ALA I 45 44.10 65.62 14.34
C ALA I 45 44.86 64.30 14.33
N PHE I 46 44.40 63.37 13.51
CA PHE I 46 45.11 62.10 13.34
C PHE I 46 46.51 62.32 12.77
N CYS I 47 46.66 63.26 11.84
CA CYS I 47 48.01 63.58 11.34
C CYS I 47 48.91 64.08 12.45
N ASN I 48 48.36 64.96 13.27
CA ASN I 48 49.08 65.44 14.44
C ASN I 48 49.49 64.29 15.36
N ALA I 49 48.55 63.40 15.68
CA ALA I 49 48.90 62.27 16.54
C ALA I 49 50.02 61.46 15.90
N ARG I 50 49.91 61.25 14.59
CA ARG I 50 50.91 60.49 13.85
C ARG I 50 52.29 61.13 13.93
N GLU I 51 52.32 62.46 13.88
CA GLU I 51 53.56 63.22 13.87
C GLU I 51 54.17 63.39 15.25
N ASP I 52 53.39 63.09 16.29
CA ASP I 52 53.82 63.27 17.67
C ASP I 52 54.52 62.03 18.18
N ASN I 53 55.85 62.12 18.30
CA ASN I 53 56.67 60.98 18.67
N ARG I 54 55.73 60.92 21.05
CA ARG I 54 55.15 60.54 22.33
C ARG I 54 53.82 59.77 22.23
N ILE I 55 53.08 59.96 21.15
CA ILE I 55 51.77 59.34 21.05
C ILE I 55 51.87 57.94 20.43
N GLY I 56 51.41 56.94 21.17
CA GLY I 56 51.40 55.58 20.67
C GLY I 56 50.00 55.06 20.39
N VAL I 57 49.01 55.67 21.03
CA VAL I 57 47.64 55.19 20.93
C VAL I 57 46.67 56.34 20.78
N VAL I 58 45.69 56.20 19.90
CA VAL I 58 44.67 57.24 19.77
C VAL I 58 43.34 56.65 20.16
N LEU I 59 42.62 57.32 21.07
CA LEU I 59 41.25 56.93 21.40
C LEU I 59 40.29 57.79 20.59
N LEU I 60 39.41 57.16 19.82
CA LEU I 60 38.43 57.90 19.05
C LEU I 60 37.05 57.67 19.64
N THR I 61 36.32 58.76 19.85
CA THR I 61 35.01 58.66 20.48
C THR I 61 34.12 59.84 20.10
N GLY I 62 32.87 59.80 20.53
CA GLY I 62 31.90 60.86 20.21
C GLY I 62 31.47 61.61 21.46
N ALA I 63 31.09 62.88 21.29
CA ALA I 63 30.63 63.68 22.41
C ALA I 63 29.24 63.25 22.89
N GLY I 64 29.05 63.21 24.19
CA GLY I 64 27.76 62.87 24.76
C GLY I 64 27.83 62.84 26.27
N PRO I 65 26.68 62.72 26.92
CA PRO I 65 25.38 62.59 26.22
C PRO I 65 24.89 63.93 25.68
N HIS I 66 23.96 63.87 24.72
CA HIS I 66 23.37 65.07 24.14
C HIS I 66 22.30 65.59 25.11
N SER I 67 21.72 66.74 24.80
CA SER I 67 20.74 67.35 25.69
C SER I 67 19.54 66.42 25.89
N ASP I 68 19.34 65.50 24.95
CA ASP I 68 18.25 64.54 25.03
C ASP I 68 18.66 63.27 25.77
N GLY I 69 19.83 63.30 26.41
CA GLY I 69 20.31 62.15 27.16
C GLY I 69 20.98 61.03 26.36
N LYS I 70 21.01 61.17 25.04
CA LYS I 70 21.54 60.09 24.20
C LYS I 70 23.04 60.17 23.95
N TYR I 71 23.64 59.00 23.80
CA TYR I 71 25.06 58.90 23.44
C TYR I 71 25.14 58.57 21.97
N ALA I 72 26.21 59.01 21.34
CA ALA I 72 26.47 58.63 19.95
C ALA I 72 27.95 58.73 19.67
N PHE I 73 28.48 57.68 19.05
CA PHE I 73 29.86 57.64 18.56
C PHE I 73 29.91 58.48 17.27
N CYS I 74 29.08 58.10 16.30
CA CYS I 74 29.02 58.80 15.02
C CYS I 74 27.89 58.20 14.19
N SER I 75 27.11 59.06 13.56
CA SER I 75 25.97 58.61 12.75
C SER I 75 26.28 58.67 11.25
N GLY I 76 27.56 58.79 10.90
CA GLY I 76 27.95 58.74 9.49
C GLY I 76 27.86 60.07 8.79
N GLY I 77 27.71 60.03 7.47
CA GLY I 77 27.68 61.24 6.67
C GLY I 77 26.48 62.10 7.00
N ASP I 78 26.74 63.39 7.15
CA ASP I 78 25.70 64.36 7.44
C ASP I 78 24.75 64.51 6.25
N GLN I 79 23.56 63.94 6.38
CA GLN I 79 22.60 63.93 5.27
C GLN I 79 22.06 65.32 4.94
N SER I 80 22.18 66.26 5.89
CA SER I 80 21.66 67.62 5.67
C SER I 80 22.51 68.43 4.70
N VAL I 81 23.73 67.97 4.42
CA VAL I 81 24.56 68.66 3.42
C VAL I 81 24.85 67.76 2.23
N ARG I 82 24.15 66.63 2.16
CA ARG I 82 24.36 65.72 1.04
C ARG I 82 23.71 66.28 -0.23
N GLY I 83 24.50 66.33 -1.31
CA GLY I 83 23.99 66.80 -2.58
C GLY I 83 24.40 65.89 -3.72
N GLU I 84 24.48 66.44 -4.93
CA GLU I 84 24.78 65.64 -6.09
C GLU I 84 26.25 65.18 -6.07
N GLY I 85 26.44 63.87 -5.99
CA GLY I 85 27.76 63.26 -6.05
C GLY I 85 28.59 63.18 -4.78
N GLY I 86 28.02 63.63 -3.66
CA GLY I 86 28.77 63.61 -2.41
C GLY I 86 28.23 64.59 -1.41
N TYR I 87 28.99 64.82 -0.34
CA TYR I 87 28.59 65.76 0.69
C TYR I 87 29.13 67.15 0.39
N ILE I 88 28.22 68.12 0.27
CA ILE I 88 28.59 69.44 -0.22
C ILE I 88 29.24 70.24 0.91
N ASP I 89 30.50 70.61 0.73
CA ASP I 89 31.15 71.44 1.76
C ASP I 89 30.68 72.86 1.55
N ASP I 90 31.15 73.77 2.40
CA ASP I 90 30.64 75.14 2.40
C ASP I 90 31.05 75.92 1.17
N GLN I 91 31.94 75.30 0.38
CA GLN I 91 32.41 75.94 -0.84
C GLN I 91 31.72 75.38 -2.07
N GLY I 92 30.79 74.46 -1.84
CA GLY I 92 30.00 73.90 -2.93
C GLY I 92 30.59 72.66 -3.58
N THR I 93 31.70 72.16 -3.02
CA THR I 93 32.35 70.97 -3.56
C THR I 93 31.78 69.69 -2.98
N PRO I 94 31.32 68.78 -3.85
CA PRO I 94 30.87 67.47 -3.40
C PRO I 94 32.08 66.67 -2.95
N ARG I 95 32.01 66.04 -1.77
CA ARG I 95 33.17 65.32 -1.25
C ARG I 95 32.81 63.96 -0.67
N LEU I 96 33.78 63.06 -0.74
CA LEU I 96 33.73 61.78 -0.05
C LEU I 96 35.01 61.60 0.75
N ASN I 97 35.41 62.64 1.47
CA ASN I 97 36.72 62.63 2.13
C ASN I 97 36.88 61.71 3.33
N VAL I 98 35.79 61.09 3.78
CA VAL I 98 35.92 60.09 4.82
C VAL I 98 36.77 58.92 4.32
N LEU I 99 36.79 58.72 3.00
CA LEU I 99 37.61 57.66 2.43
C LEU I 99 39.09 57.92 2.74
N ASP I 100 39.49 59.18 2.66
CA ASP I 100 40.85 59.55 3.00
C ASP I 100 41.14 59.35 4.49
N LEU I 101 40.16 59.68 5.33
CA LEU I 101 40.33 59.47 6.76
C LEU I 101 40.43 57.98 7.08
N GLN I 102 39.59 57.17 6.43
CA GLN I 102 39.64 55.73 6.64
C GLN I 102 41.07 55.22 6.43
N ARG I 103 41.67 55.61 5.30
CA ARG I 103 43.02 55.18 4.95
C ARG I 103 44.07 55.64 5.95
N LEU I 104 43.94 56.87 6.43
CA LEU I 104 44.86 57.40 7.43
C LEU I 104 44.84 56.61 8.75
N ILE I 105 43.64 56.41 9.28
CA ILE I 105 43.48 55.65 10.53
C ILE I 105 44.03 54.24 10.36
N ARG I 106 43.73 53.65 9.21
CA ARG I 106 44.10 52.28 8.89
C ARG I 106 45.61 52.12 8.74
N SER I 107 46.27 53.11 8.15
CA SER I 107 47.70 52.94 7.84
C SER I 107 48.66 53.49 8.89
N MET I 108 48.24 54.52 9.63
CA MET I 108 49.15 55.16 10.58
C MET I 108 49.69 54.17 11.61
N PRO I 109 50.99 54.26 11.90
CA PRO I 109 51.66 53.29 12.77
C PRO I 109 51.42 53.58 14.24
N LYS I 110 50.19 53.90 14.60
CA LYS I 110 49.77 54.01 15.99
C LYS I 110 48.46 53.23 16.13
N VAL I 111 48.21 52.64 17.29
CA VAL I 111 46.99 51.87 17.50
C VAL I 111 45.81 52.81 17.73
N VAL I 112 44.75 52.65 16.95
CA VAL I 112 43.54 53.46 17.14
C VAL I 112 42.42 52.62 17.71
N ILE I 113 41.87 53.09 18.82
CA ILE I 113 40.79 52.41 19.51
C ILE I 113 39.51 53.24 19.47
N ALA I 114 38.46 52.68 18.88
CA ALA I 114 37.15 53.31 18.93
C ALA I 114 36.52 53.01 20.28
N LEU I 115 36.10 54.06 20.96
CA LEU I 115 35.34 53.93 22.20
C LEU I 115 33.89 54.29 21.87
N VAL I 116 33.05 53.26 21.77
CA VAL I 116 31.68 53.46 21.28
C VAL I 116 30.66 53.43 22.42
N ALA I 117 30.06 54.58 22.71
CA ALA I 117 28.88 54.66 23.57
C ALA I 117 27.75 55.11 22.69
N GLY I 118 26.58 54.51 22.83
CA GLY I 118 25.47 54.88 21.96
C GLY I 118 25.73 54.51 20.50
N TYR I 119 25.23 55.34 19.60
CA TYR I 119 25.15 55.00 18.18
C TYR I 119 26.46 55.07 17.40
N ALA I 120 26.81 53.96 16.77
CA ALA I 120 27.82 53.91 15.72
C ALA I 120 27.11 53.36 14.50
N ILE I 121 26.63 54.27 13.66
CA ILE I 121 25.70 53.93 12.61
C ILE I 121 26.19 54.44 11.27
N GLY I 122 26.00 53.64 10.22
CA GLY I 122 26.37 54.05 8.87
C GLY I 122 27.85 54.33 8.70
N GLY I 123 28.21 55.49 8.14
CA GLY I 123 29.60 55.85 8.03
C GLY I 123 30.28 55.84 9.39
N GLY I 124 29.50 56.07 10.45
CA GLY I 124 30.05 56.00 11.80
C GLY I 124 30.40 54.59 12.18
N HIS I 125 29.62 53.64 11.69
CA HIS I 125 29.92 52.24 11.92
C HIS I 125 31.19 51.81 11.20
N VAL I 126 31.35 52.27 9.97
CA VAL I 126 32.55 51.90 9.22
C VAL I 126 33.80 52.46 9.90
N LEU I 127 33.67 53.66 10.46
CA LEU I 127 34.76 54.28 11.20
C LEU I 127 35.21 53.42 12.39
N HIS I 128 34.24 52.88 13.13
CA HIS I 128 34.57 51.99 14.25
C HIS I 128 35.32 50.77 13.74
N LEU I 129 34.86 50.23 12.61
CA LEU I 129 35.47 49.05 12.01
C LEU I 129 36.93 49.25 11.60
N VAL I 130 37.26 50.40 10.99
CA VAL I 130 38.63 50.60 10.52
C VAL I 130 39.60 50.95 11.65
N CYS I 131 39.09 51.37 12.80
CA CYS I 131 39.97 51.46 13.97
C CYS I 131 40.51 50.06 14.31
N ASP I 132 41.76 49.98 14.77
CA ASP I 132 42.37 48.70 15.11
C ASP I 132 41.46 47.89 16.03
N LEU I 133 41.00 48.54 17.10
CA LEU I 133 40.24 47.86 18.14
C LEU I 133 38.99 48.66 18.46
N THR I 134 38.02 47.99 19.06
CA THR I 134 36.81 48.65 19.53
C THR I 134 36.42 48.19 20.93
N ILE I 135 36.27 49.16 21.82
CA ILE I 135 35.72 48.92 23.15
C ILE I 135 34.35 49.57 23.17
N ALA I 136 33.34 48.81 23.59
CA ALA I 136 31.97 49.31 23.58
C ALA I 136 31.46 49.52 25.00
N ALA I 137 30.68 50.56 25.22
CA ALA I 137 29.93 50.67 26.45
C ALA I 137 28.71 49.78 26.26
N ASP I 138 28.13 49.28 27.34
CA ASP I 138 26.99 48.38 27.17
C ASP I 138 25.77 49.05 26.53
N ASN I 139 25.77 50.38 26.42
CA ASN I 139 24.67 51.06 25.74
C ASN I 139 24.96 51.28 24.25
N ALA I 140 26.05 50.69 23.77
CA ALA I 140 26.41 50.89 22.37
C ALA I 140 25.41 50.23 21.41
N ILE I 141 25.15 50.90 20.29
CA ILE I 141 24.24 50.41 19.25
C ILE I 141 24.93 50.53 17.88
N PHE I 142 25.09 49.38 17.19
CA PHE I 142 25.84 49.28 15.95
C PHE I 142 24.94 48.94 14.76
N GLY I 143 25.27 49.50 13.59
CA GLY I 143 24.54 49.12 12.38
C GLY I 143 24.89 49.94 11.17
N GLN I 144 24.53 49.41 10.01
CA GLN I 144 24.66 50.13 8.74
C GLN I 144 23.25 50.54 8.31
N THR I 145 23.16 51.56 7.47
CA THR I 145 21.87 52.08 7.02
C THR I 145 21.83 52.32 5.51
N GLY I 146 22.96 52.13 4.83
CA GLY I 146 23.05 52.49 3.42
C GLY I 146 21.82 52.27 2.55
N PRO I 147 21.42 51.01 2.40
CA PRO I 147 20.30 50.66 1.51
C PRO I 147 18.98 51.31 1.93
N LYS I 148 18.90 51.79 3.16
CA LYS I 148 17.72 52.49 3.63
C LYS I 148 17.77 53.98 3.28
N VAL I 149 18.96 54.58 3.39
CA VAL I 149 19.11 56.03 3.15
C VAL I 149 19.76 56.39 1.81
N GLY I 150 19.91 55.40 0.94
CA GLY I 150 20.45 55.64 -0.39
C GLY I 150 21.94 55.88 -0.43
N SER I 151 22.68 54.99 0.24
CA SER I 151 24.14 55.02 0.24
C SER I 151 24.68 53.62 0.42
N PHE I 152 26.00 53.49 0.27
CA PHE I 152 26.68 52.25 0.62
C PHE I 152 28.17 52.49 0.73
N ASP I 153 28.83 51.67 1.54
CA ASP I 153 30.28 51.67 1.61
C ASP I 153 30.74 50.29 1.19
N GLY I 154 31.12 50.15 -0.07
CA GLY I 154 31.53 48.87 -0.63
C GLY I 154 33.02 48.66 -0.57
N GLY I 155 33.70 49.51 0.21
CA GLY I 155 35.12 49.36 0.40
C GLY I 155 35.38 48.62 1.69
N PHE I 156 36.00 49.31 2.64
CA PHE I 156 36.26 48.71 3.95
C PHE I 156 34.97 48.41 4.69
N GLY I 157 33.90 49.13 4.37
CA GLY I 157 32.61 48.89 5.02
C GLY I 157 32.09 47.48 4.78
N SER I 158 32.48 46.91 3.65
CA SER I 158 32.00 45.58 3.27
C SER I 158 33.08 44.51 3.44
N SER I 159 34.11 44.55 2.59
CA SER I 159 35.20 43.58 2.65
C SER I 159 35.86 43.49 4.03
N TYR I 160 36.24 44.64 4.59
CA TYR I 160 36.93 44.59 5.88
C TYR I 160 35.97 44.11 6.98
N LEU I 161 34.70 44.49 6.90
CA LEU I 161 33.73 43.94 7.83
C LEU I 161 33.67 42.41 7.77
N ALA I 162 33.69 41.86 6.55
CA ALA I 162 33.71 40.41 6.37
C ALA I 162 34.93 39.73 7.00
N ARG I 163 36.07 40.43 7.03
CA ARG I 163 37.29 39.88 7.66
C ARG I 163 37.21 39.92 9.18
N ILE I 164 36.11 40.46 9.68
CA ILE I 164 35.89 40.56 11.13
C ILE I 164 34.77 39.63 11.59
N VAL I 165 33.60 39.71 10.96
CA VAL I 165 32.43 38.93 11.42
C VAL I 165 32.07 37.76 10.49
N GLY I 166 32.78 37.62 9.38
CA GLY I 166 32.49 36.58 8.39
C GLY I 166 31.44 37.01 7.37
N GLN I 167 31.41 36.34 6.23
CA GLN I 167 30.57 36.75 5.10
C GLN I 167 29.06 36.74 5.38
N LYS I 168 28.59 35.72 6.08
CA LYS I 168 27.15 35.62 6.38
C LYS I 168 26.66 36.81 7.21
N LYS I 169 27.35 37.09 8.31
CA LYS I 169 26.90 38.15 9.22
C LYS I 169 27.09 39.53 8.61
N ALA I 170 28.17 39.69 7.84
CA ALA I 170 28.46 40.96 7.20
C ALA I 170 27.35 41.31 6.21
N ARG I 171 26.90 40.32 5.46
CA ARG I 171 25.83 40.54 4.50
C ARG I 171 24.52 40.88 5.20
N GLU I 172 24.22 40.16 6.28
CA GLU I 172 23.03 40.46 7.06
C GLU I 172 22.98 41.93 7.51
N ILE I 173 24.10 42.37 8.09
CA ILE I 173 24.25 43.73 8.59
C ILE I 173 23.90 44.78 7.52
N TRP I 174 24.43 44.60 6.31
CA TRP I 174 24.21 45.57 5.24
C TRP I 174 22.85 45.46 4.56
N TYR I 175 22.35 44.25 4.34
CA TYR I 175 21.11 44.06 3.57
C TYR I 175 19.87 44.49 4.35
N LEU I 176 19.85 44.18 5.64
CA LEU I 176 18.68 44.44 6.47
C LEU I 176 18.74 45.76 7.23
N CYS I 177 19.95 46.28 7.45
CA CYS I 177 20.12 47.56 8.14
C CYS I 177 19.47 47.57 9.53
N ARG I 178 19.58 46.45 10.22
CA ARG I 178 19.11 46.40 11.59
C ARG I 178 20.13 47.04 12.53
N GLN I 179 19.77 47.12 13.80
CA GLN I 179 20.64 47.61 14.85
C GLN I 179 21.07 46.45 15.73
N TYR I 180 22.30 46.52 16.24
CA TYR I 180 22.85 45.45 17.08
C TYR I 180 23.35 46.01 18.40
N SER I 181 23.10 45.28 19.48
CA SER I 181 23.55 45.67 20.81
C SER I 181 25.04 45.41 20.96
N ALA I 182 25.62 45.94 22.03
CA ALA I 182 27.03 45.71 22.32
C ALA I 182 27.39 44.23 22.44
N GLN I 183 26.57 43.48 23.17
CA GLN I 183 26.80 42.05 23.34
C GLN I 183 26.72 41.28 22.01
N GLU I 184 25.76 41.66 21.17
CA GLU I 184 25.63 41.08 19.84
C GLU I 184 26.88 41.38 19.00
N ALA I 185 27.36 42.62 19.08
CA ALA I 185 28.56 43.05 18.37
C ALA I 185 29.80 42.31 18.87
N GLU I 186 29.86 42.11 20.18
CA GLU I 186 31.00 41.40 20.75
C GLU I 186 30.98 39.93 20.34
N ARG I 187 29.80 39.33 20.41
CA ARG I 187 29.63 37.91 20.09
C ARG I 187 29.97 37.62 18.63
N MET I 188 29.64 38.55 17.73
CA MET I 188 29.94 38.33 16.32
C MET I 188 31.40 38.62 15.93
N GLY I 189 32.16 39.22 16.83
CA GLY I 189 33.59 39.39 16.64
C GLY I 189 34.10 40.80 16.33
N MET I 190 33.22 41.79 16.31
CA MET I 190 33.63 43.13 15.90
C MET I 190 33.86 44.14 17.03
N VAL I 191 33.60 43.70 18.26
CA VAL I 191 33.86 44.51 19.45
C VAL I 191 34.76 43.71 20.39
N ASN I 192 35.85 44.32 20.84
CA ASN I 192 36.84 43.59 21.62
C ASN I 192 36.43 43.32 23.07
N THR I 193 35.77 44.29 23.68
CA THR I 193 35.20 44.07 25.01
C THR I 193 34.11 45.12 25.27
N VAL I 194 33.30 44.83 26.28
CA VAL I 194 32.15 45.67 26.63
C VAL I 194 32.22 46.01 28.11
N VAL I 195 31.99 47.28 28.45
CA VAL I 195 32.02 47.74 29.84
C VAL I 195 30.88 48.73 30.07
N PRO I 196 30.59 49.06 31.35
CA PRO I 196 29.54 50.06 31.59
C PRO I 196 29.92 51.44 31.02
N VAL I 197 28.92 52.25 30.70
CA VAL I 197 29.17 53.54 30.07
C VAL I 197 30.21 54.40 30.82
N ASP I 198 30.07 54.52 32.14
CA ASP I 198 30.94 55.43 32.89
C ASP I 198 32.32 54.83 33.11
N ARG I 199 32.54 53.62 32.61
CA ARG I 199 33.87 52.99 32.67
C ARG I 199 34.54 52.96 31.29
N LEU I 200 33.85 53.44 30.28
CA LEU I 200 34.33 53.35 28.90
C LEU I 200 35.70 54.00 28.70
N GLU I 201 35.85 55.26 29.11
CA GLU I 201 37.14 55.91 28.90
C GLU I 201 38.26 55.26 29.71
N GLU I 202 37.99 54.89 30.95
CA GLU I 202 39.01 54.27 31.78
C GLU I 202 39.46 52.92 31.19
N GLU I 203 38.55 52.20 30.56
CA GLU I 203 38.91 50.97 29.88
C GLU I 203 39.82 51.27 28.69
N GLY I 204 39.46 52.31 27.95
CA GLY I 204 40.27 52.76 26.83
C GLY I 204 41.68 53.10 27.28
N ILE I 205 41.79 53.83 28.38
CA ILE I 205 43.09 54.20 28.94
C ILE I 205 43.91 52.98 29.39
N GLN I 206 43.25 52.02 30.04
CA GLN I 206 43.94 50.82 30.48
C GLN I 206 44.49 50.05 29.27
N TRP I 207 43.67 49.87 28.24
CA TRP I 207 44.11 49.16 27.04
C TRP I 207 45.28 49.91 26.39
N ALA I 208 45.16 51.22 26.31
CA ALA I 208 46.23 52.05 25.77
C ALA I 208 47.54 51.85 26.54
N LYS I 209 47.45 51.83 27.86
CA LYS I 209 48.64 51.70 28.69
C LYS I 209 49.34 50.36 28.50
N GLU I 210 48.55 49.32 28.31
CA GLU I 210 49.09 47.99 28.04
C GLU I 210 49.82 47.97 26.70
N ILE I 211 49.36 48.79 25.75
CA ILE I 211 50.03 48.92 24.46
C ILE I 211 51.27 49.80 24.59
N LEU I 212 51.16 50.87 25.37
CA LEU I 212 52.28 51.81 25.50
C LEU I 212 53.50 51.21 26.21
N SER I 213 53.32 50.08 26.88
CA SER I 213 54.44 49.39 27.53
C SER I 213 55.15 48.42 26.59
N LYS I 214 54.71 48.38 25.33
CA LYS I 214 55.28 47.46 24.37
C LYS I 214 56.28 48.18 23.46
N SER I 215 56.96 47.42 22.61
CA SER I 215 57.91 47.98 21.63
C SER I 215 57.18 48.66 20.46
N PRO I 216 57.41 49.97 20.26
CA PRO I 216 56.77 50.69 19.16
C PRO I 216 57.10 50.07 17.80
N LEU I 217 58.32 49.57 17.64
CA LEU I 217 58.71 48.96 16.38
C LEU I 217 57.94 47.66 16.15
N ALA I 218 57.79 46.85 17.19
CA ALA I 218 57.03 45.62 17.05
C ALA I 218 55.59 45.93 16.69
N ILE I 219 55.01 46.92 17.37
CA ILE I 219 53.62 47.27 17.12
C ILE I 219 53.36 47.73 15.68
N ARG I 220 54.20 48.63 15.17
CA ARG I 220 54.00 49.14 13.82
C ARG I 220 54.11 48.04 12.77
N CYS I 221 55.06 47.13 12.99
CA CYS I 221 55.26 46.05 12.05
C CYS I 221 54.05 45.13 12.03
N LEU I 222 53.50 44.88 13.21
CA LEU I 222 52.32 44.04 13.31
C LEU I 222 51.13 44.68 12.62
N LYS I 223 50.92 45.98 12.85
CA LYS I 223 49.79 46.66 12.21
C LYS I 223 49.91 46.55 10.69
N ALA I 224 51.11 46.73 10.17
CA ALA I 224 51.35 46.58 8.74
C ALA I 224 51.07 45.15 8.31
N ALA I 225 51.50 44.21 9.11
CA ALA I 225 51.31 42.80 8.78
C ALA I 225 49.82 42.47 8.66
N PHE I 226 49.01 43.02 9.56
CA PHE I 226 47.56 42.82 9.49
C PHE I 226 46.92 43.46 8.25
N ASN I 227 47.32 44.71 7.95
CA ASN I 227 46.89 45.37 6.73
C ASN I 227 47.28 44.61 5.49
N ALA I 228 48.44 43.97 5.57
CA ALA I 228 48.96 43.25 4.40
C ALA I 228 48.10 42.05 4.01
N ASP I 229 47.29 41.54 4.95
CA ASP I 229 46.40 40.42 4.63
C ASP I 229 45.20 40.90 3.84
N CYS I 230 45.03 42.22 3.77
CA CYS I 230 43.84 42.81 3.12
C CYS I 230 44.13 43.67 1.89
N ASP I 231 45.23 44.42 1.93
CA ASP I 231 45.40 45.57 1.04
C ASP I 231 46.40 45.38 -0.10
N GLY I 232 46.63 44.13 -0.49
CA GLY I 232 47.52 43.84 -1.60
C GLY I 232 48.85 44.60 -1.53
N GLN I 233 49.19 45.26 -2.64
CA GLN I 233 50.46 45.98 -2.76
C GLN I 233 50.58 47.16 -1.80
N ALA I 234 49.45 47.78 -1.49
CA ALA I 234 49.46 48.88 -0.53
C ALA I 234 49.89 48.33 0.83
N GLY I 235 49.43 47.12 1.14
CA GLY I 235 49.86 46.42 2.34
C GLY I 235 51.32 46.05 2.33
N LEU I 236 51.78 45.56 1.20
CA LEU I 236 53.20 45.28 1.01
C LEU I 236 54.04 46.54 1.21
N GLN I 237 53.54 47.65 0.69
CA GLN I 237 54.25 48.91 0.85
C GLN I 237 54.48 49.25 2.33
N GLU I 238 53.46 49.04 3.15
CA GLU I 238 53.57 49.33 4.57
C GLU I 238 54.52 48.36 5.27
N LEU I 239 54.37 47.07 4.95
CA LEU I 239 55.18 46.05 5.58
C LEU I 239 56.63 46.12 5.13
N ALA I 240 56.85 46.18 3.81
CA ALA I 240 58.20 46.33 3.27
C ALA I 240 58.81 47.64 3.71
N GLY I 241 57.99 48.67 3.83
CA GLY I 241 58.44 49.97 4.28
C GLY I 241 59.05 49.88 5.66
N ASN I 242 58.45 49.07 6.54
CA ASN I 242 59.01 48.87 7.87
C ASN I 242 60.31 48.05 7.82
N ALA I 243 60.38 47.09 6.89
CA ALA I 243 61.62 46.35 6.68
C ALA I 243 62.74 47.30 6.28
N THR I 244 62.40 48.23 5.40
CA THR I 244 63.35 49.26 4.96
C THR I 244 63.79 50.11 6.17
N LEU I 245 62.80 50.56 6.94
CA LEU I 245 63.06 51.31 8.16
C LEU I 245 64.11 50.61 9.03
N LEU I 246 63.86 49.34 9.31
CA LEU I 246 64.74 48.53 10.14
C LEU I 246 66.11 48.33 9.48
N TYR I 247 66.10 48.14 8.16
CA TYR I 247 67.35 47.95 7.43
C TYR I 247 68.21 49.22 7.52
N TYR I 248 67.57 50.37 7.56
CA TYR I 248 68.29 51.65 7.71
C TYR I 248 68.90 51.81 9.10
N MET I 249 68.74 50.81 9.96
CA MET I 249 69.34 50.85 11.31
C MET I 249 70.50 49.88 11.43
N THR I 250 70.87 49.26 10.32
CA THR I 250 71.93 48.25 10.36
C THR I 250 73.25 48.83 9.89
N GLU I 251 74.35 48.23 10.35
CA GLU I 251 75.67 48.59 9.88
C GLU I 251 75.83 48.18 8.42
N GLU I 252 75.32 46.99 8.10
CA GLU I 252 75.39 46.49 6.73
C GLU I 252 74.80 47.52 5.77
N GLY I 253 73.63 48.03 6.13
CA GLY I 253 72.96 49.01 5.29
C GLY I 253 73.77 50.29 5.15
N SER I 254 74.35 50.72 6.27
CA SER I 254 75.09 51.97 6.32
C SER I 254 76.32 52.00 5.41
N GLU I 255 76.97 50.86 5.24
CA GLU I 255 78.15 50.76 4.39
C GLU I 255 77.81 51.21 2.96
N GLY I 256 76.59 50.89 2.50
CA GLY I 256 76.15 51.29 1.18
C GLY I 256 76.07 52.81 1.07
N LYS I 257 75.52 53.45 2.10
CA LYS I 257 75.43 54.91 2.14
C LYS I 257 76.81 55.57 2.14
N GLN I 258 77.64 55.14 3.09
CA GLN I 258 78.98 55.69 3.29
C GLN I 258 79.84 55.56 2.04
N ALA I 259 79.84 54.36 1.45
CA ALA I 259 80.61 54.14 0.24
C ALA I 259 80.25 55.15 -0.84
N PHE I 260 78.95 55.37 -1.03
CA PHE I 260 78.49 56.32 -2.03
C PHE I 260 78.97 57.75 -1.73
N LEU I 261 78.79 58.17 -0.48
CA LEU I 261 79.19 59.51 -0.08
C LEU I 261 80.70 59.70 -0.24
N GLU I 262 81.46 58.63 0.00
CA GLU I 262 82.92 58.68 -0.10
C GLU I 262 83.37 58.37 -1.52
N LYS I 263 82.41 58.28 -2.43
CA LYS I 263 82.70 58.03 -3.84
C LYS I 263 83.60 56.81 -4.03
N ARG I 264 83.32 55.74 -3.27
CA ARG I 264 84.07 54.51 -3.39
C ARG I 264 83.08 53.37 -3.49
N PRO I 265 83.53 52.24 -4.05
CA PRO I 265 82.70 51.03 -4.05
C PRO I 265 82.52 50.49 -2.63
N PRO I 266 81.31 50.01 -2.31
CA PRO I 266 80.97 49.41 -1.01
C PRO I 266 81.64 48.05 -0.80
N ASP I 267 81.85 47.66 0.46
CA ASP I 267 82.42 46.35 0.77
C ASP I 267 81.53 45.56 1.72
N PHE I 268 80.71 44.69 1.15
CA PHE I 268 79.80 43.88 1.95
C PHE I 268 80.41 42.50 2.07
N SER I 269 81.69 42.38 1.73
CA SER I 269 82.33 41.07 1.63
C SER I 269 82.35 40.40 3.01
N GLN I 270 82.33 41.20 4.06
CA GLN I 270 82.35 40.68 5.42
C GLN I 270 80.97 40.15 5.83
N TYR I 271 79.92 40.57 5.14
CA TYR I 271 78.56 40.21 5.53
C TYR I 271 78.11 38.90 4.91
N PRO I 272 77.51 38.02 5.72
CA PRO I 272 77.13 36.66 5.29
C PRO I 272 75.83 36.60 4.47
N TRP I 273 75.71 35.51 3.72
CA TRP I 273 74.46 35.17 3.05
C TRP I 273 73.73 34.14 3.90
N LEU I 274 72.94 34.64 4.86
CA LEU I 274 72.29 33.77 5.84
C LEU I 274 71.21 32.91 5.20
N PRO I 275 70.89 31.79 5.84
CA PRO I 275 69.90 30.85 5.30
C PRO I 275 68.51 31.46 5.32
#